data_8V6H
#
_entry.id   8V6H
#
_cell.length_a   1.00
_cell.length_b   1.00
_cell.length_c   1.00
_cell.angle_alpha   90.00
_cell.angle_beta   90.00
_cell.angle_gamma   90.00
#
_symmetry.space_group_name_H-M   'P 1'
#
loop_
_entity.id
_entity.type
_entity.pdbx_description
1 polymer 'DNA polymerase alpha catalytic subunit'
2 polymer 'DNA polymerase alpha subunit B'
3 polymer 'DNA primase large subunit'
4 polymer 'DNA primase'
5 polymer 'DNA template'
6 polymer 'RNA primer'
7 non-polymer 'ZINC ION'
8 non-polymer "2'-DEOXYGUANOSINE-5'-TRIPHOSPHATE"
9 non-polymer 'MAGNESIUM ION'
10 non-polymer 'IRON/SULFUR CLUSTER'
#
loop_
_entity_poly.entity_id
_entity_poly.type
_entity_poly.pdbx_seq_one_letter_code
_entity_poly.pdbx_strand_id
1 'polypeptide(L)'
;SNAADGSQVFRFYWLDAYEDQYSQPGVVYLFGKVWIESADAYVSCCVSVKNIERTVYLLPRENRVQLSTGKDTGAPVSMM
HVYQEFNEAVAEKYKIMKFKSKKVDKDYAFEIPDVPASSEYLEVRYSADSPQLPQDLKGETFSHVFGTNTSSLELFLLSR
KIKGPSWLEIKSPQLSSQPMSWCKVEAVVTRPDQVSVVKDLAPPPVVVLSLSMKTVQNAKTHQNEIVAIAALVHHTFPLD
KAPPQPPFQTHFCVLSKLNDCIFPYDYNEAVKQKNANIEIALTERTLLGFFLAKIHKIDPDVIVGHDIYGFDLEVLLQRI
NSCKVPFWSKIGRLRRSVMPKLGGRSGFAERNAACGRIICDIEISAKELIRCKSYHLSELVHQILKAERVVIPPENIRNA
YNDSVHLLYMLENTWIDAKFILQIMCELNVLPLALQITNIAGNVMSRTLMGGRSERNEYLLLHAFTENNFIVPDKPVFKK
MQQTTVEDNDDMGTDQNKNKSRKKAAYAGGLVLEPKVGFYDKFILLLDFNSLYPSIIQEYNICFTTVHREAPSTQKGEDQ
DEIPELPHSDLEMGILPREIRKLVERRRHVKQLMKQPDLNPDLYLQYDIRQKALKLTANSMYGCLGFSYSRFYAKPLAAL
VTHQGREILLHTKEMVQKMNLEVIYGDTDSIMINTNCNNLEEVFKLGNRVKSEINKSYKLLEIDIDGIFKSLLLLKKKKY
AALTVEPTGDGKYVTKQELKGLDIVRRDWCELAKQAGNYVISQILSDQPRDSIVENIQKKLTEIGENVTNGTVPITQYEI
NKALTKDPQDYPDKKSLPHVHVALWINSQGGRKVKAGDTISYVICQDGSNLSASQRAYAQEQLQKQENLSIDTQYYLSQQ
VHPVVARICEPIDGIDSALIAMWLGLDPSQFRAHRHYQQDEENDALLGGPSQLTDEEKYRDCERFKFFCPKCGTENIYDN
VFDGSGLQIEPGLKRCSKPECDASPLDYVIQVHNKLLLDIRRYIKKYYSGWLVCEEKTCQNRTRRLPLSFSRNGPICQAC
SKATLRSEYPEKALYTQLCFYRFIFDWDYALEKVVSEQERGHLKKKLFQESENQYKKLKSTVDQVLSRSGYSEVNLSKLF
QTLNTIK
;
A
2 'polypeptide(L)'
;SNAMSVSAKSIAEELKVFDVNFEDEEVPEKMVELCTVHRLKEEDMVNEWMAFSTTRNLPLTVGNLNLLEHEVLNKKSARP
RPSLKKEKHCGNRDFNTIQELIEVETAEENLLDSYATPAKGSQKRNLSTPEHPQSKRILSINRSPHVLFSPTSFSPSATP
SQKYGSRTNRGEVVTTYGELQGTTWNGGSGSNTNVELFTSLDEPLTKMYKFMFQKLMDIREVVSIKIEELGASLKDHFQI
DEFTSVSLPAQETVTVLGQIGCDSNGKLNSKSVILEGDREHSAGMQVPVDLSELKDYSLFPGQVVIMEGTNSTGRRFVPT
KLYEGVPLPFHQPSKEFEECPQQMVITACGPFTTSDTITYDALKDLIDIVNRDRPDICILLGPFLDAKHEQIENLQLTVT
FEDVFKRCLKMIIEGTRPSGCHLVIVPSLRDVHHDPVYPQPPFSCFEPAKEDKERVHFVADPCTLSVNGVVIGMTSTDLL
FHMGAEEISSSAGAPDRFSRILRHILTQRSYYPLYPPNEEINIDYEALYSYTPMPVTPDVFIVPSELRYFIKDVTGCICI
NPGRLTKGLVGGTYARFLVKSGAMGSEGKRSTCISAQVVRV
;
B
3 'polypeptide(L)'
;MLFSRDRKYRHNTRLTGDRKGDLYPSSLQFYQHPPTENISLIEFETFAIERLKLLKAVENLGVSYVKNSEEYSKKLELEL
RKLKFPYRPLHEEISDDVYDLRRKDHISHFILRLAYCQSEDLRRWFIQQEMDLFKFRFGLLTKESVQEFLKLNDLQYVAI
SEDEKNMHKEDLMNSSFGLSLTKMEDTEFYKVPFQAALDLVRPRKVFLWRGFAFIPHKDIVSIVLNDFRAKLSKALALSA
RSLPVVQSDERLQPLLNHLSHSYIGQDFSSQSNTGKISLEQIDGFAAKSFPLCMRQLHKSLRENHHLRHGGRMQYGLFLK
GIGLTLEQALQFWRLEFTKGKVDSEKFDKVYAYSIRHNYGKEGKRTDYTPYSCMKVILSNPPSQGDYHGCPFRHSDPELL
KQKLQSFKVPSSGINQILELVKGMHYQLACQKYFELTHSVDDCGFSLNHPNQYFAESQKLLTGSREIKKEQTARDSPAVT
ASQLSSSSSSASIPKSQSSAPEMEDLEQIFSEY
;
C
4 'polypeptide(L)'
;GPHMDLSVYDPASLPDVLPLYYRRLFPFYQYFRWLNYGGVVKNYFQHREFSFTLKDDVYVRYQSFNNQSELEKEMQKMCP
YKIDIGAVYSHRPSLHNTVKSGTFQAQEKELVFDIDMTDYDDVRRCCSSADICPKCWTLMTIAVRILDRALAEDFGFKHR
LWVYSGRRGVHCWVCDDSARKLSQAERSAVAEYLSVVKGGEETIKKVQLPETIHPFIGKSLKMVERYFEKYALVDQDILE
NKQCWDKVIALVPEVARESLLREFSKARSSVERWDKLSSCLEATGKDFRRYSNIPKEIMLQFCYPRLDVNVSKGLNHLLK
SPFSVHPKTGRISVPIDCKKLDQFDPFSVPTISLICSELDNVSKKEEDEDSAGEGEPEAKKRTRDYKRTSLAPYIKVFEQ
FLDKLDQSRKGELLNKSDLKKEF
;
D
5 'polydeoxyribonucleotide'
;(DT)(DG)(DT)(DA)(DT)(DG)(DT)(DA)(DT)(DG)(DT)(DA)(DT)(DG)(DT)(DC)(DG)(DC)(DT)(DA)
(DA)(DG)(DT)(DT)(DC)(DA)(DC)(DG)(DC)(DA)(DG)(DT)(DA)(DT)(DC)(DC)(DT)(DG)(DT)(DA)
(DT)(DG)(DT)(DA)(DT)(DG)(DT)(DA)(DT)(DG)
;
E
6 'polyribonucleotide' (GTP)GAUACUG(DOC) F
#
loop_
_chem_comp.id
_chem_comp.type
_chem_comp.name
_chem_comp.formula
A RNA linking ADENOSINE-5'-MONOPHOSPHATE 'C10 H14 N5 O7 P'
C RNA linking CYTIDINE-5'-MONOPHOSPHATE 'C9 H14 N3 O8 P'
DA DNA linking 2'-DEOXYADENOSINE-5'-MONOPHOSPHATE 'C10 H14 N5 O6 P'
DC DNA linking 2'-DEOXYCYTIDINE-5'-MONOPHOSPHATE 'C9 H14 N3 O7 P'
DG DNA linking 2'-DEOXYGUANOSINE-5'-MONOPHOSPHATE 'C10 H14 N5 O7 P'
DGT non-polymer 2'-DEOXYGUANOSINE-5'-TRIPHOSPHATE 'C10 H16 N5 O13 P3'
DOC DNA linking 2',3'-DIDEOXYCYTIDINE-5'-MONOPHOSPHATE 'C9 H14 N3 O6 P'
DT DNA linking THYMIDINE-5'-MONOPHOSPHATE 'C10 H15 N2 O8 P'
G RNA linking GUANOSINE-5'-MONOPHOSPHATE 'C10 H14 N5 O8 P'
GTP non-polymer GUANOSINE-5'-TRIPHOSPHATE 'C10 H16 N5 O14 P3'
MG non-polymer 'MAGNESIUM ION' 'Mg 2'
SF4 non-polymer 'IRON/SULFUR CLUSTER' 'Fe4 S4'
U RNA linking URIDINE-5'-MONOPHOSPHATE 'C9 H13 N2 O9 P'
ZN non-polymer 'ZINC ION' 'Zn 2'
#
# COMPACT_ATOMS: atom_id res chain seq x y z
N GLN A 8 -71.13 -11.85 16.49
CA GLN A 8 -71.04 -12.77 15.36
C GLN A 8 -69.91 -12.37 14.42
N VAL A 9 -69.83 -11.07 14.11
CA VAL A 9 -68.77 -10.59 13.23
C VAL A 9 -67.43 -10.85 13.89
N PHE A 10 -66.58 -11.62 13.21
CA PHE A 10 -65.27 -11.99 13.73
C PHE A 10 -64.23 -11.01 13.18
N ARG A 11 -63.67 -10.19 14.06
CA ARG A 11 -62.65 -9.22 13.69
C ARG A 11 -61.31 -9.69 14.23
N PHE A 12 -60.37 -10.00 13.34
CA PHE A 12 -59.09 -10.55 13.76
C PHE A 12 -57.97 -10.03 12.86
N TYR A 13 -56.77 -9.97 13.42
CA TYR A 13 -55.59 -9.48 12.72
C TYR A 13 -54.83 -10.67 12.17
N TRP A 14 -54.61 -10.70 10.86
CA TRP A 14 -54.01 -11.86 10.21
C TRP A 14 -52.53 -11.62 9.94
N LEU A 15 -51.72 -12.64 10.21
CA LEU A 15 -50.27 -12.56 10.13
C LEU A 15 -49.66 -13.49 9.11
N ASP A 16 -50.23 -14.68 8.92
CA ASP A 16 -49.66 -15.67 8.01
C ASP A 16 -50.77 -16.48 7.38
N ALA A 17 -50.49 -17.04 6.20
CA ALA A 17 -51.44 -17.87 5.47
C ALA A 17 -50.71 -19.08 4.91
N TYR A 18 -51.35 -20.25 5.01
CA TYR A 18 -50.77 -21.51 4.58
C TYR A 18 -51.78 -22.29 3.77
N GLU A 19 -51.34 -22.83 2.63
CA GLU A 19 -52.19 -23.65 1.77
C GLU A 19 -51.41 -24.89 1.36
N ASP A 20 -52.15 -25.99 1.19
CA ASP A 20 -51.60 -27.24 0.68
C ASP A 20 -52.34 -27.58 -0.61
N GLN A 21 -51.62 -27.44 -1.74
CA GLN A 21 -52.25 -27.60 -3.05
C GLN A 21 -52.66 -29.03 -3.33
N TYR A 22 -52.08 -30.00 -2.62
CA TYR A 22 -52.30 -31.41 -2.91
C TYR A 22 -53.27 -32.08 -1.94
N SER A 23 -53.24 -31.71 -0.67
CA SER A 23 -54.09 -32.39 0.32
C SER A 23 -55.51 -31.86 0.30
N GLN A 24 -55.68 -30.58 0.61
CA GLN A 24 -57.00 -29.95 0.69
C GLN A 24 -57.14 -28.93 -0.42
N PRO A 25 -57.91 -29.20 -1.48
CA PRO A 25 -58.01 -28.23 -2.58
C PRO A 25 -59.02 -27.13 -2.26
N GLY A 26 -58.59 -25.88 -2.42
CA GLY A 26 -59.47 -24.76 -2.21
C GLY A 26 -59.62 -24.30 -0.77
N VAL A 27 -58.66 -24.65 0.09
CA VAL A 27 -58.69 -24.28 1.50
C VAL A 27 -57.46 -23.45 1.81
N VAL A 28 -57.66 -22.29 2.42
CA VAL A 28 -56.58 -21.42 2.82
C VAL A 28 -56.67 -21.21 4.33
N TYR A 29 -55.57 -21.47 5.03
CA TYR A 29 -55.52 -21.39 6.49
C TYR A 29 -54.84 -20.09 6.89
N LEU A 30 -55.64 -19.08 7.23
CA LEU A 30 -55.11 -17.84 7.79
C LEU A 30 -54.93 -18.00 9.29
N PHE A 31 -53.86 -17.41 9.81
CA PHE A 31 -53.55 -17.44 11.22
C PHE A 31 -53.37 -16.01 11.72
N GLY A 32 -53.61 -15.81 13.02
CA GLY A 32 -53.45 -14.48 13.55
C GLY A 32 -53.88 -14.33 15.00
N LYS A 33 -54.29 -13.12 15.37
CA LYS A 33 -54.64 -12.78 16.73
C LYS A 33 -56.07 -12.26 16.80
N VAL A 34 -56.77 -12.64 17.87
CA VAL A 34 -58.12 -12.17 18.14
C VAL A 34 -58.21 -11.73 19.59
N TRP A 35 -59.11 -10.79 19.87
CA TRP A 35 -59.25 -10.18 21.18
C TRP A 35 -60.32 -10.90 21.98
N ILE A 36 -59.97 -11.29 23.21
CA ILE A 36 -60.89 -11.98 24.11
C ILE A 36 -61.04 -11.13 25.37
N GLU A 37 -62.30 -10.80 25.71
CA GLU A 37 -62.57 -10.01 26.90
C GLU A 37 -62.47 -10.83 28.18
N SER A 38 -62.83 -12.11 28.13
CA SER A 38 -62.78 -12.93 29.34
C SER A 38 -61.37 -12.93 29.93
N ALA A 39 -60.36 -13.16 29.09
CA ALA A 39 -58.97 -13.01 29.50
C ALA A 39 -58.44 -11.61 29.25
N ASP A 40 -59.23 -10.75 28.60
CA ASP A 40 -58.85 -9.36 28.35
C ASP A 40 -57.47 -9.28 27.71
N ALA A 41 -57.27 -10.10 26.68
CA ALA A 41 -55.97 -10.21 26.04
C ALA A 41 -56.15 -10.65 24.59
N TYR A 42 -55.04 -11.03 23.96
CA TYR A 42 -55.01 -11.46 22.57
C TYR A 42 -54.60 -12.92 22.52
N VAL A 43 -55.34 -13.72 21.75
CA VAL A 43 -55.07 -15.15 21.64
C VAL A 43 -54.97 -15.54 20.18
N SER A 44 -54.30 -16.65 19.94
CA SER A 44 -54.07 -17.13 18.58
C SER A 44 -55.36 -17.67 17.98
N CYS A 45 -55.55 -17.41 16.69
CA CYS A 45 -56.75 -17.82 15.98
C CYS A 45 -56.36 -18.37 14.61
N CYS A 46 -57.12 -19.35 14.15
CA CYS A 46 -56.92 -19.99 12.86
C CYS A 46 -58.25 -20.04 12.12
N VAL A 47 -58.33 -19.34 11.00
CA VAL A 47 -59.54 -19.27 10.19
C VAL A 47 -59.28 -20.01 8.89
N SER A 48 -60.19 -20.92 8.54
CA SER A 48 -60.06 -21.75 7.33
C SER A 48 -61.05 -21.25 6.30
N VAL A 49 -60.55 -20.55 5.29
CA VAL A 49 -61.39 -20.13 4.17
C VAL A 49 -61.54 -21.29 3.20
N LYS A 50 -62.77 -21.65 2.90
CA LYS A 50 -63.09 -22.83 2.11
C LYS A 50 -63.78 -22.43 0.82
N ASN A 51 -63.69 -23.31 -0.17
CA ASN A 51 -64.34 -23.15 -1.46
C ASN A 51 -63.88 -21.86 -2.16
N ILE A 52 -62.58 -21.83 -2.45
CA ILE A 52 -61.99 -20.77 -3.28
C ILE A 52 -62.01 -21.31 -4.70
N GLU A 53 -63.10 -21.03 -5.41
CA GLU A 53 -63.32 -21.66 -6.71
C GLU A 53 -62.30 -21.19 -7.73
N ARG A 54 -61.85 -22.13 -8.57
CA ARG A 54 -61.00 -21.80 -9.70
C ARG A 54 -61.73 -20.86 -10.64
N THR A 55 -61.01 -19.85 -11.13
CA THR A 55 -61.52 -18.93 -12.13
C THR A 55 -60.60 -18.95 -13.33
N VAL A 56 -61.17 -19.14 -14.53
CA VAL A 56 -60.42 -19.16 -15.77
C VAL A 56 -61.09 -18.22 -16.76
N TYR A 57 -60.28 -17.67 -17.67
CA TYR A 57 -60.75 -16.72 -18.67
C TYR A 57 -60.50 -17.27 -20.06
N LEU A 58 -61.54 -17.31 -20.88
CA LEU A 58 -61.47 -17.81 -22.24
C LEU A 58 -61.52 -16.63 -23.21
N LEU A 59 -60.61 -16.62 -24.18
CA LEU A 59 -60.52 -15.51 -25.12
C LEU A 59 -61.18 -15.90 -26.43
N PRO A 60 -62.28 -15.24 -26.83
CA PRO A 60 -62.94 -15.64 -28.08
C PRO A 60 -62.09 -15.33 -29.31
N ARG A 61 -62.34 -16.09 -30.37
CA ARG A 61 -61.73 -15.87 -31.66
C ARG A 61 -62.57 -14.89 -32.48
N GLU A 62 -61.93 -14.23 -33.45
CA GLU A 62 -62.64 -13.31 -34.32
C GLU A 62 -63.47 -14.05 -35.37
N ASN A 63 -62.97 -15.20 -35.85
CA ASN A 63 -63.68 -16.01 -36.82
C ASN A 63 -63.59 -17.47 -36.42
N ARG A 64 -64.69 -18.20 -36.58
CA ARG A 64 -64.70 -19.60 -36.21
C ARG A 64 -63.66 -20.37 -37.02
N VAL A 65 -62.94 -21.26 -36.35
CA VAL A 65 -61.91 -22.09 -36.97
C VAL A 65 -62.28 -23.54 -36.71
N GLN A 66 -62.24 -24.35 -37.77
CA GLN A 66 -62.66 -25.74 -37.67
C GLN A 66 -61.60 -26.55 -36.93
N LEU A 67 -61.50 -26.36 -35.63
CA LEU A 67 -60.55 -27.10 -34.79
C LEU A 67 -59.13 -27.02 -35.36
N SER A 68 -58.79 -25.85 -35.89
CA SER A 68 -57.47 -25.58 -36.45
C SER A 68 -57.14 -26.50 -37.62
N THR A 69 -58.16 -27.13 -38.22
CA THR A 69 -57.96 -27.98 -39.39
C THR A 69 -58.29 -27.24 -40.68
N GLY A 70 -59.51 -26.73 -40.80
CA GLY A 70 -59.91 -25.94 -41.95
C GLY A 70 -59.56 -24.48 -41.88
N LYS A 71 -58.91 -24.04 -40.80
CA LYS A 71 -58.49 -22.65 -40.64
C LYS A 71 -59.76 -21.78 -40.61
N ASP A 72 -59.62 -20.51 -40.97
CA ASP A 72 -60.74 -19.57 -40.87
C ASP A 72 -61.93 -20.06 -41.68
N THR A 73 -63.12 -19.99 -41.08
CA THR A 73 -64.36 -20.36 -41.74
C THR A 73 -65.25 -19.19 -42.08
N GLY A 74 -65.10 -18.06 -41.38
CA GLY A 74 -65.86 -16.85 -41.68
C GLY A 74 -67.04 -16.60 -40.77
N ALA A 75 -67.38 -17.54 -39.90
CA ALA A 75 -68.53 -17.36 -39.02
C ALA A 75 -68.16 -16.49 -37.84
N PRO A 76 -68.82 -15.34 -37.62
CA PRO A 76 -68.53 -14.54 -36.43
C PRO A 76 -68.84 -15.30 -35.16
N VAL A 77 -68.08 -15.01 -34.11
CA VAL A 77 -68.18 -15.69 -32.83
C VAL A 77 -68.64 -14.68 -31.78
N SER A 78 -69.64 -15.07 -31.00
CA SER A 78 -70.13 -14.29 -29.88
C SER A 78 -69.93 -15.09 -28.60
N MET A 79 -70.17 -14.43 -27.46
CA MET A 79 -69.96 -15.10 -26.18
C MET A 79 -70.83 -16.33 -26.04
N MET A 80 -72.01 -16.32 -26.66
CA MET A 80 -72.88 -17.49 -26.62
C MET A 80 -72.20 -18.70 -27.26
N HIS A 81 -71.51 -18.49 -28.37
CA HIS A 81 -70.80 -19.58 -29.02
C HIS A 81 -69.72 -20.17 -28.11
N VAL A 82 -68.97 -19.30 -27.43
CA VAL A 82 -67.91 -19.79 -26.55
C VAL A 82 -68.51 -20.56 -25.39
N TYR A 83 -69.59 -20.04 -24.80
CA TYR A 83 -70.23 -20.74 -23.69
C TYR A 83 -70.75 -22.10 -24.14
N GLN A 84 -71.38 -22.16 -25.32
CA GLN A 84 -71.91 -23.42 -25.81
C GLN A 84 -70.78 -24.42 -26.05
N GLU A 85 -69.67 -23.96 -26.65
CA GLU A 85 -68.55 -24.86 -26.89
C GLU A 85 -67.99 -25.39 -25.57
N PHE A 86 -67.87 -24.53 -24.55
CA PHE A 86 -67.36 -25.00 -23.27
C PHE A 86 -68.34 -25.98 -22.62
N ASN A 87 -69.63 -25.71 -22.72
CA ASN A 87 -70.62 -26.56 -22.06
C ASN A 87 -70.74 -27.92 -22.73
N GLU A 88 -70.56 -27.97 -24.04
CA GLU A 88 -70.77 -29.21 -24.78
C GLU A 88 -69.51 -30.09 -24.83
N ALA A 89 -68.40 -29.53 -25.29
CA ALA A 89 -67.20 -30.32 -25.56
C ALA A 89 -66.24 -30.35 -24.37
N VAL A 90 -65.76 -29.17 -23.95
CA VAL A 90 -64.69 -29.11 -22.97
C VAL A 90 -65.13 -29.71 -21.65
N ALA A 91 -66.31 -29.34 -21.17
CA ALA A 91 -66.77 -29.76 -19.85
C ALA A 91 -66.84 -31.28 -19.77
N GLU A 92 -67.48 -31.90 -20.76
CA GLU A 92 -67.58 -33.37 -20.77
C GLU A 92 -66.20 -34.01 -20.90
N LYS A 93 -65.35 -33.44 -21.77
CA LYS A 93 -64.05 -34.06 -22.01
C LYS A 93 -63.19 -34.08 -20.75
N TYR A 94 -63.19 -32.99 -19.99
CA TYR A 94 -62.31 -32.86 -18.85
C TYR A 94 -63.00 -33.16 -17.52
N LYS A 95 -64.21 -33.69 -17.54
CA LYS A 95 -64.91 -34.12 -16.33
C LYS A 95 -65.08 -32.94 -15.36
N ILE A 96 -65.83 -31.95 -15.81
CA ILE A 96 -66.26 -30.83 -14.97
C ILE A 96 -67.77 -30.91 -14.85
N MET A 97 -68.27 -31.03 -13.62
CA MET A 97 -69.69 -31.27 -13.42
C MET A 97 -70.48 -29.97 -13.40
N LYS A 98 -70.16 -29.06 -12.49
CA LYS A 98 -70.92 -27.85 -12.27
C LYS A 98 -70.00 -26.63 -12.35
N PHE A 99 -70.47 -25.58 -13.03
CA PHE A 99 -69.70 -24.36 -13.15
C PHE A 99 -70.65 -23.20 -13.43
N LYS A 100 -70.16 -21.99 -13.16
CA LYS A 100 -70.91 -20.76 -13.42
C LYS A 100 -70.08 -19.86 -14.31
N SER A 101 -70.69 -19.39 -15.40
CA SER A 101 -69.99 -18.63 -16.43
C SER A 101 -70.64 -17.28 -16.63
N LYS A 102 -69.81 -16.27 -16.88
CA LYS A 102 -70.29 -14.92 -17.19
C LYS A 102 -69.33 -14.30 -18.21
N LYS A 103 -69.63 -13.05 -18.59
CA LYS A 103 -68.82 -12.30 -19.54
C LYS A 103 -68.19 -11.11 -18.84
N VAL A 104 -66.92 -10.86 -19.12
CA VAL A 104 -66.20 -9.74 -18.50
C VAL A 104 -65.32 -9.08 -19.54
N ASP A 105 -65.34 -7.75 -19.59
CA ASP A 105 -64.48 -6.97 -20.48
C ASP A 105 -63.19 -6.65 -19.75
N LYS A 106 -62.07 -7.19 -20.24
CA LYS A 106 -60.80 -7.08 -19.55
C LYS A 106 -59.71 -6.63 -20.50
N ASP A 107 -58.75 -5.89 -19.95
CA ASP A 107 -57.60 -5.41 -20.69
C ASP A 107 -56.42 -6.37 -20.53
N TYR A 108 -55.42 -6.20 -21.39
CA TYR A 108 -54.27 -7.10 -21.38
C TYR A 108 -53.11 -6.53 -22.19
N ALA A 109 -51.92 -6.50 -21.59
CA ALA A 109 -50.71 -6.08 -22.31
C ALA A 109 -49.53 -6.82 -21.70
N PHE A 110 -49.16 -7.94 -22.30
CA PHE A 110 -48.05 -8.76 -21.81
C PHE A 110 -47.46 -9.50 -23.00
N GLU A 111 -46.71 -10.57 -22.73
CA GLU A 111 -45.83 -11.18 -23.72
C GLU A 111 -46.43 -12.41 -24.39
N ILE A 112 -47.74 -12.43 -24.62
CA ILE A 112 -48.40 -13.47 -25.39
C ILE A 112 -48.96 -12.82 -26.65
N PRO A 113 -48.54 -13.23 -27.85
CA PRO A 113 -48.99 -12.54 -29.06
C PRO A 113 -50.40 -12.95 -29.45
N ASP A 114 -51.02 -12.09 -30.26
CA ASP A 114 -52.36 -12.26 -30.81
C ASP A 114 -53.45 -11.99 -29.77
N VAL A 115 -53.10 -11.49 -28.59
CA VAL A 115 -54.06 -11.16 -27.54
C VAL A 115 -54.29 -9.65 -27.58
N PRO A 116 -55.49 -9.18 -27.89
CA PRO A 116 -55.70 -7.74 -28.04
C PRO A 116 -55.61 -7.01 -26.71
N ALA A 117 -55.58 -5.68 -26.81
CA ALA A 117 -55.45 -4.84 -25.62
C ALA A 117 -56.64 -5.03 -24.69
N SER A 118 -57.86 -4.88 -25.23
CA SER A 118 -59.08 -4.97 -24.45
C SER A 118 -60.06 -5.86 -25.17
N SER A 119 -60.48 -6.95 -24.52
CA SER A 119 -61.33 -7.94 -25.15
C SER A 119 -62.37 -8.44 -24.17
N GLU A 120 -63.43 -9.04 -24.72
CA GLU A 120 -64.53 -9.58 -23.94
C GLU A 120 -64.27 -11.05 -23.67
N TYR A 121 -63.73 -11.36 -22.50
CA TYR A 121 -63.43 -12.72 -22.12
C TYR A 121 -64.65 -13.37 -21.47
N LEU A 122 -64.66 -14.70 -21.48
CA LEU A 122 -65.68 -15.47 -20.79
C LEU A 122 -65.05 -16.04 -19.52
N GLU A 123 -65.59 -15.65 -18.37
CA GLU A 123 -65.06 -16.05 -17.07
C GLU A 123 -65.84 -17.26 -16.55
N VAL A 124 -65.14 -18.35 -16.31
CA VAL A 124 -65.73 -19.59 -15.81
C VAL A 124 -65.21 -19.80 -14.38
N ARG A 125 -66.14 -20.02 -13.46
CA ARG A 125 -65.83 -20.27 -12.05
C ARG A 125 -66.34 -21.65 -11.71
N TYR A 126 -65.45 -22.53 -11.25
CA TYR A 126 -65.83 -23.88 -10.91
C TYR A 126 -64.93 -24.39 -9.79
N SER A 127 -65.48 -25.31 -8.99
CA SER A 127 -64.83 -25.75 -7.76
C SER A 127 -63.40 -26.23 -8.01
N ALA A 128 -62.59 -26.26 -6.96
CA ALA A 128 -61.21 -26.67 -7.08
C ALA A 128 -61.03 -28.18 -6.99
N ASP A 129 -62.10 -28.92 -6.67
CA ASP A 129 -62.00 -30.38 -6.62
C ASP A 129 -61.97 -30.99 -8.02
N SER A 130 -62.54 -30.31 -8.99
CA SER A 130 -62.55 -30.82 -10.35
C SER A 130 -61.15 -30.76 -10.96
N PRO A 131 -60.90 -31.52 -12.02
CA PRO A 131 -59.58 -31.48 -12.66
C PRO A 131 -59.25 -30.08 -13.16
N GLN A 132 -58.00 -29.92 -13.61
CA GLN A 132 -57.46 -28.64 -14.03
C GLN A 132 -57.26 -28.64 -15.54
N LEU A 133 -57.81 -27.63 -16.21
CA LEU A 133 -57.71 -27.56 -17.66
C LEU A 133 -56.27 -27.32 -18.09
N PRO A 134 -55.86 -27.80 -19.26
CA PRO A 134 -54.49 -27.55 -19.72
C PRO A 134 -54.30 -26.11 -20.13
N GLN A 135 -53.03 -25.66 -20.04
CA GLN A 135 -52.71 -24.28 -20.38
C GLN A 135 -52.94 -23.99 -21.85
N ASP A 136 -52.55 -24.91 -22.73
CA ASP A 136 -52.62 -24.70 -24.17
C ASP A 136 -53.94 -25.16 -24.77
N LEU A 137 -54.95 -25.41 -23.94
CA LEU A 137 -56.23 -25.86 -24.44
C LEU A 137 -56.81 -24.86 -25.44
N LYS A 138 -56.98 -25.31 -26.68
CA LYS A 138 -57.56 -24.50 -27.75
C LYS A 138 -58.73 -25.27 -28.35
N GLY A 139 -59.86 -24.58 -28.50
CA GLY A 139 -61.04 -25.21 -29.05
C GLY A 139 -61.34 -24.75 -30.46
N GLU A 140 -62.60 -24.37 -30.71
CA GLU A 140 -63.03 -23.87 -32.01
C GLU A 140 -63.52 -22.44 -31.97
N THR A 141 -63.85 -21.90 -30.80
CA THR A 141 -64.30 -20.53 -30.67
C THR A 141 -63.39 -19.68 -29.78
N PHE A 142 -62.60 -20.29 -28.91
CA PHE A 142 -61.67 -19.58 -28.04
C PHE A 142 -60.23 -19.94 -28.41
N SER A 143 -59.35 -18.94 -28.36
CA SER A 143 -57.97 -19.12 -28.78
C SER A 143 -57.00 -19.26 -27.62
N HIS A 144 -57.42 -18.98 -26.39
CA HIS A 144 -56.50 -19.08 -25.26
C HIS A 144 -57.29 -19.09 -23.95
N VAL A 145 -56.71 -19.75 -22.96
CA VAL A 145 -57.27 -19.87 -21.62
C VAL A 145 -56.25 -19.35 -20.62
N PHE A 146 -56.68 -18.43 -19.76
CA PHE A 146 -55.84 -17.81 -18.75
C PHE A 146 -56.30 -18.22 -17.36
N GLY A 147 -55.34 -18.39 -16.45
CA GLY A 147 -55.65 -18.69 -15.07
C GLY A 147 -55.85 -20.14 -14.75
N THR A 148 -55.33 -21.05 -15.58
CA THR A 148 -55.56 -22.47 -15.34
C THR A 148 -54.86 -22.94 -14.06
N ASN A 149 -53.65 -22.47 -13.82
CA ASN A 149 -52.83 -22.96 -12.71
C ASN A 149 -52.68 -21.93 -11.59
N THR A 150 -53.56 -20.93 -11.53
CA THR A 150 -53.51 -19.96 -10.46
C THR A 150 -53.72 -20.64 -9.12
N SER A 151 -52.92 -20.26 -8.13
CA SER A 151 -53.01 -20.87 -6.81
C SER A 151 -54.22 -20.36 -6.07
N SER A 152 -54.58 -21.07 -5.00
CA SER A 152 -55.75 -20.68 -4.21
C SER A 152 -55.45 -19.42 -3.39
N LEU A 153 -54.28 -19.35 -2.76
CA LEU A 153 -53.97 -18.19 -1.94
C LEU A 153 -53.90 -16.93 -2.79
N GLU A 154 -53.31 -17.02 -3.97
CA GLU A 154 -53.25 -15.86 -4.85
C GLU A 154 -54.64 -15.39 -5.22
N LEU A 155 -55.53 -16.33 -5.57
CA LEU A 155 -56.90 -15.95 -5.91
C LEU A 155 -57.58 -15.26 -4.75
N PHE A 156 -57.45 -15.84 -3.55
CA PHE A 156 -58.08 -15.23 -2.37
C PHE A 156 -57.58 -13.81 -2.16
N LEU A 157 -56.25 -13.64 -2.11
CA LEU A 157 -55.69 -12.34 -1.78
C LEU A 157 -56.04 -11.30 -2.84
N LEU A 158 -55.98 -11.67 -4.11
CA LEU A 158 -56.25 -10.71 -5.17
C LEU A 158 -57.74 -10.38 -5.25
N SER A 159 -58.61 -11.37 -5.12
CA SER A 159 -60.04 -11.11 -5.19
C SER A 159 -60.51 -10.25 -4.03
N ARG A 160 -60.02 -10.53 -2.81
CA ARG A 160 -60.46 -9.79 -1.64
C ARG A 160 -59.63 -8.55 -1.36
N LYS A 161 -58.70 -8.22 -2.26
CA LYS A 161 -57.91 -6.99 -2.14
C LYS A 161 -57.22 -6.92 -0.78
N ILE A 162 -56.66 -8.04 -0.35
CA ILE A 162 -55.91 -8.11 0.90
C ILE A 162 -54.44 -7.89 0.60
N LYS A 163 -53.82 -6.94 1.28
CA LYS A 163 -52.42 -6.59 1.07
C LYS A 163 -51.72 -6.59 2.43
N GLY A 164 -50.94 -7.64 2.68
CA GLY A 164 -50.14 -7.72 3.88
C GLY A 164 -50.97 -7.94 5.12
N PRO A 165 -50.31 -8.08 6.27
CA PRO A 165 -51.05 -8.25 7.53
C PRO A 165 -51.96 -7.07 7.77
N SER A 166 -53.15 -7.35 8.29
CA SER A 166 -54.15 -6.32 8.50
C SER A 166 -55.32 -6.91 9.29
N TRP A 167 -56.32 -6.08 9.53
CA TRP A 167 -57.52 -6.47 10.25
C TRP A 167 -58.57 -6.92 9.26
N LEU A 168 -59.12 -8.12 9.47
CA LEU A 168 -60.15 -8.68 8.63
C LEU A 168 -61.41 -8.95 9.44
N GLU A 169 -62.56 -8.66 8.82
CA GLU A 169 -63.87 -8.94 9.39
C GLU A 169 -64.51 -10.08 8.62
N ILE A 170 -65.08 -11.03 9.36
CA ILE A 170 -65.76 -12.19 8.80
C ILE A 170 -67.21 -12.13 9.25
N LYS A 171 -68.14 -12.26 8.29
CA LYS A 171 -69.56 -12.26 8.56
C LYS A 171 -70.06 -13.70 8.65
N SER A 172 -70.77 -14.01 9.72
CA SER A 172 -71.38 -15.32 9.92
C SER A 172 -70.31 -16.41 9.92
N PRO A 173 -69.40 -16.41 10.88
CA PRO A 173 -68.45 -17.52 10.99
C PRO A 173 -69.12 -18.77 11.52
N GLN A 174 -68.47 -19.91 11.28
CA GLN A 174 -68.97 -21.20 11.74
C GLN A 174 -67.88 -21.90 12.54
N LEU A 175 -68.30 -22.72 13.49
CA LEU A 175 -67.38 -23.47 14.32
C LEU A 175 -66.79 -24.63 13.53
N SER A 176 -66.01 -25.46 14.20
CA SER A 176 -65.34 -26.60 13.59
C SER A 176 -65.89 -27.89 14.17
N SER A 177 -66.22 -28.85 13.30
CA SER A 177 -66.74 -30.12 13.77
C SER A 177 -65.73 -30.83 14.65
N GLN A 178 -64.46 -30.83 14.24
CA GLN A 178 -63.37 -31.39 15.01
C GLN A 178 -62.23 -30.39 15.04
N PRO A 179 -61.36 -30.45 16.04
CA PRO A 179 -60.22 -29.52 16.09
C PRO A 179 -59.35 -29.67 14.85
N MET A 180 -58.88 -28.53 14.33
CA MET A 180 -58.04 -28.50 13.15
C MET A 180 -56.74 -27.73 13.35
N SER A 181 -56.52 -27.11 14.50
CA SER A 181 -55.32 -26.33 14.73
C SER A 181 -54.99 -26.37 16.22
N TRP A 182 -53.76 -25.97 16.53
CA TRP A 182 -53.29 -25.92 17.90
C TRP A 182 -53.58 -24.57 18.57
N CYS A 183 -54.27 -23.67 17.89
CA CYS A 183 -54.58 -22.36 18.45
C CYS A 183 -55.68 -22.49 19.50
N LYS A 184 -56.12 -21.35 20.01
CA LYS A 184 -57.13 -21.30 21.05
C LYS A 184 -58.52 -20.94 20.53
N VAL A 185 -58.61 -20.30 19.36
CA VAL A 185 -59.88 -19.94 18.74
C VAL A 185 -59.83 -20.38 17.29
N GLU A 186 -60.94 -20.94 16.81
CA GLU A 186 -61.04 -21.41 15.43
C GLU A 186 -62.35 -20.95 14.81
N ALA A 187 -62.33 -20.80 13.49
CA ALA A 187 -63.53 -20.43 12.74
C ALA A 187 -63.38 -20.95 11.33
N VAL A 188 -64.52 -21.11 10.66
CA VAL A 188 -64.57 -21.60 9.29
C VAL A 188 -65.44 -20.68 8.47
N VAL A 189 -64.93 -20.23 7.32
CA VAL A 189 -65.68 -19.40 6.39
C VAL A 189 -66.01 -20.26 5.18
N THR A 190 -67.30 -20.36 4.86
CA THR A 190 -67.74 -21.23 3.78
C THR A 190 -67.61 -20.57 2.41
N ARG A 191 -67.35 -19.27 2.34
CA ARG A 191 -67.15 -18.56 1.10
C ARG A 191 -66.03 -17.56 1.29
N PRO A 192 -65.38 -17.14 0.21
CA PRO A 192 -64.36 -16.08 0.32
C PRO A 192 -64.95 -14.69 0.38
N ASP A 193 -66.19 -14.50 -0.10
CA ASP A 193 -66.82 -13.19 -0.08
C ASP A 193 -67.17 -12.72 1.32
N GLN A 194 -67.11 -13.60 2.32
CA GLN A 194 -67.45 -13.24 3.69
C GLN A 194 -66.31 -12.54 4.42
N VAL A 195 -65.10 -12.54 3.86
CA VAL A 195 -63.94 -11.92 4.48
C VAL A 195 -63.71 -10.57 3.82
N SER A 196 -63.55 -9.53 4.64
CA SER A 196 -63.26 -8.19 4.14
C SER A 196 -62.18 -7.57 5.00
N VAL A 197 -61.55 -6.52 4.47
CA VAL A 197 -60.46 -5.83 5.16
C VAL A 197 -60.99 -4.53 5.74
N VAL A 198 -60.65 -4.26 7.00
CA VAL A 198 -61.05 -3.03 7.69
C VAL A 198 -59.79 -2.21 7.92
N LYS A 199 -59.81 -0.97 7.44
CA LYS A 199 -58.62 -0.13 7.45
C LYS A 199 -58.60 0.75 8.70
N ASP A 200 -57.45 1.41 8.90
CA ASP A 200 -57.28 2.40 9.97
C ASP A 200 -57.51 1.76 11.35
N LEU A 201 -56.63 0.81 11.68
CA LEU A 201 -56.58 0.26 13.02
C LEU A 201 -55.14 -0.12 13.35
N ALA A 202 -54.80 -0.05 14.63
CA ALA A 202 -53.44 -0.30 15.05
C ALA A 202 -53.13 -1.79 15.05
N PRO A 203 -51.89 -2.17 14.72
CA PRO A 203 -51.52 -3.58 14.84
C PRO A 203 -51.54 -4.02 16.30
N PRO A 204 -51.84 -5.29 16.56
CA PRO A 204 -51.82 -5.77 17.93
C PRO A 204 -50.45 -6.31 18.31
N PRO A 205 -50.17 -6.46 19.60
CA PRO A 205 -48.91 -7.10 19.99
C PRO A 205 -48.87 -8.55 19.58
N VAL A 206 -47.66 -9.04 19.32
CA VAL A 206 -47.44 -10.40 18.85
C VAL A 206 -46.34 -11.04 19.70
N VAL A 207 -46.57 -12.27 20.13
CA VAL A 207 -45.57 -12.98 20.93
C VAL A 207 -44.36 -13.30 20.06
N VAL A 208 -43.19 -13.32 20.69
CA VAL A 208 -41.94 -13.59 19.99
C VAL A 208 -41.10 -14.52 20.86
N LEU A 209 -40.49 -15.52 20.23
CA LEU A 209 -39.65 -16.50 20.91
C LEU A 209 -38.34 -16.61 20.17
N SER A 210 -37.24 -16.26 20.85
CA SER A 210 -35.90 -16.37 20.30
C SER A 210 -35.26 -17.61 20.88
N LEU A 211 -34.84 -18.53 20.02
CA LEU A 211 -34.36 -19.83 20.48
C LEU A 211 -32.94 -20.09 20.01
N SER A 212 -32.14 -20.70 20.89
CA SER A 212 -30.77 -21.09 20.58
C SER A 212 -30.55 -22.52 21.04
N MET A 213 -29.97 -23.33 20.17
CA MET A 213 -29.73 -24.74 20.44
C MET A 213 -28.24 -25.02 20.47
N LYS A 214 -27.87 -25.98 21.32
CA LYS A 214 -26.49 -26.47 21.40
C LYS A 214 -26.53 -27.99 21.27
N THR A 215 -25.81 -28.51 20.29
CA THR A 215 -25.89 -29.91 19.88
C THR A 215 -24.50 -30.54 19.91
N VAL A 216 -24.45 -31.81 19.53
CA VAL A 216 -23.20 -32.58 19.49
C VAL A 216 -23.34 -33.61 18.37
N GLN A 217 -22.25 -33.80 17.62
CA GLN A 217 -22.25 -34.71 16.48
C GLN A 217 -21.80 -36.09 16.94
N ASN A 218 -22.74 -37.03 16.96
CA ASN A 218 -22.42 -38.43 17.26
C ASN A 218 -21.78 -39.03 16.02
N ALA A 219 -20.50 -39.39 16.12
CA ALA A 219 -19.74 -39.78 14.93
C ALA A 219 -20.34 -41.00 14.26
N LYS A 220 -20.76 -42.00 15.05
CA LYS A 220 -21.23 -43.26 14.46
C LYS A 220 -22.35 -43.00 13.46
N THR A 221 -23.37 -42.23 13.85
CA THR A 221 -24.47 -41.92 12.96
C THR A 221 -24.24 -40.66 12.14
N HIS A 222 -23.17 -39.91 12.41
CA HIS A 222 -22.90 -38.65 11.72
C HIS A 222 -24.11 -37.72 11.77
N GLN A 223 -24.95 -37.90 12.80
CA GLN A 223 -26.16 -37.11 12.98
C GLN A 223 -26.01 -36.22 14.21
N ASN A 224 -26.53 -35.00 14.12
CA ASN A 224 -26.40 -34.03 15.20
C ASN A 224 -27.46 -34.30 16.26
N GLU A 225 -27.01 -34.39 17.51
CA GLU A 225 -27.88 -34.67 18.65
C GLU A 225 -27.99 -33.43 19.53
N ILE A 226 -29.21 -33.09 19.92
CA ILE A 226 -29.47 -31.91 20.73
C ILE A 226 -29.16 -32.23 22.19
N VAL A 227 -28.42 -31.33 22.84
CA VAL A 227 -28.13 -31.47 24.26
C VAL A 227 -28.63 -30.30 25.09
N ALA A 228 -28.80 -29.10 24.51
CA ALA A 228 -29.34 -27.99 25.28
C ALA A 228 -30.16 -27.09 24.37
N ILE A 229 -31.23 -26.53 24.91
CA ILE A 229 -32.02 -25.52 24.22
C ILE A 229 -32.37 -24.41 25.20
N ALA A 230 -32.33 -23.17 24.72
CA ALA A 230 -32.71 -22.01 25.52
C ALA A 230 -33.63 -21.14 24.68
N ALA A 231 -34.60 -20.50 25.34
CA ALA A 231 -35.55 -19.66 24.64
C ALA A 231 -35.91 -18.46 25.50
N LEU A 232 -36.01 -17.30 24.85
CA LEU A 232 -36.48 -16.06 25.47
C LEU A 232 -37.80 -15.67 24.81
N VAL A 233 -38.79 -15.34 25.62
CA VAL A 233 -40.16 -15.12 25.15
C VAL A 233 -40.64 -13.76 25.61
N HIS A 234 -41.22 -13.01 24.69
CA HIS A 234 -41.89 -11.74 24.97
C HIS A 234 -43.33 -11.85 24.48
N HIS A 235 -44.28 -11.49 25.36
CA HIS A 235 -45.69 -11.67 25.07
C HIS A 235 -46.37 -10.43 24.51
N THR A 236 -45.68 -9.29 24.44
CA THR A 236 -46.29 -8.05 23.96
C THR A 236 -45.31 -7.29 23.07
N PHE A 237 -44.65 -8.00 22.16
CA PHE A 237 -43.73 -7.33 21.24
C PHE A 237 -44.51 -6.52 20.22
N PRO A 238 -44.23 -5.23 20.07
CA PRO A 238 -45.00 -4.41 19.14
C PRO A 238 -44.52 -4.54 17.70
N LEU A 239 -45.43 -4.25 16.77
CA LEU A 239 -45.13 -4.27 15.35
C LEU A 239 -45.09 -2.88 14.72
N ASP A 240 -45.35 -1.83 15.51
CA ASP A 240 -45.34 -0.48 14.97
C ASP A 240 -44.65 0.51 15.90
N LYS A 241 -44.04 0.06 16.99
CA LYS A 241 -43.36 0.93 17.93
C LYS A 241 -41.94 0.40 18.15
N ALA A 242 -41.16 1.14 18.92
CA ALA A 242 -39.79 0.75 19.18
C ALA A 242 -39.75 -0.53 20.01
N PRO A 243 -38.66 -1.28 19.94
CA PRO A 243 -38.59 -2.53 20.69
C PRO A 243 -38.74 -2.27 22.18
N PRO A 244 -39.32 -3.22 22.92
CA PRO A 244 -39.46 -3.02 24.36
C PRO A 244 -38.16 -3.28 25.09
N GLN A 245 -37.90 -2.47 26.12
CA GLN A 245 -36.71 -2.59 26.93
C GLN A 245 -37.09 -3.14 28.30
N PRO A 246 -36.64 -4.35 28.69
CA PRO A 246 -35.75 -5.25 27.96
C PRO A 246 -36.47 -5.99 26.83
N PRO A 247 -35.71 -6.62 25.93
CA PRO A 247 -36.32 -7.28 24.78
C PRO A 247 -36.94 -8.63 25.08
N PHE A 248 -36.84 -9.12 26.31
CA PHE A 248 -37.39 -10.42 26.68
C PHE A 248 -38.06 -10.32 28.04
N GLN A 249 -39.20 -10.99 28.17
CA GLN A 249 -39.97 -11.00 29.42
C GLN A 249 -39.66 -12.25 30.25
N THR A 250 -39.84 -13.43 29.67
CA THR A 250 -39.58 -14.68 30.37
C THR A 250 -38.61 -15.53 29.56
N HIS A 251 -38.19 -16.64 30.16
CA HIS A 251 -37.22 -17.52 29.51
C HIS A 251 -37.45 -18.95 30.00
N PHE A 252 -36.99 -19.89 29.19
CA PHE A 252 -37.01 -21.30 29.58
C PHE A 252 -35.85 -22.03 28.94
N CYS A 253 -35.19 -22.87 29.74
CA CYS A 253 -34.01 -23.61 29.31
C CYS A 253 -34.19 -25.09 29.64
N VAL A 254 -33.79 -25.94 28.71
CA VAL A 254 -33.88 -27.39 28.87
C VAL A 254 -32.53 -28.00 28.53
N LEU A 255 -32.10 -28.94 29.37
CA LEU A 255 -30.79 -29.57 29.25
C LEU A 255 -30.95 -31.08 29.36
N SER A 256 -30.37 -31.82 28.40
CA SER A 256 -30.49 -33.26 28.36
C SER A 256 -29.12 -33.92 28.42
N LYS A 257 -29.03 -34.98 29.22
CA LYS A 257 -27.82 -35.78 29.28
C LYS A 257 -27.60 -36.50 27.94
N LEU A 258 -26.34 -36.66 27.57
CA LEU A 258 -25.99 -37.40 26.36
C LEU A 258 -26.39 -38.86 26.50
N ASN A 259 -26.24 -39.64 25.43
CA ASN A 259 -26.60 -41.05 25.46
C ASN A 259 -25.61 -41.90 26.23
N ASP A 260 -24.40 -41.39 26.47
CA ASP A 260 -23.37 -42.15 27.17
C ASP A 260 -22.94 -41.52 28.48
N CYS A 261 -22.62 -40.23 28.48
CA CYS A 261 -22.11 -39.58 29.67
C CYS A 261 -23.20 -39.43 30.72
N ILE A 262 -22.76 -39.21 31.96
CA ILE A 262 -23.65 -39.02 33.10
C ILE A 262 -23.25 -37.73 33.82
N PHE A 263 -24.19 -37.18 34.59
CA PHE A 263 -23.92 -35.94 35.29
C PHE A 263 -22.83 -36.16 36.34
N PRO A 264 -22.13 -35.09 36.75
CA PRO A 264 -21.05 -35.21 37.73
C PRO A 264 -21.54 -35.23 39.18
N TYR A 265 -22.59 -36.00 39.43
CA TYR A 265 -23.11 -36.26 40.77
C TYR A 265 -23.33 -34.98 41.58
N ASP A 266 -23.47 -33.85 40.89
CA ASP A 266 -23.79 -32.59 41.57
C ASP A 266 -24.76 -31.72 40.79
N TYR A 267 -25.27 -32.19 39.65
CA TYR A 267 -26.20 -31.38 38.87
C TYR A 267 -27.45 -31.03 39.68
N ASN A 268 -27.89 -31.94 40.55
CA ASN A 268 -29.05 -31.65 41.38
C ASN A 268 -28.83 -30.39 42.21
N GLU A 269 -27.71 -30.35 42.96
CA GLU A 269 -27.41 -29.18 43.77
C GLU A 269 -27.18 -27.95 42.91
N ALA A 270 -26.51 -28.11 41.77
CA ALA A 270 -26.25 -26.98 40.90
C ALA A 270 -27.55 -26.32 40.45
N VAL A 271 -28.48 -27.12 39.93
CA VAL A 271 -29.75 -26.56 39.47
C VAL A 271 -30.56 -26.03 40.65
N LYS A 272 -30.49 -26.70 41.80
CA LYS A 272 -31.22 -26.24 42.97
C LYS A 272 -30.77 -24.84 43.37
N GLN A 273 -29.45 -24.62 43.40
CA GLN A 273 -28.92 -23.33 43.86
C GLN A 273 -28.93 -22.27 42.75
N LYS A 274 -29.02 -22.66 41.48
CA LYS A 274 -29.00 -21.68 40.41
C LYS A 274 -30.36 -21.05 40.19
N ASN A 275 -31.35 -21.86 39.80
CA ASN A 275 -32.69 -21.36 39.51
C ASN A 275 -33.59 -22.55 39.25
N ALA A 276 -34.90 -22.29 39.23
CA ALA A 276 -35.91 -23.31 39.01
C ALA A 276 -36.48 -23.30 37.59
N ASN A 277 -35.92 -22.47 36.70
CA ASN A 277 -36.41 -22.39 35.33
C ASN A 277 -35.68 -23.32 34.38
N ILE A 278 -34.75 -24.13 34.87
CA ILE A 278 -33.98 -25.04 34.04
C ILE A 278 -34.55 -26.44 34.22
N GLU A 279 -34.94 -27.07 33.12
CA GLU A 279 -35.52 -28.41 33.14
C GLU A 279 -34.46 -29.41 32.69
N ILE A 280 -34.14 -30.36 33.57
CA ILE A 280 -33.13 -31.37 33.30
C ILE A 280 -33.83 -32.66 32.90
N ALA A 281 -33.48 -33.19 31.74
CA ALA A 281 -34.03 -34.43 31.22
C ALA A 281 -32.91 -35.43 30.97
N LEU A 282 -33.28 -36.71 30.93
CA LEU A 282 -32.30 -37.77 30.80
C LEU A 282 -32.16 -38.32 29.39
N THR A 283 -33.20 -38.21 28.57
CA THR A 283 -33.17 -38.69 27.21
C THR A 283 -33.64 -37.60 26.26
N GLU A 284 -33.06 -37.59 25.06
CA GLU A 284 -33.40 -36.55 24.09
C GLU A 284 -34.88 -36.54 23.77
N ARG A 285 -35.55 -37.69 23.87
CA ARG A 285 -36.98 -37.75 23.65
C ARG A 285 -37.72 -36.82 24.60
N THR A 286 -37.34 -36.88 25.88
CA THR A 286 -37.99 -36.02 26.87
C THR A 286 -37.70 -34.55 26.60
N LEU A 287 -36.47 -34.23 26.21
CA LEU A 287 -36.14 -32.85 25.88
C LEU A 287 -37.01 -32.33 24.75
N LEU A 288 -37.12 -33.10 23.67
CA LEU A 288 -37.91 -32.66 22.53
C LEU A 288 -39.39 -32.55 22.91
N GLY A 289 -39.90 -33.50 23.70
CA GLY A 289 -41.28 -33.43 24.12
C GLY A 289 -41.56 -32.19 24.96
N PHE A 290 -40.67 -31.89 25.91
CA PHE A 290 -40.86 -30.70 26.73
C PHE A 290 -40.78 -29.43 25.90
N PHE A 291 -39.85 -29.39 24.93
CA PHE A 291 -39.76 -28.23 24.06
C PHE A 291 -41.04 -28.04 23.25
N LEU A 292 -41.58 -29.14 22.71
CA LEU A 292 -42.81 -29.03 21.93
C LEU A 292 -43.96 -28.58 22.81
N ALA A 293 -44.06 -29.10 24.03
CA ALA A 293 -45.12 -28.68 24.94
C ALA A 293 -45.00 -27.21 25.28
N LYS A 294 -43.78 -26.74 25.54
CA LYS A 294 -43.58 -25.33 25.84
C LYS A 294 -43.94 -24.44 24.66
N ILE A 295 -43.57 -24.86 23.45
CA ILE A 295 -43.93 -24.08 22.27
C ILE A 295 -45.43 -24.02 22.10
N HIS A 296 -46.11 -25.14 22.31
CA HIS A 296 -47.57 -25.16 22.22
C HIS A 296 -48.18 -24.22 23.25
N LYS A 297 -47.69 -24.25 24.48
CA LYS A 297 -48.27 -23.42 25.54
C LYS A 297 -48.04 -21.95 25.27
N ILE A 298 -46.80 -21.56 24.95
CA ILE A 298 -46.50 -20.16 24.70
C ILE A 298 -47.22 -19.68 23.44
N ASP A 299 -47.19 -20.48 22.38
CA ASP A 299 -47.85 -20.15 21.12
C ASP A 299 -47.28 -18.88 20.52
N PRO A 300 -46.01 -18.88 20.11
CA PRO A 300 -45.43 -17.68 19.51
C PRO A 300 -45.87 -17.48 18.06
N ASP A 301 -46.08 -16.22 17.70
CA ASP A 301 -46.35 -15.87 16.31
C ASP A 301 -45.07 -15.65 15.51
N VAL A 302 -43.98 -15.32 16.17
CA VAL A 302 -42.68 -15.15 15.52
C VAL A 302 -41.65 -15.96 16.30
N ILE A 303 -40.93 -16.82 15.59
CA ILE A 303 -39.83 -17.59 16.15
C ILE A 303 -38.56 -17.14 15.46
N VAL A 304 -37.60 -16.66 16.23
CA VAL A 304 -36.39 -16.05 15.69
C VAL A 304 -35.18 -16.86 16.14
N GLY A 305 -34.17 -16.86 15.28
CA GLY A 305 -32.95 -17.58 15.58
C GLY A 305 -31.91 -17.32 14.52
N HIS A 306 -30.73 -17.90 14.74
CA HIS A 306 -29.62 -17.81 13.80
C HIS A 306 -29.48 -19.14 13.08
N ASP A 307 -29.46 -19.08 11.74
CA ASP A 307 -29.42 -20.28 10.91
C ASP A 307 -30.60 -21.20 11.21
N ILE A 308 -31.76 -20.60 11.49
CA ILE A 308 -32.94 -21.40 11.84
C ILE A 308 -33.38 -22.23 10.65
N TYR A 309 -33.39 -21.65 9.47
CA TYR A 309 -33.79 -22.39 8.28
C TYR A 309 -32.79 -23.49 7.95
N GLY A 310 -31.51 -23.22 8.08
CA GLY A 310 -30.48 -24.15 7.67
C GLY A 310 -30.26 -25.30 8.63
N PHE A 311 -29.88 -24.97 9.87
CA PHE A 311 -29.45 -25.96 10.85
C PHE A 311 -30.48 -26.21 11.95
N ASP A 312 -30.99 -25.14 12.57
CA ASP A 312 -31.81 -25.30 13.78
C ASP A 312 -33.04 -26.16 13.50
N LEU A 313 -33.93 -25.69 12.63
CA LEU A 313 -35.19 -26.39 12.42
C LEU A 313 -34.98 -27.72 11.72
N GLU A 314 -34.02 -27.81 10.81
CA GLU A 314 -33.76 -29.07 10.14
C GLU A 314 -33.33 -30.13 11.13
N VAL A 315 -32.41 -29.79 12.04
CA VAL A 315 -31.97 -30.75 13.05
C VAL A 315 -33.11 -31.05 14.02
N LEU A 316 -33.93 -30.04 14.35
CA LEU A 316 -35.06 -30.29 15.23
C LEU A 316 -36.00 -31.34 14.64
N LEU A 317 -36.38 -31.16 13.37
CA LEU A 317 -37.28 -32.10 12.72
C LEU A 317 -36.62 -33.47 12.58
N GLN A 318 -35.33 -33.50 12.23
CA GLN A 318 -34.64 -34.78 12.09
C GLN A 318 -34.63 -35.55 13.40
N ARG A 319 -34.34 -34.86 14.50
CA ARG A 319 -34.31 -35.53 15.79
C ARG A 319 -35.71 -35.95 16.24
N ILE A 320 -36.73 -35.14 15.93
CA ILE A 320 -38.09 -35.52 16.25
C ILE A 320 -38.47 -36.79 15.51
N ASN A 321 -38.13 -36.87 14.23
CA ASN A 321 -38.42 -38.06 13.45
C ASN A 321 -37.65 -39.27 13.98
N SER A 322 -36.38 -39.08 14.31
CA SER A 322 -35.56 -40.20 14.79
C SER A 322 -36.08 -40.72 16.12
N CYS A 323 -36.46 -39.82 17.03
CA CYS A 323 -36.93 -40.20 18.35
C CYS A 323 -38.42 -40.51 18.38
N LYS A 324 -39.14 -40.32 17.27
CA LYS A 324 -40.57 -40.58 17.22
C LYS A 324 -41.30 -39.82 18.33
N VAL A 325 -40.88 -38.58 18.56
CA VAL A 325 -41.49 -37.75 19.59
C VAL A 325 -42.93 -37.50 19.19
N PRO A 326 -43.91 -37.87 20.00
CA PRO A 326 -45.31 -37.68 19.60
C PRO A 326 -45.65 -36.21 19.43
N PHE A 327 -46.61 -35.94 18.55
CA PHE A 327 -47.15 -34.61 18.34
C PHE A 327 -46.07 -33.66 17.79
N TRP A 328 -45.50 -34.04 16.65
CA TRP A 328 -44.55 -33.16 15.99
C TRP A 328 -45.22 -31.89 15.50
N SER A 329 -46.51 -31.96 15.16
CA SER A 329 -47.21 -30.82 14.59
C SER A 329 -47.26 -29.64 15.55
N LYS A 330 -46.99 -29.85 16.84
CA LYS A 330 -46.91 -28.74 17.77
C LYS A 330 -45.89 -27.72 17.31
N ILE A 331 -44.84 -28.16 16.61
CA ILE A 331 -43.82 -27.21 16.13
C ILE A 331 -44.46 -26.16 15.23
N GLY A 332 -45.50 -26.53 14.52
CA GLY A 332 -46.27 -25.61 13.71
C GLY A 332 -47.52 -25.14 14.41
N ARG A 333 -48.56 -24.84 13.62
CA ARG A 333 -49.84 -24.42 14.15
C ARG A 333 -51.00 -25.22 13.59
N LEU A 334 -50.75 -26.12 12.64
CA LEU A 334 -51.78 -26.97 12.05
C LEU A 334 -51.48 -28.42 12.40
N ARG A 335 -52.52 -29.17 12.73
CA ARG A 335 -52.37 -30.57 13.15
C ARG A 335 -52.37 -31.46 11.92
N ARG A 336 -51.23 -32.12 11.66
CA ARG A 336 -51.04 -32.93 10.48
C ARG A 336 -50.43 -34.27 10.90
N SER A 337 -50.60 -35.27 10.04
CA SER A 337 -50.15 -36.62 10.31
C SER A 337 -48.83 -36.96 9.63
N VAL A 338 -48.65 -36.56 8.38
CA VAL A 338 -47.46 -36.89 7.60
C VAL A 338 -46.52 -35.69 7.62
N MET A 339 -45.27 -35.92 8.00
CA MET A 339 -44.29 -34.86 8.04
C MET A 339 -43.95 -34.40 6.62
N PRO A 340 -43.72 -33.11 6.40
CA PRO A 340 -43.24 -32.67 5.09
C PRO A 340 -41.89 -33.28 4.78
N LYS A 341 -41.67 -33.57 3.48
CA LYS A 341 -40.45 -34.25 3.08
C LYS A 341 -39.23 -33.41 3.42
N LEU A 342 -38.22 -34.07 3.97
CA LEU A 342 -37.01 -33.38 4.41
C LEU A 342 -36.10 -33.14 3.21
N GLY A 343 -35.87 -31.88 2.87
CA GLY A 343 -35.02 -31.53 1.76
C GLY A 343 -35.53 -30.28 1.08
N GLY A 344 -35.15 -30.12 -0.18
CA GLY A 344 -35.57 -28.99 -0.98
C GLY A 344 -34.65 -27.80 -0.82
N ARG A 345 -34.87 -26.80 -1.68
CA ARG A 345 -34.06 -25.60 -1.65
C ARG A 345 -34.44 -24.73 -0.46
N SER A 346 -33.49 -23.89 -0.05
CA SER A 346 -33.67 -22.99 1.09
C SER A 346 -34.29 -23.72 2.28
N GLY A 347 -35.46 -23.27 2.74
CA GLY A 347 -36.09 -23.87 3.90
C GLY A 347 -37.59 -24.01 3.76
N PHE A 348 -38.06 -24.23 2.53
CA PHE A 348 -39.49 -24.37 2.31
C PHE A 348 -40.05 -25.57 3.06
N ALA A 349 -39.29 -26.66 3.13
CA ALA A 349 -39.71 -27.79 3.96
C ALA A 349 -39.77 -27.37 5.43
N GLU A 350 -38.77 -26.63 5.89
CA GLU A 350 -38.78 -26.13 7.27
C GLU A 350 -39.93 -25.17 7.48
N ARG A 351 -40.21 -24.32 6.50
CA ARG A 351 -41.34 -23.39 6.63
C ARG A 351 -42.65 -24.15 6.75
N ASN A 352 -42.84 -25.19 5.93
CA ASN A 352 -44.06 -25.98 6.01
C ASN A 352 -44.17 -26.70 7.34
N ALA A 353 -43.04 -27.21 7.85
CA ALA A 353 -43.08 -27.87 9.15
C ALA A 353 -43.57 -26.94 10.24
N ALA A 354 -43.24 -25.65 10.13
CA ALA A 354 -43.67 -24.63 11.09
C ALA A 354 -44.79 -23.77 10.50
N CYS A 355 -45.72 -24.39 9.78
CA CYS A 355 -46.76 -23.63 9.10
C CYS A 355 -47.53 -22.77 10.08
N GLY A 356 -47.83 -21.54 9.67
CA GLY A 356 -48.59 -20.61 10.48
C GLY A 356 -47.77 -19.83 11.48
N ARG A 357 -46.47 -20.08 11.57
CA ARG A 357 -45.59 -19.37 12.49
C ARG A 357 -44.50 -18.69 11.68
N ILE A 358 -44.42 -17.36 11.79
CA ILE A 358 -43.38 -16.62 11.10
C ILE A 358 -42.02 -17.02 11.66
N ILE A 359 -41.06 -17.21 10.77
CA ILE A 359 -39.70 -17.60 11.15
C ILE A 359 -38.76 -16.49 10.72
N CYS A 360 -37.92 -16.04 11.65
CA CYS A 360 -36.98 -14.94 11.41
C CYS A 360 -35.55 -15.45 11.58
N ASP A 361 -34.85 -15.58 10.46
CA ASP A 361 -33.44 -15.93 10.45
C ASP A 361 -32.63 -14.64 10.36
N ILE A 362 -31.92 -14.30 11.44
CA ILE A 362 -31.19 -13.04 11.45
C ILE A 362 -30.10 -13.02 10.40
N GLU A 363 -29.67 -14.19 9.91
CA GLU A 363 -28.70 -14.21 8.83
C GLU A 363 -29.27 -13.59 7.56
N ILE A 364 -30.47 -14.04 7.16
CA ILE A 364 -31.09 -13.52 5.94
C ILE A 364 -31.36 -12.02 6.08
N SER A 365 -31.92 -11.63 7.23
CA SER A 365 -32.24 -10.22 7.43
C SER A 365 -30.99 -9.36 7.47
N ALA A 366 -29.92 -9.87 8.09
CA ALA A 366 -28.67 -9.12 8.12
C ALA A 366 -28.09 -8.97 6.71
N LYS A 367 -28.15 -10.03 5.91
CA LYS A 367 -27.67 -9.94 4.54
C LYS A 367 -28.48 -8.92 3.76
N GLU A 368 -29.79 -8.90 3.97
CA GLU A 368 -30.64 -7.98 3.21
C GLU A 368 -30.43 -6.53 3.65
N LEU A 369 -30.32 -6.28 4.95
CA LEU A 369 -30.38 -4.93 5.49
C LEU A 369 -29.02 -4.26 5.56
N ILE A 370 -28.02 -4.92 6.15
CA ILE A 370 -26.72 -4.30 6.36
C ILE A 370 -25.66 -5.06 5.57
N ARG A 371 -24.42 -4.57 5.62
CA ARG A 371 -23.29 -5.20 4.96
C ARG A 371 -22.20 -5.46 6.00
N CYS A 372 -21.67 -6.68 6.01
CA CYS A 372 -20.66 -7.08 6.98
C CYS A 372 -19.67 -8.01 6.30
N LYS A 373 -18.45 -8.06 6.84
CA LYS A 373 -17.43 -8.93 6.27
C LYS A 373 -17.83 -10.39 6.40
N SER A 374 -18.43 -10.77 7.53
CA SER A 374 -18.93 -12.12 7.73
C SER A 374 -20.26 -12.03 8.44
N TYR A 375 -21.13 -13.00 8.15
CA TYR A 375 -22.46 -13.06 8.75
C TYR A 375 -22.56 -14.13 9.83
N HIS A 376 -21.44 -14.58 10.36
CA HIS A 376 -21.45 -15.44 11.54
C HIS A 376 -22.00 -14.66 12.73
N LEU A 377 -22.47 -15.40 13.72
CA LEU A 377 -23.09 -14.76 14.88
C LEU A 377 -22.10 -13.87 15.61
N SER A 378 -20.86 -14.32 15.75
CA SER A 378 -19.86 -13.51 16.44
C SER A 378 -19.65 -12.18 15.74
N GLU A 379 -19.47 -12.21 14.42
CA GLU A 379 -19.25 -10.97 13.68
C GLU A 379 -20.48 -10.07 13.74
N LEU A 380 -21.68 -10.66 13.66
CA LEU A 380 -22.89 -9.86 13.72
C LEU A 380 -23.01 -9.16 15.07
N VAL A 381 -22.71 -9.88 16.16
CA VAL A 381 -22.76 -9.27 17.48
C VAL A 381 -21.70 -8.17 17.60
N HIS A 382 -20.51 -8.42 17.04
CA HIS A 382 -19.45 -7.43 17.10
C HIS A 382 -19.84 -6.15 16.37
N GLN A 383 -20.49 -6.28 15.22
CA GLN A 383 -20.76 -5.13 14.37
C GLN A 383 -22.05 -4.39 14.74
N ILE A 384 -23.04 -5.10 15.29
CA ILE A 384 -24.32 -4.48 15.58
C ILE A 384 -24.40 -4.08 17.05
N LEU A 385 -24.29 -5.06 17.94
CA LEU A 385 -24.39 -4.79 19.36
C LEU A 385 -23.09 -4.24 19.96
N LYS A 386 -21.98 -4.36 19.26
CA LYS A 386 -20.69 -3.86 19.75
C LYS A 386 -20.29 -4.56 21.04
N ALA A 387 -20.34 -5.89 21.03
CA ALA A 387 -19.99 -6.70 22.18
C ALA A 387 -19.19 -7.91 21.73
N GLU A 388 -18.51 -8.53 22.68
CA GLU A 388 -17.68 -9.70 22.40
C GLU A 388 -18.38 -10.95 22.89
N ARG A 389 -18.49 -11.94 22.01
CA ARG A 389 -19.15 -13.21 22.30
C ARG A 389 -18.11 -14.31 22.40
N VAL A 390 -18.18 -15.08 23.48
CA VAL A 390 -17.26 -16.21 23.68
C VAL A 390 -17.76 -17.39 22.85
N VAL A 391 -16.83 -18.23 22.41
CA VAL A 391 -17.13 -19.38 21.56
C VAL A 391 -16.80 -20.64 22.34
N ILE A 392 -17.76 -21.57 22.38
CA ILE A 392 -17.57 -22.87 23.02
C ILE A 392 -17.05 -23.82 21.95
N PRO A 393 -15.84 -24.35 22.07
CA PRO A 393 -15.32 -25.25 21.05
C PRO A 393 -16.22 -26.46 20.89
N PRO A 394 -16.40 -26.95 19.65
CA PRO A 394 -17.28 -28.12 19.47
C PRO A 394 -16.81 -29.35 20.22
N GLU A 395 -15.50 -29.50 20.42
CA GLU A 395 -14.96 -30.67 21.10
C GLU A 395 -15.02 -30.56 22.62
N ASN A 396 -15.37 -29.39 23.16
CA ASN A 396 -15.44 -29.21 24.61
C ASN A 396 -16.84 -29.39 25.17
N ILE A 397 -17.89 -29.32 24.33
CA ILE A 397 -19.23 -29.52 24.83
C ILE A 397 -19.40 -30.92 25.40
N ARG A 398 -18.89 -31.92 24.69
CA ARG A 398 -18.96 -33.30 25.19
C ARG A 398 -18.20 -33.45 26.50
N ASN A 399 -17.00 -32.87 26.59
CA ASN A 399 -16.20 -33.01 27.79
C ASN A 399 -16.74 -32.19 28.95
N ALA A 400 -17.61 -31.22 28.67
CA ALA A 400 -18.19 -30.41 29.73
C ALA A 400 -19.08 -31.20 30.67
N TYR A 401 -19.47 -32.41 30.30
CA TYR A 401 -20.27 -33.25 31.17
C TYR A 401 -19.37 -33.95 32.19
N ASN A 402 -18.55 -33.17 32.88
CA ASN A 402 -17.68 -33.69 33.92
C ASN A 402 -17.67 -32.82 35.17
N ASP A 403 -18.37 -31.69 35.16
CA ASP A 403 -18.45 -30.81 36.31
C ASP A 403 -19.72 -29.97 36.21
N SER A 404 -20.35 -29.71 37.35
CA SER A 404 -21.58 -28.92 37.33
C SER A 404 -21.32 -27.52 36.82
N VAL A 405 -20.20 -26.91 37.22
CA VAL A 405 -19.91 -25.54 36.81
C VAL A 405 -19.84 -25.43 35.30
N HIS A 406 -19.15 -26.38 34.66
CA HIS A 406 -18.99 -26.32 33.20
C HIS A 406 -20.32 -26.50 32.49
N LEU A 407 -21.17 -27.41 32.98
CA LEU A 407 -22.46 -27.61 32.34
C LEU A 407 -23.35 -26.39 32.48
N LEU A 408 -23.37 -25.78 33.67
CA LEU A 408 -24.12 -24.55 33.86
C LEU A 408 -23.58 -23.44 32.98
N TYR A 409 -22.25 -23.39 32.82
CA TYR A 409 -21.66 -22.38 31.94
C TYR A 409 -22.09 -22.59 30.49
N MET A 410 -22.16 -23.85 30.06
CA MET A 410 -22.64 -24.14 28.70
C MET A 410 -24.08 -23.67 28.52
N LEU A 411 -24.94 -23.98 29.49
CA LEU A 411 -26.33 -23.56 29.39
C LEU A 411 -26.44 -22.04 29.37
N GLU A 412 -25.64 -21.36 30.20
CA GLU A 412 -25.66 -19.90 30.20
C GLU A 412 -25.12 -19.34 28.90
N ASN A 413 -24.17 -20.02 28.26
CA ASN A 413 -23.69 -19.60 26.94
C ASN A 413 -24.81 -19.68 25.91
N THR A 414 -25.59 -20.76 25.96
CA THR A 414 -26.75 -20.86 25.07
C THR A 414 -27.74 -19.73 25.33
N TRP A 415 -27.99 -19.45 26.62
CA TRP A 415 -28.89 -18.35 26.97
C TRP A 415 -28.38 -17.02 26.43
N ILE A 416 -27.07 -16.78 26.54
CA ILE A 416 -26.50 -15.52 26.08
C ILE A 416 -26.58 -15.43 24.56
N ASP A 417 -26.40 -16.55 23.86
CA ASP A 417 -26.56 -16.55 22.42
C ASP A 417 -27.99 -16.19 22.03
N ALA A 418 -28.97 -16.75 22.74
CA ALA A 418 -30.36 -16.38 22.47
C ALA A 418 -30.59 -14.89 22.71
N LYS A 419 -30.03 -14.36 23.80
CA LYS A 419 -30.19 -12.94 24.08
C LYS A 419 -29.56 -12.08 22.99
N PHE A 420 -28.38 -12.49 22.50
CA PHE A 420 -27.75 -11.75 21.42
C PHE A 420 -28.62 -11.77 20.17
N ILE A 421 -29.20 -12.92 19.84
CA ILE A 421 -30.05 -13.01 18.66
C ILE A 421 -31.23 -12.06 18.80
N LEU A 422 -31.87 -12.06 19.97
CA LEU A 422 -33.02 -11.19 20.17
C LEU A 422 -32.62 -9.71 20.08
N GLN A 423 -31.47 -9.36 20.66
CA GLN A 423 -31.01 -7.98 20.61
C GLN A 423 -30.74 -7.55 19.18
N ILE A 424 -30.10 -8.42 18.38
CA ILE A 424 -29.85 -8.09 16.98
C ILE A 424 -31.17 -7.89 16.25
N MET A 425 -32.14 -8.77 16.49
CA MET A 425 -33.44 -8.61 15.87
C MET A 425 -34.04 -7.25 16.22
N CYS A 426 -33.98 -6.87 17.49
CA CYS A 426 -34.56 -5.59 17.91
C CYS A 426 -33.83 -4.41 17.27
N GLU A 427 -32.51 -4.48 17.18
CA GLU A 427 -31.73 -3.33 16.71
C GLU A 427 -32.09 -2.95 15.29
N LEU A 428 -32.13 -3.93 14.39
CA LEU A 428 -32.35 -3.64 12.97
C LEU A 428 -33.81 -3.31 12.66
N ASN A 429 -34.72 -3.45 13.62
CA ASN A 429 -36.15 -3.31 13.36
C ASN A 429 -36.58 -4.27 12.25
N VAL A 430 -36.19 -5.53 12.40
CA VAL A 430 -36.49 -6.52 11.39
C VAL A 430 -38.00 -6.66 11.21
N LEU A 431 -38.73 -6.72 12.32
CA LEU A 431 -40.15 -7.03 12.26
C LEU A 431 -40.97 -5.86 11.73
N PRO A 432 -40.81 -4.66 12.29
CA PRO A 432 -41.56 -3.51 11.73
C PRO A 432 -41.23 -3.23 10.27
N LEU A 433 -39.95 -3.37 9.89
CA LEU A 433 -39.58 -3.14 8.50
C LEU A 433 -40.17 -4.22 7.60
N ALA A 434 -40.18 -5.47 8.07
CA ALA A 434 -40.81 -6.53 7.31
C ALA A 434 -42.29 -6.26 7.12
N LEU A 435 -42.96 -5.79 8.18
CA LEU A 435 -44.37 -5.46 8.06
C LEU A 435 -44.59 -4.34 7.04
N GLN A 436 -43.76 -3.30 7.09
CA GLN A 436 -43.92 -2.19 6.16
C GLN A 436 -43.72 -2.65 4.72
N ILE A 437 -42.67 -3.43 4.48
CA ILE A 437 -42.40 -3.90 3.12
C ILE A 437 -43.54 -4.81 2.65
N THR A 438 -44.02 -5.70 3.52
CA THR A 438 -45.11 -6.58 3.14
C THR A 438 -46.37 -5.80 2.80
N ASN A 439 -46.69 -4.78 3.60
CA ASN A 439 -47.87 -3.98 3.33
C ASN A 439 -47.73 -3.25 2.00
N ILE A 440 -46.54 -2.70 1.73
CA ILE A 440 -46.34 -1.99 0.46
C ILE A 440 -46.48 -2.95 -0.71
N ALA A 441 -45.87 -4.13 -0.61
CA ALA A 441 -45.90 -5.09 -1.71
C ALA A 441 -47.23 -5.83 -1.75
N GLY A 442 -47.54 -6.58 -0.70
CA GLY A 442 -48.79 -7.32 -0.64
C GLY A 442 -48.62 -8.82 -0.53
N ASN A 443 -47.39 -9.27 -0.32
CA ASN A 443 -47.12 -10.70 -0.18
C ASN A 443 -47.44 -11.14 1.25
N VAL A 444 -47.03 -12.34 1.60
CA VAL A 444 -47.17 -12.85 2.96
C VAL A 444 -45.89 -12.54 3.72
N MET A 445 -46.02 -12.37 5.04
CA MET A 445 -44.90 -11.88 5.83
C MET A 445 -43.76 -12.90 5.88
N SER A 446 -44.08 -14.19 5.96
CA SER A 446 -43.04 -15.21 5.99
C SER A 446 -42.22 -15.17 4.71
N ARG A 447 -42.87 -14.97 3.57
CA ARG A 447 -42.13 -14.84 2.32
C ARG A 447 -41.20 -13.63 2.35
N THR A 448 -41.67 -12.52 2.90
CA THR A 448 -40.83 -11.34 3.00
C THR A 448 -39.61 -11.59 3.87
N LEU A 449 -39.79 -12.29 4.99
CA LEU A 449 -38.68 -12.56 5.90
C LEU A 449 -37.80 -13.71 5.44
N MET A 450 -38.21 -14.45 4.40
CA MET A 450 -37.34 -15.47 3.83
C MET A 450 -36.31 -14.89 2.87
N GLY A 451 -36.38 -13.59 2.58
CA GLY A 451 -35.45 -12.97 1.68
C GLY A 451 -35.95 -12.95 0.24
N GLY A 452 -35.20 -12.27 -0.60
CA GLY A 452 -35.50 -12.21 -2.02
C GLY A 452 -36.25 -10.94 -2.40
N ARG A 453 -36.22 -10.63 -3.69
CA ARG A 453 -36.87 -9.45 -4.23
C ARG A 453 -37.93 -9.75 -5.26
N SER A 454 -37.86 -10.90 -5.94
CA SER A 454 -38.76 -11.16 -7.06
C SER A 454 -40.21 -11.26 -6.58
N GLU A 455 -40.45 -11.94 -5.47
CA GLU A 455 -41.82 -12.15 -5.01
C GLU A 455 -42.49 -10.83 -4.66
N ARG A 456 -41.76 -9.92 -4.02
CA ARG A 456 -42.35 -8.66 -3.60
C ARG A 456 -42.85 -7.86 -4.80
N ASN A 457 -42.00 -7.67 -5.80
CA ASN A 457 -42.42 -6.94 -6.99
C ASN A 457 -43.50 -7.69 -7.74
N GLU A 458 -43.39 -9.02 -7.78
CA GLU A 458 -44.42 -9.83 -8.42
C GLU A 458 -45.79 -9.51 -7.84
N TYR A 459 -45.90 -9.54 -6.51
CA TYR A 459 -47.19 -9.29 -5.87
C TYR A 459 -47.60 -7.83 -6.00
N LEU A 460 -46.64 -6.91 -5.94
CA LEU A 460 -46.96 -5.51 -6.15
C LEU A 460 -47.65 -5.30 -7.49
N LEU A 461 -47.03 -5.80 -8.56
CA LEU A 461 -47.61 -5.63 -9.88
C LEU A 461 -48.89 -6.43 -10.04
N LEU A 462 -48.98 -7.60 -9.40
CA LEU A 462 -50.20 -8.37 -9.45
C LEU A 462 -51.38 -7.57 -8.90
N HIS A 463 -51.19 -6.99 -7.72
CA HIS A 463 -52.25 -6.18 -7.12
C HIS A 463 -52.56 -4.97 -7.98
N ALA A 464 -51.52 -4.29 -8.47
CA ALA A 464 -51.75 -3.09 -9.27
C ALA A 464 -52.56 -3.40 -10.51
N PHE A 465 -52.25 -4.50 -11.19
CA PHE A 465 -52.94 -4.83 -12.42
C PHE A 465 -54.36 -5.35 -12.14
N THR A 466 -54.51 -6.21 -11.12
CA THR A 466 -55.83 -6.74 -10.82
C THR A 466 -56.79 -5.62 -10.42
N GLU A 467 -56.30 -4.65 -9.64
CA GLU A 467 -57.16 -3.55 -9.23
C GLU A 467 -57.63 -2.73 -10.41
N ASN A 468 -56.85 -2.68 -11.50
CA ASN A 468 -57.16 -1.85 -12.66
C ASN A 468 -57.74 -2.67 -13.81
N ASN A 469 -58.39 -3.79 -13.50
CA ASN A 469 -59.15 -4.55 -14.50
C ASN A 469 -58.24 -5.09 -15.60
N PHE A 470 -57.25 -5.87 -15.19
CA PHE A 470 -56.30 -6.49 -16.11
C PHE A 470 -56.25 -7.99 -15.87
N ILE A 471 -55.79 -8.72 -16.89
CA ILE A 471 -55.57 -10.16 -16.80
C ILE A 471 -54.07 -10.36 -16.64
N VAL A 472 -53.66 -10.85 -15.47
CA VAL A 472 -52.25 -11.00 -15.14
C VAL A 472 -51.69 -12.23 -15.84
N PRO A 473 -50.39 -12.29 -16.12
CA PRO A 473 -49.82 -13.48 -16.74
C PRO A 473 -50.02 -14.72 -15.88
N ASP A 474 -49.68 -15.87 -16.46
CA ASP A 474 -49.72 -17.13 -15.74
C ASP A 474 -48.37 -17.38 -15.09
N LYS A 475 -48.41 -17.95 -13.89
CA LYS A 475 -47.17 -18.20 -13.16
C LYS A 475 -46.27 -19.15 -13.96
N PRO A 476 -44.97 -18.87 -14.07
CA PRO A 476 -44.09 -19.78 -14.80
C PRO A 476 -44.11 -21.17 -14.18
N VAL A 477 -44.02 -22.18 -15.04
CA VAL A 477 -44.06 -23.56 -14.60
C VAL A 477 -42.65 -24.10 -14.43
N ALA A 505 -25.20 -10.77 -19.55
CA ALA A 505 -25.43 -9.45 -20.14
C ALA A 505 -26.30 -9.57 -21.39
N ALA A 506 -27.61 -9.59 -21.18
CA ALA A 506 -28.56 -9.75 -22.27
C ALA A 506 -29.00 -8.42 -22.87
N TYR A 507 -28.59 -7.30 -22.30
CA TYR A 507 -28.92 -5.99 -22.86
C TYR A 507 -27.99 -4.95 -22.29
N ALA A 508 -27.91 -3.82 -22.98
CA ALA A 508 -27.02 -2.74 -22.57
C ALA A 508 -27.50 -2.10 -21.27
N GLY A 509 -26.53 -1.69 -20.46
CA GLY A 509 -26.83 -1.07 -19.18
C GLY A 509 -26.44 0.39 -19.13
N GLY A 510 -25.81 0.81 -18.04
CA GLY A 510 -25.42 2.20 -17.87
C GLY A 510 -24.17 2.55 -18.66
N LEU A 511 -23.82 3.84 -18.59
CA LEU A 511 -22.64 4.37 -19.24
C LEU A 511 -21.67 4.88 -18.20
N VAL A 512 -20.44 4.39 -18.25
CA VAL A 512 -19.37 4.83 -17.35
C VAL A 512 -18.39 5.64 -18.17
N LEU A 513 -18.31 6.94 -17.89
CA LEU A 513 -17.41 7.80 -18.63
C LEU A 513 -15.95 7.45 -18.32
N GLU A 514 -15.10 7.62 -19.32
CA GLU A 514 -13.68 7.34 -19.14
C GLU A 514 -13.10 8.38 -18.19
N PRO A 515 -12.54 7.98 -17.05
CA PRO A 515 -12.06 8.96 -16.08
C PRO A 515 -10.71 9.55 -16.45
N LYS A 516 -10.45 10.72 -15.90
CA LYS A 516 -9.12 11.35 -15.97
C LYS A 516 -8.40 11.02 -14.66
N VAL A 517 -7.84 9.81 -14.61
CA VAL A 517 -7.25 9.32 -13.37
C VAL A 517 -6.16 10.27 -12.89
N GLY A 518 -6.14 10.52 -11.59
CA GLY A 518 -5.10 11.35 -11.02
C GLY A 518 -5.46 11.78 -9.61
N PHE A 519 -4.80 12.85 -9.18
CA PHE A 519 -5.02 13.45 -7.87
C PHE A 519 -5.46 14.90 -8.08
N TYR A 520 -6.53 15.29 -7.39
CA TYR A 520 -7.07 16.64 -7.50
C TYR A 520 -7.13 17.24 -6.10
N ASP A 521 -6.48 18.39 -5.92
CA ASP A 521 -6.38 19.05 -4.63
C ASP A 521 -7.36 20.20 -4.49
N LYS A 522 -8.31 20.34 -5.41
CA LYS A 522 -9.31 21.39 -5.37
C LYS A 522 -10.69 20.76 -5.22
N PHE A 523 -11.68 21.62 -4.95
CA PHE A 523 -13.03 21.14 -4.70
C PHE A 523 -13.58 20.44 -5.94
N ILE A 524 -14.17 19.26 -5.72
CA ILE A 524 -14.78 18.47 -6.77
C ILE A 524 -16.28 18.42 -6.50
N LEU A 525 -17.08 18.84 -7.47
CA LEU A 525 -18.53 18.92 -7.33
C LEU A 525 -19.16 17.69 -7.97
N LEU A 526 -19.88 16.91 -7.18
CA LEU A 526 -20.54 15.70 -7.66
C LEU A 526 -22.03 15.98 -7.82
N LEU A 527 -22.54 15.85 -9.04
CA LEU A 527 -23.94 16.06 -9.35
C LEU A 527 -24.56 14.70 -9.66
N ASP A 528 -25.56 14.32 -8.87
CA ASP A 528 -26.20 13.01 -8.97
C ASP A 528 -27.69 13.17 -9.20
N PHE A 529 -28.25 12.29 -10.02
CA PHE A 529 -29.68 12.30 -10.28
C PHE A 529 -30.44 11.60 -9.16
N ASN A 530 -31.65 12.09 -8.90
CA ASN A 530 -32.51 11.56 -7.85
C ASN A 530 -33.43 10.50 -8.44
N SER A 531 -33.27 9.26 -7.99
CA SER A 531 -34.10 8.15 -8.45
C SER A 531 -34.15 8.12 -9.98
N LEU A 532 -32.97 7.87 -10.56
CA LEU A 532 -32.80 8.03 -12.00
C LEU A 532 -33.80 7.17 -12.77
N TYR A 533 -33.70 5.84 -12.65
CA TYR A 533 -34.50 4.96 -13.48
C TYR A 533 -35.99 5.07 -13.18
N PRO A 534 -36.40 5.11 -11.90
CA PRO A 534 -37.82 5.37 -11.61
C PRO A 534 -38.31 6.68 -12.22
N SER A 535 -37.50 7.73 -12.14
CA SER A 535 -37.90 9.01 -12.71
C SER A 535 -37.95 8.94 -14.23
N ILE A 536 -37.10 8.11 -14.84
CA ILE A 536 -37.16 7.91 -16.28
C ILE A 536 -38.45 7.19 -16.66
N ILE A 537 -38.83 6.18 -15.89
CA ILE A 537 -40.08 5.48 -16.14
C ILE A 537 -41.25 6.44 -16.05
N GLN A 538 -41.26 7.30 -15.03
CA GLN A 538 -42.35 8.25 -14.88
C GLN A 538 -42.36 9.27 -16.02
N GLU A 539 -41.21 9.89 -16.29
CA GLU A 539 -41.15 10.99 -17.23
C GLU A 539 -41.55 10.54 -18.63
N TYR A 540 -40.93 9.49 -19.12
CA TYR A 540 -41.18 9.00 -20.48
C TYR A 540 -42.34 8.03 -20.55
N ASN A 541 -42.97 7.70 -19.42
CA ASN A 541 -44.18 6.90 -19.40
C ASN A 541 -43.93 5.49 -19.93
N ILE A 542 -42.84 4.88 -19.46
CA ILE A 542 -42.47 3.54 -19.89
C ILE A 542 -43.29 2.54 -19.07
N CYS A 543 -44.07 1.71 -19.75
CA CYS A 543 -44.92 0.75 -19.07
C CYS A 543 -45.26 -0.37 -20.05
N PHE A 544 -45.89 -1.41 -19.51
CA PHE A 544 -46.36 -2.51 -20.35
C PHE A 544 -47.41 -2.03 -21.35
N THR A 545 -48.30 -1.15 -20.90
CA THR A 545 -49.43 -0.70 -21.70
C THR A 545 -49.09 0.47 -22.61
N THR A 546 -47.86 0.97 -22.58
CA THR A 546 -47.47 2.14 -23.36
C THR A 546 -46.49 1.82 -24.47
N VAL A 547 -45.47 1.02 -24.20
CA VAL A 547 -44.45 0.70 -25.19
C VAL A 547 -44.94 -0.45 -26.05
N HIS A 548 -44.65 -0.39 -27.35
CA HIS A 548 -45.07 -1.40 -28.31
C HIS A 548 -43.91 -2.38 -28.50
N ARG A 549 -43.99 -3.52 -27.84
CA ARG A 549 -42.98 -4.56 -27.95
C ARG A 549 -43.31 -5.51 -29.10
N GLU A 550 -42.30 -6.26 -29.52
CA GLU A 550 -42.45 -7.24 -30.59
C GLU A 550 -41.56 -8.44 -30.26
N ALA A 551 -42.18 -9.59 -30.08
CA ALA A 551 -41.44 -10.82 -29.76
C ALA A 551 -40.58 -11.23 -30.94
N ASP A 561 -33.48 -8.21 -30.77
CA ASP A 561 -33.04 -7.46 -29.60
C ASP A 561 -32.77 -6.00 -29.98
N GLU A 562 -33.84 -5.26 -30.22
CA GLU A 562 -33.76 -3.86 -30.60
C GLU A 562 -34.51 -3.00 -29.59
N ILE A 563 -34.03 -1.77 -29.40
CA ILE A 563 -34.61 -0.85 -28.43
C ILE A 563 -35.95 -0.36 -28.96
N PRO A 564 -37.06 -0.56 -28.26
CA PRO A 564 -38.34 -0.02 -28.73
C PRO A 564 -38.38 1.49 -28.65
N GLU A 565 -39.25 2.08 -29.48
CA GLU A 565 -39.39 3.52 -29.50
C GLU A 565 -40.11 4.02 -28.25
N LEU A 566 -39.83 5.27 -27.89
CA LEU A 566 -40.45 5.85 -26.71
C LEU A 566 -41.96 5.98 -26.93
N PRO A 567 -42.77 5.80 -25.90
CA PRO A 567 -44.22 5.92 -26.06
C PRO A 567 -44.64 7.36 -26.33
N HIS A 568 -45.78 7.50 -26.98
CA HIS A 568 -46.32 8.81 -27.28
C HIS A 568 -46.61 9.58 -25.99
N SER A 569 -46.64 10.91 -26.12
CA SER A 569 -46.89 11.79 -24.98
C SER A 569 -48.37 12.10 -24.78
N ASP A 570 -49.25 11.57 -25.63
CA ASP A 570 -50.67 11.82 -25.54
C ASP A 570 -51.42 10.74 -24.76
N LEU A 571 -50.70 9.78 -24.19
CA LEU A 571 -51.32 8.69 -23.46
C LEU A 571 -51.51 9.08 -21.99
N GLU A 572 -52.08 8.18 -21.21
CA GLU A 572 -52.26 8.36 -19.77
C GLU A 572 -51.25 7.47 -19.03
N MET A 573 -50.84 7.93 -17.85
CA MET A 573 -49.83 7.21 -17.09
C MET A 573 -50.29 5.78 -16.82
N GLY A 574 -49.39 4.82 -17.04
CA GLY A 574 -49.73 3.42 -16.89
C GLY A 574 -49.82 2.99 -15.44
N ILE A 575 -49.57 1.71 -15.20
CA ILE A 575 -49.61 1.16 -13.85
C ILE A 575 -48.22 1.15 -13.23
N LEU A 576 -47.23 0.62 -13.95
CA LEU A 576 -45.86 0.61 -13.46
C LEU A 576 -45.38 2.00 -13.09
N PRO A 577 -45.56 3.03 -13.93
CA PRO A 577 -45.13 4.37 -13.50
C PRO A 577 -45.77 4.79 -12.20
N ARG A 578 -47.10 4.70 -12.10
CA ARG A 578 -47.80 5.13 -10.90
C ARG A 578 -47.24 4.45 -9.67
N GLU A 579 -47.17 3.12 -9.70
CA GLU A 579 -46.61 2.40 -8.56
C GLU A 579 -45.23 2.92 -8.22
N ILE A 580 -44.38 3.10 -9.25
CA ILE A 580 -43.03 3.59 -8.99
C ILE A 580 -43.13 4.90 -8.24
N ARG A 581 -43.98 5.80 -8.73
CA ARG A 581 -44.12 7.11 -8.11
C ARG A 581 -44.45 6.95 -6.64
N LYS A 582 -45.41 6.07 -6.34
CA LYS A 582 -45.79 5.87 -4.96
C LYS A 582 -44.56 5.55 -4.13
N LEU A 583 -43.80 4.55 -4.57
CA LEU A 583 -42.63 4.15 -3.80
C LEU A 583 -41.70 5.33 -3.60
N VAL A 584 -41.46 6.08 -4.69
CA VAL A 584 -40.52 7.19 -4.60
C VAL A 584 -40.99 8.16 -3.55
N GLU A 585 -42.28 8.49 -3.57
CA GLU A 585 -42.80 9.44 -2.60
C GLU A 585 -42.57 8.94 -1.19
N ARG A 586 -42.83 7.65 -0.97
CA ARG A 586 -42.60 7.10 0.35
C ARG A 586 -41.17 7.41 0.78
N ARG A 587 -40.22 7.07 -0.09
CA ARG A 587 -38.83 7.29 0.25
C ARG A 587 -38.60 8.75 0.58
N ARG A 588 -39.16 9.64 -0.23
CA ARG A 588 -38.93 11.06 -0.02
C ARG A 588 -39.41 11.47 1.36
N HIS A 589 -40.59 11.00 1.75
CA HIS A 589 -41.10 11.33 3.06
C HIS A 589 -40.14 10.86 4.14
N VAL A 590 -39.65 9.63 3.99
CA VAL A 590 -38.71 9.13 4.99
C VAL A 590 -37.51 10.06 5.07
N LYS A 591 -37.02 10.50 3.91
CA LYS A 591 -35.86 11.38 3.91
C LYS A 591 -36.16 12.66 4.65
N GLN A 592 -37.36 13.21 4.44
CA GLN A 592 -37.74 14.41 5.17
C GLN A 592 -37.66 14.16 6.66
N LEU A 593 -38.16 13.00 7.10
CA LEU A 593 -38.04 12.67 8.52
C LEU A 593 -36.58 12.67 8.94
N MET A 594 -35.72 12.06 8.12
CA MET A 594 -34.30 12.01 8.42
C MET A 594 -33.72 13.40 8.55
N LYS A 595 -34.31 14.38 7.87
CA LYS A 595 -33.80 15.75 7.90
C LYS A 595 -34.21 16.52 9.15
N GLN A 596 -35.03 15.92 10.01
CA GLN A 596 -35.48 16.64 11.20
C GLN A 596 -34.27 17.01 12.06
N PRO A 597 -34.20 18.24 12.57
CA PRO A 597 -33.05 18.62 13.41
C PRO A 597 -33.18 18.07 14.82
N ASP A 598 -32.02 17.81 15.43
CA ASP A 598 -31.93 17.30 16.79
C ASP A 598 -32.70 15.98 16.91
N LEU A 599 -32.23 14.98 16.17
CA LEU A 599 -32.83 13.66 16.16
C LEU A 599 -31.88 12.65 16.78
N ASN A 600 -32.45 11.64 17.42
CA ASN A 600 -31.62 10.65 18.10
C ASN A 600 -30.75 9.92 17.08
N PRO A 601 -29.50 9.57 17.43
CA PRO A 601 -28.66 8.84 16.47
C PRO A 601 -29.28 7.52 16.04
N ASP A 602 -29.59 6.65 17.00
CA ASP A 602 -30.11 5.34 16.65
C ASP A 602 -31.31 5.44 15.74
N LEU A 603 -32.30 6.25 16.12
CA LEU A 603 -33.48 6.42 15.29
C LEU A 603 -33.07 6.87 13.90
N TYR A 604 -32.17 7.85 13.81
CA TYR A 604 -31.69 8.29 12.51
C TYR A 604 -31.21 7.10 11.69
N LEU A 605 -30.36 6.26 12.30
CA LEU A 605 -29.85 5.10 11.58
C LEU A 605 -30.99 4.25 11.08
N GLN A 606 -31.98 4.00 11.94
CA GLN A 606 -33.13 3.19 11.53
C GLN A 606 -33.75 3.81 10.28
N TYR A 607 -33.99 5.11 10.32
CA TYR A 607 -34.60 5.77 9.17
C TYR A 607 -33.76 5.54 7.93
N ASP A 608 -32.43 5.66 8.07
CA ASP A 608 -31.57 5.45 6.93
C ASP A 608 -31.81 4.06 6.35
N ILE A 609 -31.83 3.06 7.22
CA ILE A 609 -32.05 1.70 6.74
C ILE A 609 -33.35 1.65 5.96
N ARG A 610 -34.40 2.24 6.53
CA ARG A 610 -35.69 2.22 5.86
C ARG A 610 -35.56 2.80 4.45
N GLN A 611 -34.91 3.96 4.37
CA GLN A 611 -34.73 4.60 3.08
C GLN A 611 -34.09 3.62 2.12
N LYS A 612 -32.99 3.02 2.56
CA LYS A 612 -32.28 2.10 1.68
C LYS A 612 -33.24 1.05 1.17
N ALA A 613 -33.99 0.45 2.09
CA ALA A 613 -34.90 -0.62 1.70
C ALA A 613 -35.81 -0.13 0.59
N LEU A 614 -36.44 1.02 0.78
CA LEU A 614 -37.39 1.48 -0.21
C LEU A 614 -36.69 1.69 -1.55
N LYS A 615 -35.52 2.29 -1.52
CA LYS A 615 -34.78 2.50 -2.76
C LYS A 615 -34.61 1.17 -3.46
N LEU A 616 -34.14 0.17 -2.72
CA LEU A 616 -33.91 -1.13 -3.33
C LEU A 616 -35.19 -1.64 -3.94
N THR A 617 -36.31 -1.48 -3.23
CA THR A 617 -37.56 -1.98 -3.76
C THR A 617 -37.80 -1.39 -5.13
N ALA A 618 -37.68 -0.07 -5.24
CA ALA A 618 -37.92 0.57 -6.54
C ALA A 618 -36.97 0.01 -7.59
N ASN A 619 -35.69 -0.11 -7.21
CA ASN A 619 -34.72 -0.58 -8.17
C ASN A 619 -35.09 -1.97 -8.64
N SER A 620 -35.60 -2.80 -7.74
CA SER A 620 -36.00 -4.15 -8.12
C SER A 620 -37.21 -4.09 -9.03
N MET A 621 -38.14 -3.18 -8.75
CA MET A 621 -39.27 -3.00 -9.64
C MET A 621 -38.79 -2.72 -11.05
N TYR A 622 -37.61 -2.10 -11.16
CA TYR A 622 -37.01 -1.96 -12.49
C TYR A 622 -36.38 -3.28 -12.94
N GLY A 623 -35.53 -3.85 -12.10
CA GLY A 623 -34.67 -4.94 -12.53
C GLY A 623 -35.42 -6.19 -12.92
N CYS A 624 -36.54 -6.45 -12.26
CA CYS A 624 -37.34 -7.62 -12.60
C CYS A 624 -37.79 -7.59 -14.05
N LEU A 625 -37.89 -6.38 -14.64
CA LEU A 625 -38.28 -6.28 -16.03
C LEU A 625 -37.31 -7.03 -16.93
N GLY A 626 -36.10 -7.28 -16.46
CA GLY A 626 -35.13 -8.06 -17.21
C GLY A 626 -34.67 -9.28 -16.46
N PHE A 627 -35.58 -9.90 -15.70
CA PHE A 627 -35.28 -11.12 -14.96
C PHE A 627 -35.86 -12.30 -15.72
N SER A 628 -34.98 -13.19 -16.21
CA SER A 628 -35.40 -14.25 -17.11
C SER A 628 -36.55 -15.06 -16.51
N TYR A 629 -36.44 -15.43 -15.24
CA TYR A 629 -37.44 -16.26 -14.58
C TYR A 629 -38.49 -15.44 -13.83
N SER A 630 -38.77 -14.22 -14.27
CA SER A 630 -39.76 -13.39 -13.63
C SER A 630 -41.12 -13.58 -14.29
N ARG A 631 -42.18 -13.33 -13.50
CA ARG A 631 -43.54 -13.38 -14.02
C ARG A 631 -43.84 -12.21 -14.94
N PHE A 632 -42.96 -11.21 -15.02
CA PHE A 632 -43.18 -10.00 -15.80
C PHE A 632 -41.95 -9.68 -16.64
N TYR A 633 -41.41 -10.69 -17.31
CA TYR A 633 -40.24 -10.51 -18.16
C TYR A 633 -40.59 -9.59 -19.32
N ALA A 634 -39.98 -8.41 -19.34
CA ALA A 634 -40.21 -7.42 -20.38
C ALA A 634 -38.89 -6.81 -20.84
N LYS A 635 -37.93 -7.68 -21.18
CA LYS A 635 -36.60 -7.24 -21.59
C LYS A 635 -36.59 -5.99 -22.46
N PRO A 636 -37.44 -5.86 -23.47
CA PRO A 636 -37.48 -4.60 -24.24
C PRO A 636 -37.55 -3.38 -23.32
N LEU A 637 -38.58 -3.34 -22.48
CA LEU A 637 -38.78 -2.17 -21.62
C LEU A 637 -37.53 -1.83 -20.84
N ALA A 638 -36.96 -2.81 -20.16
CA ALA A 638 -35.76 -2.56 -19.37
C ALA A 638 -34.66 -1.99 -20.26
N ALA A 639 -34.45 -2.62 -21.42
CA ALA A 639 -33.43 -2.09 -22.33
C ALA A 639 -33.68 -0.62 -22.57
N LEU A 640 -34.93 -0.28 -22.91
CA LEU A 640 -35.26 1.11 -23.20
C LEU A 640 -34.88 1.98 -22.03
N VAL A 641 -35.26 1.56 -20.83
CA VAL A 641 -34.93 2.36 -19.65
C VAL A 641 -33.45 2.68 -19.68
N THR A 642 -32.62 1.64 -19.73
CA THR A 642 -31.18 1.85 -19.69
C THR A 642 -30.76 2.80 -20.80
N HIS A 643 -31.30 2.60 -21.99
CA HIS A 643 -30.89 3.43 -23.12
C HIS A 643 -31.15 4.88 -22.80
N GLN A 644 -32.36 5.17 -22.34
CA GLN A 644 -32.69 6.55 -22.02
C GLN A 644 -31.72 7.09 -20.99
N GLY A 645 -31.41 6.28 -19.98
CA GLY A 645 -30.48 6.75 -18.96
C GLY A 645 -29.17 7.16 -19.59
N ARG A 646 -28.65 6.31 -20.47
CA ARG A 646 -27.40 6.63 -21.14
C ARG A 646 -27.53 7.97 -21.84
N GLU A 647 -28.60 8.12 -22.63
CA GLU A 647 -28.78 9.36 -23.36
C GLU A 647 -28.72 10.53 -22.40
N ILE A 648 -29.43 10.42 -21.28
CA ILE A 648 -29.49 11.52 -20.34
C ILE A 648 -28.09 11.89 -19.91
N LEU A 649 -27.32 10.88 -19.48
CA LEU A 649 -25.98 11.16 -19.01
C LEU A 649 -25.21 11.90 -20.10
N LEU A 650 -25.27 11.39 -21.32
CA LEU A 650 -24.52 12.02 -22.40
C LEU A 650 -24.89 13.49 -22.47
N HIS A 651 -26.19 13.77 -22.52
CA HIS A 651 -26.63 15.14 -22.67
C HIS A 651 -26.06 15.98 -21.55
N THR A 652 -26.14 15.48 -20.33
CA THR A 652 -25.69 16.27 -19.19
C THR A 652 -24.23 16.61 -19.36
N LYS A 653 -23.42 15.61 -19.72
CA LYS A 653 -22.00 15.87 -19.92
C LYS A 653 -21.81 16.96 -20.96
N GLU A 654 -22.52 16.84 -22.08
CA GLU A 654 -22.38 17.84 -23.12
C GLU A 654 -22.66 19.22 -22.56
N MET A 655 -23.75 19.33 -21.79
CA MET A 655 -24.12 20.64 -21.26
C MET A 655 -23.00 21.18 -20.38
N VAL A 656 -22.46 20.32 -19.52
CA VAL A 656 -21.40 20.79 -18.63
C VAL A 656 -20.25 21.33 -19.47
N GLN A 657 -19.92 20.61 -20.55
CA GLN A 657 -18.80 21.07 -21.37
C GLN A 657 -19.13 22.37 -22.08
N LYS A 658 -20.40 22.54 -22.45
CA LYS A 658 -20.83 23.80 -23.04
C LYS A 658 -20.73 24.94 -22.04
N MET A 659 -20.74 24.64 -20.75
CA MET A 659 -20.52 25.66 -19.74
C MET A 659 -19.04 25.90 -19.47
N ASN A 660 -18.16 25.29 -20.26
CA ASN A 660 -16.71 25.48 -20.13
C ASN A 660 -16.17 24.97 -18.80
N LEU A 661 -16.82 23.96 -18.23
CA LEU A 661 -16.32 23.26 -17.06
C LEU A 661 -15.55 22.02 -17.51
N GLU A 662 -15.07 21.25 -16.54
CA GLU A 662 -14.35 20.01 -16.81
C GLU A 662 -15.08 18.84 -16.16
N VAL A 663 -15.32 17.79 -16.94
CA VAL A 663 -15.98 16.58 -16.46
C VAL A 663 -14.94 15.47 -16.45
N ILE A 664 -14.82 14.80 -15.30
CA ILE A 664 -13.75 13.83 -15.10
C ILE A 664 -14.26 12.44 -14.72
N TYR A 665 -15.55 12.25 -14.52
CA TYR A 665 -16.06 10.93 -14.17
C TYR A 665 -17.58 10.96 -14.13
N GLY A 666 -18.19 9.79 -14.35
CA GLY A 666 -19.61 9.63 -14.23
C GLY A 666 -20.03 8.18 -14.32
N ASP A 667 -20.88 7.72 -13.40
CA ASP A 667 -21.30 6.32 -13.35
C ASP A 667 -22.83 6.26 -13.45
N THR A 668 -23.32 6.36 -14.68
CA THR A 668 -24.68 6.00 -15.06
C THR A 668 -25.76 6.96 -14.54
N ASP A 669 -25.43 7.79 -13.55
CA ASP A 669 -26.34 8.88 -13.21
C ASP A 669 -25.63 10.12 -12.67
N SER A 670 -24.30 10.14 -12.62
CA SER A 670 -23.57 11.16 -11.88
C SER A 670 -22.49 11.78 -12.76
N ILE A 671 -22.10 13.00 -12.40
CA ILE A 671 -21.00 13.70 -13.05
C ILE A 671 -20.14 14.35 -11.99
N MET A 672 -18.83 14.17 -12.10
CA MET A 672 -17.87 14.86 -11.25
C MET A 672 -17.26 16.01 -12.04
N ILE A 673 -17.31 17.21 -11.47
CA ILE A 673 -16.83 18.43 -12.12
C ILE A 673 -15.67 18.98 -11.31
N ASN A 674 -14.57 19.29 -11.99
CA ASN A 674 -13.41 19.89 -11.38
C ASN A 674 -13.62 21.40 -11.33
N THR A 675 -14.05 21.89 -10.16
CA THR A 675 -14.38 23.31 -10.04
C THR A 675 -13.16 24.19 -10.26
N ASN A 676 -11.95 23.68 -10.00
CA ASN A 676 -10.73 24.45 -10.14
C ASN A 676 -10.79 25.72 -9.30
N CYS A 677 -11.34 25.60 -8.09
CA CYS A 677 -11.51 26.73 -7.19
C CYS A 677 -11.27 26.27 -5.77
N ASN A 678 -11.06 27.25 -4.88
CA ASN A 678 -10.86 26.97 -3.46
C ASN A 678 -11.79 27.75 -2.56
N ASN A 679 -12.74 28.51 -3.12
CA ASN A 679 -13.72 29.28 -2.35
C ASN A 679 -15.01 28.47 -2.29
N LEU A 680 -15.23 27.80 -1.17
CA LEU A 680 -16.37 26.89 -1.05
C LEU A 680 -17.67 27.56 -1.47
N GLU A 681 -17.92 28.75 -0.96
CA GLU A 681 -19.16 29.44 -1.30
C GLU A 681 -19.34 29.51 -2.82
N GLU A 682 -18.30 29.97 -3.52
CA GLU A 682 -18.39 30.07 -4.97
C GLU A 682 -18.73 28.72 -5.58
N VAL A 683 -18.07 27.66 -5.09
CA VAL A 683 -18.35 26.33 -5.60
C VAL A 683 -19.84 26.05 -5.48
N PHE A 684 -20.40 26.30 -4.29
CA PHE A 684 -21.82 26.05 -4.09
C PHE A 684 -22.63 26.84 -5.08
N LYS A 685 -22.27 28.10 -5.31
CA LYS A 685 -22.99 28.90 -6.28
C LYS A 685 -23.03 28.16 -7.61
N LEU A 686 -21.86 27.75 -8.09
CA LEU A 686 -21.79 27.05 -9.36
C LEU A 686 -22.69 25.83 -9.33
N GLY A 687 -22.65 25.10 -8.22
CA GLY A 687 -23.50 23.94 -8.11
C GLY A 687 -24.87 24.42 -8.49
N ASN A 688 -25.44 25.27 -7.65
CA ASN A 688 -26.81 25.71 -7.89
C ASN A 688 -27.01 26.00 -9.36
N ARG A 689 -26.11 26.80 -9.95
CA ARG A 689 -26.33 27.25 -11.31
C ARG A 689 -26.54 26.06 -12.23
N VAL A 690 -25.52 25.21 -12.32
CA VAL A 690 -25.60 24.07 -13.22
C VAL A 690 -26.81 23.22 -12.87
N LYS A 691 -27.07 23.03 -11.58
CA LYS A 691 -28.23 22.24 -11.19
C LYS A 691 -29.45 22.75 -11.93
N SER A 692 -29.75 24.04 -11.72
CA SER A 692 -30.92 24.63 -12.34
C SER A 692 -30.88 24.39 -13.84
N GLU A 693 -29.73 24.65 -14.45
CA GLU A 693 -29.64 24.51 -15.90
C GLU A 693 -30.14 23.14 -16.31
N ILE A 694 -29.59 22.10 -15.68
CA ILE A 694 -29.96 20.74 -16.04
C ILE A 694 -31.45 20.54 -15.83
N ASN A 695 -31.95 20.97 -14.67
CA ASN A 695 -33.36 20.73 -14.38
C ASN A 695 -34.24 21.37 -15.44
N LYS A 696 -33.75 22.45 -16.05
CA LYS A 696 -34.57 23.19 -17.00
C LYS A 696 -34.98 22.34 -18.18
N SER A 697 -34.30 21.22 -18.42
CA SER A 697 -34.62 20.38 -19.56
C SER A 697 -35.60 19.25 -19.24
N TYR A 698 -35.88 19.00 -17.96
CA TYR A 698 -36.68 17.85 -17.57
C TYR A 698 -37.85 18.27 -16.68
N LYS A 699 -38.88 17.43 -16.65
CA LYS A 699 -40.07 17.70 -15.86
C LYS A 699 -39.99 17.08 -14.48
N LEU A 700 -39.82 15.75 -14.41
CA LEU A 700 -39.76 15.03 -13.14
C LEU A 700 -38.34 14.69 -12.72
N LEU A 701 -37.41 14.55 -13.67
CA LEU A 701 -36.04 14.27 -13.31
C LEU A 701 -35.43 15.46 -12.58
N GLU A 702 -34.54 15.16 -11.63
CA GLU A 702 -33.88 16.18 -10.84
C GLU A 702 -32.43 15.77 -10.59
N ILE A 703 -31.56 16.77 -10.48
CA ILE A 703 -30.16 16.58 -10.18
C ILE A 703 -29.82 17.39 -8.94
N ASP A 704 -28.97 16.84 -8.08
CA ASP A 704 -28.65 17.47 -6.81
C ASP A 704 -27.17 17.29 -6.52
N ILE A 705 -26.68 18.08 -5.56
CA ILE A 705 -25.29 18.02 -5.14
C ILE A 705 -25.15 16.85 -4.19
N ASP A 706 -24.52 15.77 -4.64
CA ASP A 706 -24.36 14.58 -3.83
C ASP A 706 -23.11 14.64 -2.95
N GLY A 707 -22.32 15.70 -3.05
CA GLY A 707 -21.16 15.85 -2.19
C GLY A 707 -20.12 16.78 -2.76
N ILE A 708 -19.39 17.47 -1.88
CA ILE A 708 -18.29 18.33 -2.25
C ILE A 708 -17.03 17.70 -1.67
N PHE A 709 -16.13 17.25 -2.54
CA PHE A 709 -14.90 16.60 -2.12
C PHE A 709 -13.78 17.64 -2.06
N LYS A 710 -13.16 17.77 -0.88
CA LYS A 710 -12.02 18.68 -0.77
C LYS A 710 -10.85 18.20 -1.61
N SER A 711 -10.55 16.91 -1.55
CA SER A 711 -9.51 16.29 -2.37
C SER A 711 -10.04 14.99 -2.95
N LEU A 712 -9.47 14.60 -4.09
CA LEU A 712 -9.93 13.40 -4.79
C LEU A 712 -8.72 12.63 -5.31
N LEU A 713 -8.81 11.30 -5.22
CA LEU A 713 -7.78 10.39 -5.74
C LEU A 713 -8.50 9.38 -6.64
N LEU A 714 -8.61 9.71 -7.92
CA LEU A 714 -9.36 8.89 -8.86
C LEU A 714 -8.41 7.92 -9.55
N LEU A 715 -8.53 6.64 -9.21
CA LEU A 715 -7.60 5.62 -9.70
C LEU A 715 -8.10 4.96 -10.98
N LYS A 716 -9.27 4.34 -10.91
CA LYS A 716 -9.84 3.64 -12.06
C LYS A 716 -11.36 3.75 -11.99
N LYS A 717 -12.01 3.29 -13.06
CA LYS A 717 -13.46 3.25 -13.09
C LYS A 717 -14.00 2.61 -11.84
N LYS A 718 -14.86 3.34 -11.13
CA LYS A 718 -15.50 2.83 -9.92
C LYS A 718 -14.48 2.44 -8.87
N LYS A 719 -13.42 3.23 -8.73
CA LYS A 719 -12.43 3.04 -7.67
C LYS A 719 -11.82 4.40 -7.36
N TYR A 720 -12.21 5.00 -6.24
CA TYR A 720 -11.70 6.31 -5.88
C TYR A 720 -11.89 6.55 -4.39
N ALA A 721 -11.25 7.62 -3.91
CA ALA A 721 -11.36 8.05 -2.52
C ALA A 721 -11.42 9.57 -2.49
N ALA A 722 -12.00 10.11 -1.43
CA ALA A 722 -12.19 11.55 -1.32
C ALA A 722 -12.41 11.93 0.13
N LEU A 723 -12.41 13.24 0.37
CA LEU A 723 -12.72 13.83 1.66
C LEU A 723 -14.00 14.64 1.49
N THR A 724 -15.14 14.03 1.82
CA THR A 724 -16.41 14.72 1.69
C THR A 724 -16.48 15.89 2.66
N VAL A 725 -17.02 17.01 2.19
CA VAL A 725 -17.08 18.25 2.95
C VAL A 725 -18.51 18.40 3.46
N GLU A 726 -18.68 18.34 4.78
CA GLU A 726 -19.96 18.57 5.41
C GLU A 726 -19.97 19.96 6.02
N PRO A 727 -20.77 20.90 5.52
CA PRO A 727 -20.73 22.26 6.07
C PRO A 727 -21.47 22.36 7.39
N THR A 728 -20.85 23.03 8.35
CA THR A 728 -21.46 23.26 9.66
C THR A 728 -22.12 24.63 9.78
N GLY A 729 -21.61 25.62 9.08
CA GLY A 729 -22.17 26.96 9.12
C GLY A 729 -21.07 28.00 9.24
N ASP A 730 -21.44 29.25 8.94
CA ASP A 730 -20.51 30.39 9.04
C ASP A 730 -19.27 30.17 8.18
N GLY A 731 -19.39 29.37 7.13
CA GLY A 731 -18.28 29.06 6.26
C GLY A 731 -17.39 27.92 6.73
N LYS A 732 -17.54 27.48 7.97
CA LYS A 732 -16.76 26.36 8.46
C LYS A 732 -17.34 25.04 7.96
N TYR A 733 -16.51 24.01 7.95
CA TYR A 733 -16.92 22.71 7.46
C TYR A 733 -16.01 21.64 8.03
N VAL A 734 -16.56 20.44 8.17
CA VAL A 734 -15.80 19.28 8.60
C VAL A 734 -15.57 18.38 7.38
N THR A 735 -14.56 17.53 7.48
CA THR A 735 -14.19 16.62 6.40
C THR A 735 -14.29 15.19 6.89
N LYS A 736 -14.90 14.33 6.07
CA LYS A 736 -15.07 12.92 6.39
C LYS A 736 -14.51 12.08 5.26
N GLN A 737 -13.69 11.10 5.60
CA GLN A 737 -13.07 10.25 4.59
C GLN A 737 -14.10 9.32 3.97
N GLU A 738 -14.10 9.22 2.64
CA GLU A 738 -15.03 8.38 1.90
C GLU A 738 -14.26 7.58 0.87
N LEU A 739 -14.54 6.28 0.80
CA LEU A 739 -13.88 5.37 -0.13
C LEU A 739 -14.93 4.62 -0.93
N LYS A 740 -14.66 4.40 -2.21
CA LYS A 740 -15.59 3.72 -3.10
C LYS A 740 -14.80 2.80 -4.02
N GLY A 741 -14.85 1.50 -3.75
CA GLY A 741 -14.31 0.50 -4.63
C GLY A 741 -12.86 0.13 -4.39
N LEU A 742 -12.16 0.83 -3.51
CA LEU A 742 -10.78 0.49 -3.25
C LEU A 742 -10.68 -0.86 -2.56
N ASP A 743 -9.53 -1.52 -2.73
CA ASP A 743 -9.32 -2.80 -2.07
C ASP A 743 -9.47 -2.68 -0.56
N ILE A 744 -9.22 -1.48 -0.02
CA ILE A 744 -9.34 -1.27 1.42
C ILE A 744 -10.76 -1.51 1.91
N VAL A 745 -11.74 -1.47 1.01
CA VAL A 745 -13.13 -1.71 1.40
C VAL A 745 -13.60 -3.03 0.80
N ARG A 746 -12.68 -3.96 0.60
CA ARG A 746 -13.00 -5.30 0.11
C ARG A 746 -12.60 -6.33 1.14
N ARG A 747 -13.38 -7.40 1.23
CA ARG A 747 -13.20 -8.41 2.26
C ARG A 747 -12.23 -9.52 1.87
N ASP A 748 -11.73 -9.52 0.64
CA ASP A 748 -10.85 -10.59 0.16
C ASP A 748 -9.37 -10.27 0.36
N TRP A 749 -9.05 -9.23 1.11
CA TRP A 749 -7.66 -8.85 1.39
C TRP A 749 -7.41 -8.92 2.88
N CYS A 750 -6.17 -9.25 3.25
CA CYS A 750 -5.82 -9.38 4.65
C CYS A 750 -5.94 -8.03 5.35
N GLU A 751 -6.53 -8.05 6.55
CA GLU A 751 -6.79 -6.81 7.27
C GLU A 751 -5.53 -5.96 7.38
N LEU A 752 -4.39 -6.58 7.68
CA LEU A 752 -3.13 -5.85 7.72
C LEU A 752 -3.03 -4.91 6.51
N ALA A 753 -3.02 -5.49 5.32
CA ALA A 753 -2.87 -4.70 4.11
C ALA A 753 -3.89 -3.57 4.09
N LYS A 754 -5.15 -3.90 4.39
CA LYS A 754 -6.18 -2.88 4.37
C LYS A 754 -5.77 -1.70 5.23
N GLN A 755 -5.40 -1.96 6.48
CA GLN A 755 -5.01 -0.89 7.37
C GLN A 755 -3.88 -0.08 6.76
N ALA A 756 -2.87 -0.77 6.23
CA ALA A 756 -1.77 -0.04 5.62
C ALA A 756 -2.30 0.93 4.59
N GLY A 757 -3.13 0.42 3.68
CA GLY A 757 -3.66 1.28 2.64
C GLY A 757 -4.42 2.45 3.21
N ASN A 758 -5.19 2.20 4.26
CA ASN A 758 -5.96 3.28 4.86
C ASN A 758 -5.02 4.37 5.32
N TYR A 759 -3.96 4.00 6.02
CA TYR A 759 -2.98 4.99 6.46
C TYR A 759 -2.48 5.77 5.25
N VAL A 760 -2.11 5.05 4.19
CA VAL A 760 -1.57 5.73 3.02
C VAL A 760 -2.57 6.76 2.52
N ILE A 761 -3.84 6.36 2.47
CA ILE A 761 -4.86 7.26 1.97
C ILE A 761 -4.94 8.50 2.85
N SER A 762 -4.93 8.28 4.17
CA SER A 762 -5.00 9.41 5.08
C SER A 762 -3.84 10.36 4.86
N GLN A 763 -2.70 9.82 4.42
CA GLN A 763 -1.56 10.69 4.16
C GLN A 763 -1.73 11.41 2.82
N ILE A 764 -2.29 10.72 1.83
CA ILE A 764 -2.34 11.27 0.47
C ILE A 764 -3.38 12.37 0.39
N LEU A 765 -4.50 12.21 1.09
CA LEU A 765 -5.62 13.13 0.99
C LEU A 765 -5.50 14.33 1.93
N SER A 766 -4.45 14.40 2.73
CA SER A 766 -4.29 15.49 3.69
C SER A 766 -3.74 16.73 2.98
N ASP A 767 -3.36 17.74 3.75
CA ASP A 767 -2.82 18.98 3.22
C ASP A 767 -1.33 19.16 3.50
N GLN A 768 -0.66 18.11 3.96
CA GLN A 768 0.76 18.22 4.26
C GLN A 768 1.57 18.35 2.97
N PRO A 769 2.76 18.95 3.03
CA PRO A 769 3.60 19.02 1.83
C PRO A 769 3.95 17.64 1.32
N ARG A 770 3.92 17.49 -0.01
CA ARG A 770 4.01 16.17 -0.61
C ARG A 770 5.23 15.41 -0.12
N ASP A 771 6.38 16.08 -0.08
CA ASP A 771 7.60 15.40 0.36
C ASP A 771 7.37 14.75 1.72
N SER A 772 6.88 15.53 2.68
CA SER A 772 6.65 14.97 4.00
C SER A 772 5.70 13.79 3.92
N ILE A 773 4.62 13.92 3.13
CA ILE A 773 3.70 12.80 2.95
C ILE A 773 4.50 11.55 2.61
N VAL A 774 5.32 11.64 1.55
CA VAL A 774 6.07 10.48 1.11
C VAL A 774 6.90 9.93 2.25
N GLU A 775 7.59 10.82 2.97
CA GLU A 775 8.43 10.36 4.06
C GLU A 775 7.61 9.52 5.02
N ASN A 776 6.48 10.07 5.45
CA ASN A 776 5.64 9.36 6.41
C ASN A 776 5.26 8.00 5.86
N ILE A 777 4.86 7.95 4.59
CA ILE A 777 4.46 6.68 4.01
C ILE A 777 5.60 5.69 4.18
N GLN A 778 6.80 6.10 3.77
CA GLN A 778 7.94 5.21 3.88
C GLN A 778 8.04 4.69 5.30
N LYS A 779 8.02 5.60 6.27
CA LYS A 779 8.20 5.20 7.65
C LYS A 779 7.20 4.09 7.97
N LYS A 780 5.92 4.35 7.69
CA LYS A 780 4.90 3.41 8.07
C LYS A 780 5.18 2.06 7.44
N LEU A 781 5.53 2.07 6.16
CA LEU A 781 5.74 0.80 5.47
C LEU A 781 6.85 0.03 6.15
N THR A 782 7.95 0.72 6.48
CA THR A 782 9.05 0.03 7.12
C THR A 782 8.59 -0.56 8.45
N GLU A 783 7.80 0.22 9.20
CA GLU A 783 7.28 -0.29 10.45
C GLU A 783 6.57 -1.62 10.19
N ILE A 784 5.68 -1.62 9.20
CA ILE A 784 4.92 -2.83 8.90
C ILE A 784 5.88 -3.97 8.63
N GLY A 785 6.90 -3.70 7.81
CA GLY A 785 7.84 -4.76 7.49
C GLY A 785 8.40 -5.37 8.75
N GLU A 786 8.88 -4.52 9.66
CA GLU A 786 9.46 -5.05 10.89
C GLU A 786 8.42 -5.85 11.65
N ASN A 787 7.20 -5.32 11.75
CA ASN A 787 6.17 -5.99 12.54
C ASN A 787 5.88 -7.35 11.98
N VAL A 788 6.08 -7.54 10.67
CA VAL A 788 5.88 -8.85 10.09
C VAL A 788 7.08 -9.74 10.37
N THR A 789 8.28 -9.18 10.22
CA THR A 789 9.48 -10.00 10.34
C THR A 789 9.61 -10.56 11.75
N ASN A 790 9.25 -9.76 12.76
CA ASN A 790 9.29 -10.22 14.14
C ASN A 790 8.04 -10.98 14.54
N GLY A 791 7.05 -11.09 13.65
CA GLY A 791 5.84 -11.81 13.98
C GLY A 791 5.04 -11.20 15.11
N THR A 792 5.09 -9.87 15.26
CA THR A 792 4.36 -9.20 16.32
C THR A 792 2.90 -8.95 15.97
N VAL A 793 2.55 -8.96 14.69
CA VAL A 793 1.19 -8.58 14.30
C VAL A 793 0.22 -9.62 14.86
N PRO A 794 -0.96 -9.21 15.37
CA PRO A 794 -1.92 -10.20 15.86
C PRO A 794 -2.35 -11.15 14.76
N ILE A 795 -2.52 -12.42 15.14
CA ILE A 795 -2.88 -13.45 14.17
C ILE A 795 -4.18 -13.09 13.47
N THR A 796 -5.10 -12.43 14.19
CA THR A 796 -6.39 -12.09 13.60
C THR A 796 -6.22 -11.23 12.35
N GLN A 797 -5.11 -10.50 12.24
CA GLN A 797 -4.90 -9.61 11.11
C GLN A 797 -4.37 -10.33 9.88
N TYR A 798 -4.05 -11.62 9.98
CA TYR A 798 -3.53 -12.38 8.86
C TYR A 798 -4.61 -13.14 8.10
N GLU A 799 -5.87 -12.96 8.46
CA GLU A 799 -6.95 -13.76 7.90
C GLU A 799 -7.49 -13.13 6.62
N ILE A 800 -7.90 -13.99 5.69
CA ILE A 800 -8.56 -13.59 4.46
C ILE A 800 -9.91 -14.31 4.40
N ASN A 801 -10.97 -13.56 4.09
CA ASN A 801 -12.33 -14.08 4.11
C ASN A 801 -12.88 -14.14 2.71
N LYS A 802 -13.59 -15.24 2.40
CA LYS A 802 -14.19 -15.41 1.09
C LYS A 802 -15.46 -16.23 1.23
N ALA A 803 -16.46 -15.91 0.41
CA ALA A 803 -17.75 -16.57 0.44
C ALA A 803 -17.82 -17.67 -0.61
N LEU A 804 -18.72 -18.63 -0.38
CA LEU A 804 -18.91 -19.76 -1.27
C LEU A 804 -20.21 -19.58 -2.05
N THR A 805 -20.10 -19.55 -3.38
CA THR A 805 -21.30 -19.46 -4.21
C THR A 805 -22.02 -20.80 -4.30
N LYS A 806 -21.27 -21.90 -4.33
CA LYS A 806 -21.82 -23.25 -4.37
C LYS A 806 -21.40 -24.00 -3.12
N ASP A 807 -21.82 -25.25 -3.04
CA ASP A 807 -21.38 -26.11 -1.95
C ASP A 807 -19.91 -26.45 -2.13
N PRO A 808 -19.23 -26.85 -1.04
CA PRO A 808 -17.80 -27.15 -1.17
C PRO A 808 -17.49 -28.22 -2.20
N GLN A 809 -18.36 -29.20 -2.38
CA GLN A 809 -18.06 -30.33 -3.25
C GLN A 809 -18.16 -29.95 -4.73
N ASP A 810 -19.04 -29.03 -5.09
CA ASP A 810 -19.31 -28.76 -6.49
C ASP A 810 -18.08 -28.19 -7.20
N TYR A 811 -17.21 -27.50 -6.48
CA TYR A 811 -16.04 -26.90 -7.11
C TYR A 811 -15.12 -28.00 -7.65
N PRO A 812 -14.74 -27.97 -8.93
CA PRO A 812 -13.81 -28.97 -9.46
C PRO A 812 -12.35 -28.67 -9.20
N ASP A 813 -12.02 -27.58 -8.51
CA ASP A 813 -10.64 -27.15 -8.28
C ASP A 813 -10.34 -27.13 -6.78
N LYS A 814 -10.76 -28.20 -6.10
CA LYS A 814 -10.57 -28.30 -4.66
C LYS A 814 -9.16 -27.96 -4.22
N LYS A 815 -8.17 -28.17 -5.09
CA LYS A 815 -6.78 -27.83 -4.78
C LYS A 815 -6.48 -26.37 -5.08
N SER A 816 -6.82 -25.92 -6.29
CA SER A 816 -6.40 -24.59 -6.72
C SER A 816 -7.11 -23.49 -5.93
N LEU A 817 -8.36 -23.71 -5.54
CA LEU A 817 -9.11 -22.68 -4.83
C LEU A 817 -8.85 -22.81 -3.33
N PRO A 818 -8.25 -21.80 -2.68
CA PRO A 818 -7.88 -21.95 -1.26
C PRO A 818 -9.07 -22.04 -0.33
N HIS A 819 -9.98 -21.07 -0.43
CA HIS A 819 -11.11 -21.05 0.49
C HIS A 819 -11.88 -22.35 0.43
N VAL A 820 -12.14 -22.86 -0.77
CA VAL A 820 -12.82 -24.13 -0.91
C VAL A 820 -12.07 -25.21 -0.13
N HIS A 821 -10.75 -25.27 -0.31
CA HIS A 821 -9.96 -26.23 0.43
C HIS A 821 -10.27 -26.13 1.92
N VAL A 822 -10.21 -24.91 2.46
CA VAL A 822 -10.46 -24.75 3.89
C VAL A 822 -11.83 -25.29 4.23
N ALA A 823 -12.82 -24.95 3.41
CA ALA A 823 -14.18 -25.40 3.68
C ALA A 823 -14.20 -26.92 3.77
N LEU A 824 -13.54 -27.58 2.82
CA LEU A 824 -13.50 -29.03 2.84
C LEU A 824 -12.95 -29.52 4.15
N TRP A 825 -11.83 -28.94 4.59
CA TRP A 825 -11.25 -29.36 5.85
C TRP A 825 -12.27 -29.23 6.97
N ILE A 826 -12.98 -28.11 6.99
CA ILE A 826 -13.95 -27.89 8.06
C ILE A 826 -15.01 -28.98 8.02
N ASN A 827 -15.48 -29.31 6.82
CA ASN A 827 -16.52 -30.33 6.70
C ASN A 827 -15.98 -31.68 7.11
N SER A 828 -14.67 -31.88 6.96
CA SER A 828 -14.05 -33.11 7.42
C SER A 828 -13.91 -33.16 8.92
N GLN A 829 -13.87 -32.00 9.58
CA GLN A 829 -13.78 -31.99 11.03
C GLN A 829 -15.13 -32.37 11.64
N GLY A 830 -15.19 -32.37 12.97
CA GLY A 830 -16.37 -32.82 13.68
C GLY A 830 -17.24 -31.70 14.22
N GLY A 831 -17.47 -30.68 13.40
CA GLY A 831 -18.30 -29.56 13.82
C GLY A 831 -19.38 -29.24 12.82
N ARG A 832 -20.05 -28.10 13.00
CA ARG A 832 -21.09 -27.68 12.08
C ARG A 832 -20.50 -27.48 10.69
N LYS A 833 -21.22 -27.96 9.68
CA LYS A 833 -20.73 -27.92 8.32
C LYS A 833 -20.92 -26.53 7.71
N VAL A 834 -20.17 -26.27 6.64
CA VAL A 834 -20.22 -25.00 5.92
C VAL A 834 -20.87 -25.26 4.57
N LYS A 835 -21.84 -24.43 4.22
CA LYS A 835 -22.62 -24.61 3.00
C LYS A 835 -22.59 -23.32 2.18
N ALA A 836 -23.19 -23.37 1.00
CA ALA A 836 -23.15 -22.24 0.09
C ALA A 836 -23.67 -20.99 0.76
N GLY A 837 -22.93 -19.88 0.58
CA GLY A 837 -23.25 -18.63 1.20
C GLY A 837 -22.53 -18.38 2.52
N ASP A 838 -21.91 -19.39 3.10
CA ASP A 838 -21.21 -19.23 4.36
C ASP A 838 -19.77 -18.78 4.11
N THR A 839 -19.39 -17.65 4.68
CA THR A 839 -18.05 -17.12 4.52
C THR A 839 -17.06 -17.97 5.30
N ILE A 840 -15.87 -18.14 4.72
CA ILE A 840 -14.79 -18.92 5.33
C ILE A 840 -13.57 -18.03 5.43
N SER A 841 -12.89 -18.10 6.57
CA SER A 841 -11.67 -17.33 6.83
C SER A 841 -10.49 -18.29 6.86
N TYR A 842 -9.43 -17.93 6.13
CA TYR A 842 -8.26 -18.78 6.02
C TYR A 842 -6.99 -17.96 6.09
N VAL A 843 -5.89 -18.63 6.41
CA VAL A 843 -4.57 -18.03 6.44
C VAL A 843 -3.65 -18.86 5.56
N ILE A 844 -2.63 -18.20 5.01
CA ILE A 844 -1.65 -18.85 4.15
C ILE A 844 -0.37 -19.01 4.96
N CYS A 845 0.14 -20.25 5.01
CA CYS A 845 1.19 -20.65 5.93
C CYS A 845 2.29 -21.40 5.19
N GLN A 846 3.30 -21.82 5.94
CA GLN A 846 4.40 -22.62 5.43
C GLN A 846 4.36 -24.01 6.06
N ASP A 847 4.59 -25.02 5.23
CA ASP A 847 4.59 -26.40 5.70
C ASP A 847 5.74 -27.24 5.14
N GLY A 848 6.59 -26.67 4.29
CA GLY A 848 7.61 -27.45 3.64
C GLY A 848 7.14 -28.20 2.42
N SER A 849 5.90 -28.00 1.99
CA SER A 849 5.38 -28.70 0.83
C SER A 849 5.95 -28.18 -0.48
N ASN A 850 6.46 -26.93 -0.50
CA ASN A 850 7.00 -26.32 -1.70
C ASN A 850 5.96 -26.23 -2.81
N LEU A 851 4.71 -26.03 -2.43
CA LEU A 851 3.61 -25.86 -3.37
C LEU A 851 3.26 -24.38 -3.52
N SER A 852 2.37 -24.10 -4.47
CA SER A 852 1.94 -22.73 -4.68
C SER A 852 1.10 -22.25 -3.50
N ALA A 853 1.08 -20.93 -3.31
CA ALA A 853 0.36 -20.35 -2.19
C ALA A 853 -1.11 -20.80 -2.19
N SER A 854 -1.71 -20.91 -3.37
CA SER A 854 -3.12 -21.27 -3.46
C SER A 854 -3.41 -22.63 -2.83
N GLN A 855 -2.40 -23.49 -2.70
CA GLN A 855 -2.58 -24.82 -2.12
C GLN A 855 -2.15 -24.90 -0.66
N ARG A 856 -1.70 -23.79 -0.07
CA ARG A 856 -1.21 -23.79 1.31
C ARG A 856 -2.13 -23.06 2.26
N ALA A 857 -3.41 -22.93 1.92
CA ALA A 857 -4.36 -22.31 2.82
C ALA A 857 -4.63 -23.21 4.03
N TYR A 858 -4.91 -22.58 5.17
CA TYR A 858 -5.20 -23.31 6.39
C TYR A 858 -6.11 -22.48 7.27
N ALA A 859 -6.95 -23.17 8.05
CA ALA A 859 -7.80 -22.49 9.00
C ALA A 859 -6.97 -21.95 10.17
N GLN A 860 -7.37 -20.80 10.69
CA GLN A 860 -6.60 -20.16 11.76
C GLN A 860 -6.40 -21.12 12.93
N GLU A 861 -7.49 -21.75 13.38
CA GLU A 861 -7.37 -22.71 14.46
C GLU A 861 -6.30 -23.75 14.14
N GLN A 862 -6.32 -24.28 12.92
CA GLN A 862 -5.31 -25.27 12.54
C GLN A 862 -3.92 -24.74 12.78
N LEU A 863 -3.66 -23.49 12.35
CA LEU A 863 -2.35 -22.91 12.57
C LEU A 863 -2.04 -22.85 14.06
N GLN A 864 -3.00 -22.45 14.88
CA GLN A 864 -2.75 -22.38 16.32
C GLN A 864 -2.53 -23.76 16.92
N LYS A 865 -2.95 -24.82 16.23
CA LYS A 865 -2.90 -26.17 16.78
C LYS A 865 -1.65 -26.92 16.34
N GLN A 866 -1.47 -27.09 15.04
CA GLN A 866 -0.35 -27.86 14.53
C GLN A 866 0.98 -27.17 14.84
N GLU A 867 2.02 -27.99 15.00
CA GLU A 867 3.34 -27.50 15.37
C GLU A 867 4.28 -27.41 14.18
N ASN A 868 3.76 -27.54 12.95
CA ASN A 868 4.58 -27.46 11.74
C ASN A 868 4.21 -26.29 10.84
N LEU A 869 3.16 -25.55 11.17
CA LEU A 869 2.66 -24.48 10.31
C LEU A 869 3.04 -23.12 10.90
N SER A 870 3.61 -22.26 10.05
CA SER A 870 3.94 -20.90 10.43
C SER A 870 3.49 -19.95 9.32
N ILE A 871 3.14 -18.72 9.71
CA ILE A 871 2.60 -17.77 8.75
C ILE A 871 3.66 -17.45 7.71
N ASP A 872 3.23 -17.40 6.45
CA ASP A 872 4.13 -17.16 5.32
C ASP A 872 4.31 -15.64 5.16
N THR A 873 5.12 -15.08 6.06
CA THR A 873 5.40 -13.65 6.04
C THR A 873 5.63 -13.15 4.61
N GLN A 874 6.59 -13.76 3.93
CA GLN A 874 6.89 -13.37 2.55
C GLN A 874 5.61 -13.10 1.77
N TYR A 875 4.73 -14.10 1.68
CA TYR A 875 3.53 -13.96 0.87
C TYR A 875 2.78 -12.69 1.25
N TYR A 876 2.51 -12.52 2.55
CA TYR A 876 1.71 -11.37 2.96
C TYR A 876 2.39 -10.06 2.61
N LEU A 877 3.72 -10.02 2.66
CA LEU A 877 4.42 -8.80 2.30
C LEU A 877 4.52 -8.59 0.79
N SER A 878 4.33 -9.66 0.01
CA SER A 878 4.60 -9.61 -1.42
C SER A 878 3.37 -9.54 -2.30
N GLN A 879 2.25 -10.13 -1.86
CA GLN A 879 1.05 -10.20 -2.66
C GLN A 879 -0.18 -9.63 -1.99
N GLN A 880 -0.06 -9.10 -0.77
CA GLN A 880 -1.17 -8.48 -0.08
C GLN A 880 -0.94 -7.00 0.21
N VAL A 881 0.18 -6.65 0.83
CA VAL A 881 0.46 -5.25 1.14
C VAL A 881 0.95 -4.52 -0.11
N HIS A 882 1.97 -5.08 -0.76
CA HIS A 882 2.60 -4.38 -1.88
C HIS A 882 1.62 -4.08 -3.00
N PRO A 883 0.81 -5.03 -3.49
CA PRO A 883 -0.11 -4.69 -4.57
C PRO A 883 -1.02 -3.53 -4.21
N VAL A 884 -1.77 -3.70 -3.11
CA VAL A 884 -2.71 -2.67 -2.68
C VAL A 884 -2.01 -1.31 -2.65
N VAL A 885 -0.94 -1.22 -1.87
CA VAL A 885 -0.27 0.05 -1.72
C VAL A 885 0.11 0.61 -3.09
N ALA A 886 0.66 -0.24 -3.95
CA ALA A 886 1.09 0.24 -5.25
C ALA A 886 -0.08 0.85 -6.00
N ARG A 887 -1.23 0.16 -5.99
CA ARG A 887 -2.38 0.64 -6.73
C ARG A 887 -2.91 1.93 -6.13
N ILE A 888 -2.67 2.14 -4.84
CA ILE A 888 -3.08 3.39 -4.23
C ILE A 888 -2.09 4.51 -4.53
N CYS A 889 -0.84 4.17 -4.85
CA CYS A 889 0.21 5.15 -5.08
C CYS A 889 0.54 5.35 -6.55
N GLU A 890 -0.22 4.74 -7.46
CA GLU A 890 0.11 4.85 -8.87
C GLU A 890 0.12 6.27 -9.37
N PRO A 891 -0.89 7.10 -9.10
CA PRO A 891 -0.89 8.47 -9.62
C PRO A 891 -0.11 9.47 -8.78
N ILE A 892 0.49 9.02 -7.67
CA ILE A 892 1.23 9.92 -6.79
C ILE A 892 2.69 9.93 -7.23
N ASP A 893 3.20 11.12 -7.50
CA ASP A 893 4.58 11.24 -7.94
C ASP A 893 5.55 10.99 -6.79
N GLY A 894 6.61 10.24 -7.06
CA GLY A 894 7.63 9.93 -6.09
C GLY A 894 7.55 8.54 -5.51
N ILE A 895 6.42 7.85 -5.68
CA ILE A 895 6.25 6.50 -5.18
C ILE A 895 5.98 5.58 -6.37
N ASP A 896 6.80 4.53 -6.49
CA ASP A 896 6.61 3.52 -7.52
C ASP A 896 6.80 2.14 -6.88
N SER A 897 6.25 1.13 -7.55
CA SER A 897 6.28 -0.24 -7.03
C SER A 897 7.63 -0.58 -6.41
N ALA A 898 8.70 -0.48 -7.22
CA ALA A 898 10.03 -0.77 -6.73
C ALA A 898 10.25 -0.19 -5.33
N LEU A 899 10.13 1.13 -5.21
CA LEU A 899 10.38 1.79 -3.94
C LEU A 899 9.58 1.12 -2.83
N ILE A 900 8.28 0.93 -3.04
CA ILE A 900 7.44 0.34 -2.01
C ILE A 900 8.05 -0.99 -1.58
N ALA A 901 8.37 -1.85 -2.55
CA ALA A 901 8.94 -3.14 -2.21
C ALA A 901 10.18 -2.96 -1.34
N MET A 902 11.04 -2.03 -1.74
CA MET A 902 12.26 -1.78 -0.98
C MET A 902 11.92 -1.46 0.46
N TRP A 903 10.96 -0.56 0.67
CA TRP A 903 10.63 -0.14 2.02
C TRP A 903 10.11 -1.29 2.87
N LEU A 904 9.59 -2.34 2.24
CA LEU A 904 9.06 -3.47 2.98
C LEU A 904 10.11 -4.54 3.26
N GLY A 905 11.33 -4.37 2.77
CA GLY A 905 12.35 -5.38 2.91
C GLY A 905 12.36 -6.43 1.81
N LEU A 906 11.43 -6.35 0.86
CA LEU A 906 11.44 -7.28 -0.25
C LEU A 906 12.62 -6.97 -1.18
N ASP A 907 12.90 -7.91 -2.07
CA ASP A 907 13.92 -7.69 -3.08
C ASP A 907 13.37 -6.81 -4.20
N PRO A 908 13.94 -5.64 -4.45
CA PRO A 908 13.40 -4.76 -5.50
C PRO A 908 13.73 -5.19 -6.91
N SER A 909 14.26 -6.39 -7.12
CA SER A 909 14.64 -6.84 -8.44
C SER A 909 13.42 -7.21 -9.28
N GLN A 910 12.58 -8.10 -8.75
CA GLN A 910 11.41 -8.60 -9.49
C GLN A 910 10.17 -7.78 -9.15
N PHE A 911 10.27 -6.48 -9.40
CA PHE A 911 9.17 -5.56 -9.13
C PHE A 911 9.30 -4.29 -9.98
N ARG A 940 24.66 17.00 -28.30
CA ARG A 940 24.20 16.96 -29.69
C ARG A 940 23.39 18.18 -30.09
N ASP A 941 22.83 18.91 -29.13
CA ASP A 941 22.06 20.12 -29.40
C ASP A 941 22.85 21.39 -29.13
N CYS A 942 24.15 21.28 -28.87
CA CYS A 942 24.97 22.43 -28.53
C CYS A 942 25.67 22.98 -29.78
N GLU A 943 25.74 24.29 -29.88
CA GLU A 943 26.48 24.93 -30.97
C GLU A 943 27.97 24.67 -30.83
N ARG A 944 28.62 24.43 -31.96
CA ARG A 944 30.04 24.16 -31.97
C ARG A 944 30.81 25.47 -32.10
N PHE A 945 32.10 25.43 -31.76
CA PHE A 945 32.87 26.66 -31.69
C PHE A 945 33.29 27.09 -33.08
N LYS A 946 32.80 28.24 -33.53
CA LYS A 946 33.11 28.77 -34.84
C LYS A 946 34.17 29.85 -34.69
N PHE A 947 35.28 29.70 -35.40
CA PHE A 947 36.35 30.69 -35.40
C PHE A 947 36.79 30.97 -36.82
N PHE A 948 36.77 32.24 -37.21
CA PHE A 948 37.17 32.62 -38.56
C PHE A 948 38.67 32.86 -38.59
N CYS A 949 39.36 32.20 -39.51
CA CYS A 949 40.80 32.34 -39.61
C CYS A 949 41.15 33.79 -39.92
N PRO A 950 42.04 34.42 -39.16
CA PRO A 950 42.42 35.80 -39.49
C PRO A 950 43.06 35.93 -40.85
N LYS A 951 43.78 34.91 -41.31
CA LYS A 951 44.50 35.02 -42.58
C LYS A 951 43.56 34.80 -43.75
N CYS A 952 42.97 33.61 -43.84
CA CYS A 952 42.13 33.27 -44.97
C CYS A 952 40.66 33.63 -44.78
N GLY A 953 40.20 33.76 -43.54
CA GLY A 953 38.82 34.10 -43.28
C GLY A 953 37.84 32.95 -43.40
N THR A 954 38.32 31.71 -43.50
CA THR A 954 37.42 30.56 -43.58
C THR A 954 37.00 30.13 -42.19
N GLU A 955 35.74 29.74 -42.06
CA GLU A 955 35.23 29.30 -40.77
C GLU A 955 35.86 27.97 -40.38
N ASN A 956 36.22 27.85 -39.11
CA ASN A 956 36.71 26.61 -38.53
C ASN A 956 35.71 26.20 -37.45
N ILE A 957 35.17 24.99 -37.58
CA ILE A 957 34.23 24.44 -36.62
C ILE A 957 35.00 23.49 -35.72
N TYR A 958 34.96 23.75 -34.42
CA TYR A 958 35.63 22.92 -33.44
C TYR A 958 34.57 22.25 -32.58
N ASP A 959 34.65 20.91 -32.52
CA ASP A 959 33.75 20.09 -31.75
C ASP A 959 34.48 19.05 -30.91
N ASN A 960 35.81 19.00 -30.99
CA ASN A 960 36.60 18.07 -30.23
C ASN A 960 37.98 18.67 -30.03
N VAL A 961 38.70 18.14 -29.05
CA VAL A 961 40.06 18.64 -28.81
C VAL A 961 40.97 18.25 -29.95
N PHE A 962 40.78 17.06 -30.50
CA PHE A 962 41.69 16.49 -31.49
C PHE A 962 40.95 16.20 -32.78
N ASP A 963 41.66 16.35 -33.89
CA ASP A 963 41.13 16.12 -35.22
C ASP A 963 42.03 15.15 -35.97
N GLY A 964 41.42 14.21 -36.68
CA GLY A 964 42.16 13.22 -37.43
C GLY A 964 42.25 11.89 -36.70
N SER A 965 42.86 10.93 -37.38
CA SER A 965 43.00 9.57 -36.87
C SER A 965 44.45 9.11 -37.00
N GLY A 966 44.85 8.25 -36.07
CA GLY A 966 46.18 7.68 -36.11
C GLY A 966 47.25 8.73 -35.86
N LEU A 967 48.42 8.51 -36.46
CA LEU A 967 49.53 9.43 -36.30
C LEU A 967 49.27 10.77 -36.98
N GLN A 968 48.23 10.86 -37.79
CA GLN A 968 47.84 12.12 -38.42
C GLN A 968 46.94 12.98 -37.53
N ILE A 969 46.73 12.57 -36.29
CA ILE A 969 45.86 13.27 -35.37
C ILE A 969 46.64 14.38 -34.69
N GLU A 970 46.07 15.58 -34.65
CA GLU A 970 46.69 16.72 -34.00
C GLU A 970 45.60 17.57 -33.36
N PRO A 971 45.95 18.43 -32.42
CA PRO A 971 44.94 19.31 -31.83
C PRO A 971 44.28 20.17 -32.90
N GLY A 972 42.98 20.44 -32.70
CA GLY A 972 42.20 21.11 -33.73
C GLY A 972 42.77 22.48 -34.06
N LEU A 973 43.28 23.19 -33.06
CA LEU A 973 43.78 24.55 -33.25
C LEU A 973 45.22 24.59 -33.75
N LYS A 974 45.72 23.50 -34.34
CA LYS A 974 47.08 23.49 -34.86
C LYS A 974 47.15 23.92 -36.31
N ARG A 975 46.18 23.50 -37.13
CA ARG A 975 46.16 23.80 -38.55
C ARG A 975 44.78 24.28 -38.95
N CYS A 976 44.76 25.17 -39.94
CA CYS A 976 43.51 25.70 -40.46
C CYS A 976 42.78 24.64 -41.28
N SER A 977 41.46 24.80 -41.37
CA SER A 977 40.65 23.85 -42.12
C SER A 977 40.87 23.96 -43.63
N LYS A 978 41.47 25.04 -44.10
CA LYS A 978 41.72 25.23 -45.52
C LYS A 978 43.09 24.68 -45.88
N PRO A 979 43.20 23.65 -46.73
CA PRO A 979 44.53 23.11 -47.04
C PRO A 979 45.48 24.15 -47.60
N GLU A 980 44.99 25.07 -48.42
CA GLU A 980 45.85 26.11 -48.97
C GLU A 980 46.29 27.12 -47.92
N CYS A 981 45.67 27.13 -46.74
CA CYS A 981 46.01 28.08 -45.68
C CYS A 981 47.00 27.45 -44.72
N ASP A 982 48.13 28.11 -44.52
CA ASP A 982 49.16 27.66 -43.60
C ASP A 982 49.04 28.28 -42.21
N ALA A 983 48.07 29.16 -42.01
CA ALA A 983 47.92 29.84 -40.72
C ALA A 983 47.52 28.85 -39.64
N SER A 984 48.16 28.96 -38.47
CA SER A 984 47.83 28.12 -37.34
C SER A 984 46.96 28.91 -36.37
N PRO A 985 45.73 28.49 -36.09
CA PRO A 985 44.92 29.23 -35.12
C PRO A 985 45.58 29.34 -33.76
N LEU A 986 46.45 28.38 -33.42
CA LEU A 986 47.16 28.46 -32.15
C LEU A 986 48.03 29.70 -32.07
N ASP A 987 48.36 30.31 -33.21
CA ASP A 987 49.11 31.56 -33.19
C ASP A 987 48.24 32.70 -32.69
N TYR A 988 46.98 32.73 -33.10
CA TYR A 988 46.05 33.78 -32.69
C TYR A 988 45.19 33.29 -31.52
N VAL A 989 45.85 32.90 -30.43
CA VAL A 989 45.11 32.43 -29.26
C VAL A 989 44.46 33.57 -28.49
N ILE A 990 44.98 34.79 -28.60
CA ILE A 990 44.29 35.94 -28.01
C ILE A 990 42.94 36.13 -28.68
N GLN A 991 42.92 36.03 -30.01
CA GLN A 991 41.66 36.15 -30.73
C GLN A 991 40.71 35.01 -30.38
N VAL A 992 41.24 33.80 -30.21
CA VAL A 992 40.38 32.68 -29.82
C VAL A 992 39.79 32.93 -28.44
N HIS A 993 40.60 33.44 -27.52
CA HIS A 993 40.10 33.79 -26.19
C HIS A 993 38.98 34.83 -26.28
N ASN A 994 39.19 35.87 -27.07
CA ASN A 994 38.19 36.92 -27.20
C ASN A 994 36.90 36.38 -27.80
N LYS A 995 37.01 35.56 -28.83
CA LYS A 995 35.81 34.98 -29.43
C LYS A 995 35.10 34.06 -28.45
N LEU A 996 35.85 33.33 -27.64
CA LEU A 996 35.23 32.47 -26.63
C LEU A 996 34.46 33.31 -25.63
N LEU A 997 35.04 34.41 -25.17
CA LEU A 997 34.31 35.27 -24.22
C LEU A 997 33.08 35.87 -24.87
N LEU A 998 33.18 36.29 -26.13
CA LEU A 998 32.01 36.84 -26.81
C LEU A 998 30.92 35.80 -26.95
N ASP A 999 31.28 34.56 -27.28
CA ASP A 999 30.28 33.50 -27.39
C ASP A 999 29.63 33.21 -26.05
N ILE A 1000 30.42 33.19 -24.97
CA ILE A 1000 29.85 32.98 -23.65
C ILE A 1000 28.87 34.09 -23.30
N ARG A 1001 29.23 35.33 -23.63
CA ARG A 1001 28.30 36.44 -23.41
C ARG A 1001 27.03 36.25 -24.22
N ARG A 1002 27.16 35.80 -25.47
CA ARG A 1002 25.99 35.58 -26.30
C ARG A 1002 25.05 34.55 -25.69
N TYR A 1003 25.61 33.44 -25.20
CA TYR A 1003 24.77 32.40 -24.62
C TYR A 1003 24.13 32.86 -23.32
N ILE A 1004 24.87 33.59 -22.48
CA ILE A 1004 24.29 34.09 -21.25
C ILE A 1004 23.15 35.07 -21.56
N LYS A 1005 23.34 35.92 -22.57
CA LYS A 1005 22.28 36.83 -22.97
C LYS A 1005 21.06 36.05 -23.46
N LYS A 1006 21.30 35.00 -24.24
CA LYS A 1006 20.18 34.18 -24.70
C LYS A 1006 19.41 33.61 -23.52
N TYR A 1007 20.12 33.10 -22.52
CA TYR A 1007 19.44 32.54 -21.36
C TYR A 1007 18.64 33.59 -20.61
N TYR A 1008 19.24 34.75 -20.37
CA TYR A 1008 18.57 35.76 -19.57
C TYR A 1008 17.53 36.54 -20.36
N SER A 1009 17.42 36.31 -21.67
CA SER A 1009 16.32 36.90 -22.42
C SER A 1009 14.99 36.42 -21.89
N GLY A 1010 14.94 35.21 -21.34
CA GLY A 1010 13.73 34.71 -20.74
C GLY A 1010 12.58 34.53 -21.70
N TRP A 1011 12.85 33.92 -22.85
CA TRP A 1011 11.80 33.67 -23.82
C TRP A 1011 11.02 32.42 -23.44
N LEU A 1012 9.70 32.52 -23.49
CA LEU A 1012 8.81 31.43 -23.15
C LEU A 1012 7.93 31.11 -24.34
N VAL A 1013 7.70 29.82 -24.57
CA VAL A 1013 6.85 29.35 -25.67
C VAL A 1013 5.79 28.43 -25.08
N CYS A 1014 4.56 28.56 -25.57
CA CYS A 1014 3.51 27.66 -25.13
C CYS A 1014 3.77 26.25 -25.65
N GLU A 1015 3.57 25.26 -24.77
CA GLU A 1015 3.80 23.87 -25.16
C GLU A 1015 2.73 23.35 -26.09
N GLU A 1016 1.59 24.02 -26.20
CA GLU A 1016 0.53 23.57 -27.09
C GLU A 1016 0.91 23.86 -28.53
N LYS A 1017 0.81 22.83 -29.37
CA LYS A 1017 1.18 23.00 -30.78
C LYS A 1017 0.27 24.00 -31.47
N THR A 1018 -1.01 24.02 -31.11
CA THR A 1018 -1.98 24.88 -31.74
C THR A 1018 -1.94 26.30 -31.20
N CYS A 1019 -1.11 26.57 -30.19
CA CYS A 1019 -0.93 27.93 -29.68
C CYS A 1019 0.46 28.47 -29.95
N GLN A 1020 1.51 27.78 -29.47
CA GLN A 1020 2.89 28.19 -29.72
C GLN A 1020 3.06 29.69 -29.50
N ASN A 1021 2.46 30.20 -28.43
CA ASN A 1021 2.58 31.61 -28.09
C ASN A 1021 3.98 31.88 -27.54
N ARG A 1022 4.62 32.91 -28.06
CA ARG A 1022 5.98 33.26 -27.68
C ARG A 1022 5.98 34.61 -27.00
N THR A 1023 6.39 34.63 -25.72
CA THR A 1023 6.37 35.86 -24.95
C THR A 1023 7.62 35.96 -24.10
N ARG A 1024 8.03 37.19 -23.83
CA ARG A 1024 9.10 37.48 -22.89
C ARG A 1024 8.58 37.64 -21.47
N ARG A 1025 7.30 37.93 -21.32
CA ARG A 1025 6.72 38.22 -20.02
C ARG A 1025 6.32 36.94 -19.32
N LEU A 1026 6.79 36.77 -18.09
CA LEU A 1026 6.40 35.64 -17.28
C LEU A 1026 5.17 36.02 -16.47
N PRO A 1027 4.02 35.38 -16.65
CA PRO A 1027 2.85 35.75 -15.86
C PRO A 1027 2.86 35.10 -14.49
N LEU A 1028 2.30 35.81 -13.51
CA LEU A 1028 2.23 35.31 -12.15
C LEU A 1028 1.18 34.22 -11.99
N SER A 1029 0.34 33.96 -12.99
CA SER A 1029 -0.68 32.94 -12.90
C SER A 1029 -0.04 31.59 -13.24
N PHE A 1030 0.01 30.70 -12.25
CA PHE A 1030 0.71 29.42 -12.39
C PHE A 1030 -0.26 28.27 -12.17
N SER A 1031 -0.10 27.22 -12.96
CA SER A 1031 -0.70 25.92 -12.68
C SER A 1031 0.30 25.08 -11.89
N ARG A 1032 -0.06 23.82 -11.63
CA ARG A 1032 0.86 22.92 -10.98
C ARG A 1032 2.12 22.66 -11.80
N ASN A 1033 2.06 22.83 -13.12
CA ASN A 1033 3.18 22.54 -13.99
C ASN A 1033 4.04 23.75 -14.30
N GLY A 1034 3.54 24.96 -14.06
CA GLY A 1034 4.30 26.15 -14.34
C GLY A 1034 3.42 27.29 -14.83
N PRO A 1035 4.03 28.31 -15.42
CA PRO A 1035 3.24 29.47 -15.87
C PRO A 1035 2.18 29.07 -16.87
N ILE A 1036 1.00 29.67 -16.72
CA ILE A 1036 -0.14 29.42 -17.60
C ILE A 1036 -0.09 30.40 -18.76
N CYS A 1037 -0.13 29.87 -19.98
CA CYS A 1037 -0.10 30.73 -21.16
C CYS A 1037 -1.33 31.62 -21.20
N GLN A 1038 -1.11 32.92 -21.34
CA GLN A 1038 -2.21 33.89 -21.32
C GLN A 1038 -2.88 34.06 -22.67
N ALA A 1039 -2.38 33.38 -23.72
CA ALA A 1039 -3.05 33.42 -25.01
C ALA A 1039 -4.19 32.42 -25.08
N CYS A 1040 -3.96 31.19 -24.59
CA CYS A 1040 -4.97 30.15 -24.60
C CYS A 1040 -5.51 29.82 -23.22
N SER A 1041 -4.78 30.15 -22.16
CA SER A 1041 -5.22 29.94 -20.79
C SER A 1041 -5.38 28.46 -20.44
N LYS A 1042 -4.76 27.57 -21.20
CA LYS A 1042 -4.93 26.14 -21.00
C LYS A 1042 -3.65 25.33 -21.12
N ALA A 1043 -2.49 25.97 -21.31
CA ALA A 1043 -1.25 25.25 -21.50
C ALA A 1043 -0.13 25.98 -20.78
N THR A 1044 0.97 25.26 -20.57
CA THR A 1044 2.08 25.78 -19.79
C THR A 1044 3.11 26.42 -20.70
N LEU A 1045 3.73 27.48 -20.20
CA LEU A 1045 4.82 28.15 -20.89
C LEU A 1045 6.13 27.52 -20.48
N ARG A 1046 6.93 27.13 -21.47
CA ARG A 1046 8.22 26.50 -21.25
C ARG A 1046 9.31 27.44 -21.73
N SER A 1047 10.43 27.44 -21.02
CA SER A 1047 11.54 28.30 -21.41
C SER A 1047 12.10 27.84 -22.75
N GLU A 1048 12.34 28.81 -23.63
CA GLU A 1048 12.94 28.49 -24.93
C GLU A 1048 14.38 28.06 -24.77
N TYR A 1049 15.10 28.66 -23.83
CA TYR A 1049 16.50 28.35 -23.56
C TYR A 1049 16.64 28.08 -22.06
N PRO A 1050 16.33 26.88 -21.61
CA PRO A 1050 16.36 26.60 -20.16
C PRO A 1050 17.78 26.63 -19.61
N GLU A 1051 17.85 26.55 -18.28
CA GLU A 1051 19.14 26.57 -17.61
C GLU A 1051 20.00 25.39 -18.02
N LYS A 1052 19.39 24.23 -18.22
CA LYS A 1052 20.14 23.06 -18.64
C LYS A 1052 20.81 23.29 -19.98
N ALA A 1053 20.14 24.00 -20.89
CA ALA A 1053 20.74 24.27 -22.19
C ALA A 1053 22.02 25.08 -22.04
N LEU A 1054 21.97 26.16 -21.26
CA LEU A 1054 23.16 26.97 -21.06
C LEU A 1054 24.26 26.19 -20.36
N TYR A 1055 23.90 25.40 -19.35
CA TYR A 1055 24.89 24.60 -18.64
C TYR A 1055 25.56 23.62 -19.59
N THR A 1056 24.78 22.98 -20.45
CA THR A 1056 25.35 22.02 -21.39
C THR A 1056 26.21 22.71 -22.42
N GLN A 1057 25.84 23.91 -22.84
CA GLN A 1057 26.68 24.67 -23.77
C GLN A 1057 28.02 25.00 -23.16
N LEU A 1058 28.02 25.48 -21.92
CA LEU A 1058 29.29 25.78 -21.26
C LEU A 1058 30.10 24.51 -21.05
N CYS A 1059 29.44 23.41 -20.68
CA CYS A 1059 30.15 22.15 -20.53
C CYS A 1059 30.75 21.67 -21.84
N PHE A 1060 30.05 21.90 -22.95
CA PHE A 1060 30.59 21.52 -24.25
C PHE A 1060 31.80 22.36 -24.60
N TYR A 1061 31.73 23.67 -24.34
CA TYR A 1061 32.90 24.51 -24.60
C TYR A 1061 34.08 24.09 -23.74
N ARG A 1062 33.82 23.63 -22.52
CA ARG A 1062 34.90 23.05 -21.72
C ARG A 1062 35.40 21.74 -22.33
N PHE A 1063 34.48 20.93 -22.86
CA PHE A 1063 34.82 19.64 -23.44
C PHE A 1063 35.73 19.79 -24.64
N ILE A 1064 35.46 20.76 -25.49
CA ILE A 1064 36.23 20.95 -26.72
C ILE A 1064 37.62 21.53 -26.42
N PHE A 1065 37.91 21.75 -25.14
CA PHE A 1065 39.25 22.20 -24.73
C PHE A 1065 39.84 21.35 -23.60
N ASP A 1066 39.26 20.19 -23.31
CA ASP A 1066 39.74 19.33 -22.22
C ASP A 1066 40.76 18.35 -22.79
N TRP A 1067 42.04 18.72 -22.68
CA TRP A 1067 43.10 17.87 -23.18
C TRP A 1067 43.13 16.52 -22.47
N ASP A 1068 43.13 16.55 -21.14
CA ASP A 1068 43.28 15.31 -20.37
C ASP A 1068 42.09 14.37 -20.61
N TYR A 1069 40.88 14.92 -20.59
CA TYR A 1069 39.71 14.07 -20.82
C TYR A 1069 39.74 13.47 -22.21
N ALA A 1070 40.10 14.26 -23.22
CA ALA A 1070 40.16 13.73 -24.57
C ALA A 1070 41.18 12.62 -24.65
N LEU A 1071 42.34 12.80 -24.03
CA LEU A 1071 43.37 11.78 -24.05
C LEU A 1071 42.88 10.49 -23.40
N GLU A 1072 42.19 10.60 -22.27
CA GLU A 1072 41.78 9.40 -21.56
C GLU A 1072 40.63 8.70 -22.27
N LYS A 1073 39.57 9.44 -22.62
CA LYS A 1073 38.34 8.86 -23.13
C LYS A 1073 38.28 8.83 -24.66
N VAL A 1074 38.36 10.00 -25.30
CA VAL A 1074 38.09 10.08 -26.73
C VAL A 1074 39.19 9.37 -27.53
N VAL A 1075 40.44 9.64 -27.19
CA VAL A 1075 41.55 9.19 -28.03
C VAL A 1075 41.79 7.70 -27.84
N SER A 1076 42.30 7.07 -28.88
CA SER A 1076 42.61 5.64 -28.87
C SER A 1076 43.97 5.42 -28.20
N GLU A 1077 44.51 4.21 -28.33
CA GLU A 1077 45.78 3.88 -27.66
C GLU A 1077 46.98 4.41 -28.44
N GLN A 1078 47.08 4.06 -29.72
CA GLN A 1078 48.19 4.57 -30.53
C GLN A 1078 48.12 6.08 -30.67
N GLU A 1079 46.92 6.62 -30.86
CA GLU A 1079 46.76 8.06 -30.92
C GLU A 1079 47.15 8.71 -29.61
N ARG A 1080 46.79 8.09 -28.48
CA ARG A 1080 47.19 8.63 -27.19
C ARG A 1080 48.70 8.64 -27.05
N GLY A 1081 49.35 7.57 -27.49
CA GLY A 1081 50.80 7.55 -27.44
C GLY A 1081 51.43 8.64 -28.30
N HIS A 1082 50.88 8.84 -29.49
CA HIS A 1082 51.42 9.87 -30.38
C HIS A 1082 51.19 11.26 -29.83
N LEU A 1083 50.11 11.46 -29.05
CA LEU A 1083 49.80 12.78 -28.52
C LEU A 1083 50.41 13.03 -27.15
N LYS A 1084 50.94 12.00 -26.48
CA LYS A 1084 51.49 12.15 -25.14
C LYS A 1084 53.00 12.34 -25.17
N LYS A 1085 53.52 13.00 -26.20
CA LYS A 1085 54.94 13.28 -26.35
C LYS A 1085 55.14 14.79 -26.40
N LYS A 1086 56.39 15.18 -26.57
CA LYS A 1086 56.70 16.56 -26.89
C LYS A 1086 56.24 16.88 -28.30
N LEU A 1087 56.47 18.11 -28.74
CA LEU A 1087 55.96 18.71 -29.96
C LEU A 1087 54.49 19.12 -29.79
N PHE A 1088 53.85 18.80 -28.66
CA PHE A 1088 52.50 19.22 -28.38
C PHE A 1088 52.36 19.89 -27.02
N GLN A 1089 53.45 20.07 -26.29
CA GLN A 1089 53.37 20.67 -24.96
C GLN A 1089 52.85 22.09 -25.03
N GLU A 1090 53.32 22.89 -25.99
CA GLU A 1090 52.82 24.24 -26.14
C GLU A 1090 51.34 24.26 -26.45
N SER A 1091 50.89 23.38 -27.34
CA SER A 1091 49.46 23.27 -27.62
C SER A 1091 48.70 22.86 -26.38
N GLU A 1092 49.26 21.94 -25.59
CA GLU A 1092 48.62 21.53 -24.35
C GLU A 1092 48.46 22.71 -23.40
N ASN A 1093 49.50 23.52 -23.27
CA ASN A 1093 49.43 24.68 -22.37
C ASN A 1093 48.39 25.68 -22.84
N GLN A 1094 48.35 25.93 -24.15
CA GLN A 1094 47.36 26.87 -24.66
C GLN A 1094 45.95 26.35 -24.47
N TYR A 1095 45.76 25.04 -24.68
CA TYR A 1095 44.43 24.44 -24.44
C TYR A 1095 44.05 24.53 -22.98
N LYS A 1096 45.00 24.33 -22.08
CA LYS A 1096 44.71 24.47 -20.66
C LYS A 1096 44.30 25.90 -20.34
N LYS A 1097 45.00 26.88 -20.90
CA LYS A 1097 44.62 28.27 -20.68
C LYS A 1097 43.23 28.55 -21.21
N LEU A 1098 42.89 28.02 -22.39
CA LEU A 1098 41.57 28.26 -22.95
C LEU A 1098 40.47 27.59 -22.13
N LYS A 1099 40.75 26.40 -21.62
CA LYS A 1099 39.79 25.72 -20.75
C LYS A 1099 39.62 26.47 -19.43
N SER A 1100 40.66 27.16 -18.97
CA SER A 1100 40.54 27.94 -17.74
C SER A 1100 39.44 28.97 -17.84
N THR A 1101 39.22 29.55 -19.03
CA THR A 1101 38.17 30.54 -19.19
C THR A 1101 36.80 29.94 -18.95
N VAL A 1102 36.52 28.81 -19.60
CA VAL A 1102 35.22 28.18 -19.43
C VAL A 1102 35.05 27.67 -18.01
N ASP A 1103 36.13 27.18 -17.40
CA ASP A 1103 36.06 26.77 -16.01
C ASP A 1103 35.73 27.94 -15.11
N GLN A 1104 36.34 29.10 -15.35
CA GLN A 1104 36.04 30.28 -14.56
C GLN A 1104 34.57 30.66 -14.70
N VAL A 1105 34.05 30.63 -15.92
CA VAL A 1105 32.65 30.98 -16.11
C VAL A 1105 31.75 29.99 -15.37
N LEU A 1106 32.05 28.69 -15.50
CA LEU A 1106 31.21 27.69 -14.86
C LEU A 1106 31.28 27.78 -13.34
N SER A 1107 32.42 28.23 -12.80
CA SER A 1107 32.53 28.39 -11.35
C SER A 1107 31.55 29.42 -10.81
N ARG A 1108 31.05 30.32 -11.67
CA ARG A 1108 30.12 31.34 -11.28
C ARG A 1108 28.68 30.98 -11.60
N SER A 1109 28.42 29.73 -11.97
CA SER A 1109 27.09 29.27 -12.33
C SER A 1109 26.46 28.53 -11.16
N GLY A 1110 25.22 28.85 -10.83
CA GLY A 1110 24.51 28.14 -9.79
C GLY A 1110 23.99 26.78 -10.20
N TYR A 1111 23.87 26.53 -11.50
CA TYR A 1111 23.39 25.24 -11.98
C TYR A 1111 24.42 24.13 -11.80
N SER A 1112 27.66 25.77 -9.59
CA SER A 1112 28.95 25.12 -9.48
C SER A 1112 29.17 24.40 -8.16
N GLU A 1113 28.19 24.42 -7.27
CA GLU A 1113 28.30 23.80 -5.96
C GLU A 1113 27.21 22.77 -5.77
N VAL A 1114 27.58 21.61 -5.22
CA VAL A 1114 26.65 20.56 -4.86
C VAL A 1114 26.67 20.41 -3.35
N ASN A 1115 25.51 20.61 -2.73
CA ASN A 1115 25.36 20.48 -1.29
C ASN A 1115 25.05 19.02 -0.97
N LEU A 1116 26.07 18.28 -0.52
CA LEU A 1116 25.89 16.87 -0.23
C LEU A 1116 24.98 16.65 0.97
N SER A 1117 24.84 17.64 1.84
CA SER A 1117 23.92 17.52 2.95
C SER A 1117 22.49 17.38 2.46
N LYS A 1118 22.12 18.13 1.43
CA LYS A 1118 20.76 18.04 0.90
C LYS A 1118 20.52 16.71 0.23
N LEU A 1119 21.54 16.12 -0.40
CA LEU A 1119 21.36 14.85 -1.09
C LEU A 1119 21.25 13.71 -0.10
N PHE A 1120 22.26 13.53 0.74
CA PHE A 1120 22.30 12.47 1.73
C PHE A 1120 21.82 13.03 3.07
N GLN A 1121 20.79 12.42 3.62
CA GLN A 1121 20.21 12.88 4.88
C GLN A 1121 20.05 11.73 5.87
N GLN B 162 41.01 62.16 -35.19
CA GLN B 162 41.19 63.35 -36.00
C GLN B 162 40.14 64.40 -35.65
N LYS B 163 38.87 64.03 -35.79
CA LYS B 163 37.78 64.96 -35.47
C LYS B 163 37.81 65.35 -34.00
N TYR B 164 38.02 64.38 -33.11
CA TYR B 164 38.01 64.68 -31.68
C TYR B 164 39.15 65.61 -31.30
N GLY B 165 40.35 65.37 -31.84
CA GLY B 165 41.51 66.14 -31.44
C GLY B 165 41.48 67.59 -31.86
N SER B 166 40.70 67.92 -32.89
CA SER B 166 40.64 69.27 -33.42
C SER B 166 39.36 70.01 -33.02
N ARG B 167 38.68 69.55 -31.98
CA ARG B 167 37.45 70.19 -31.55
C ARG B 167 37.74 71.59 -31.01
N THR B 168 36.74 72.47 -31.13
CA THR B 168 36.88 73.88 -30.79
C THR B 168 36.05 74.29 -29.58
N ASN B 169 35.09 73.48 -29.15
CA ASN B 169 34.22 73.82 -28.03
C ASN B 169 34.69 73.20 -26.73
N ARG B 170 36.00 73.07 -26.55
CA ARG B 170 36.55 72.52 -25.33
C ARG B 170 36.14 73.36 -24.13
N GLY B 171 35.67 72.70 -23.07
CA GLY B 171 35.33 73.37 -21.83
C GLY B 171 34.03 74.13 -21.83
N GLU B 172 33.26 74.08 -22.92
CA GLU B 172 32.02 74.84 -22.97
C GLU B 172 31.03 74.26 -21.96
N VAL B 173 30.36 75.13 -21.22
CA VAL B 173 29.34 74.74 -20.26
C VAL B 173 28.04 74.61 -21.04
N VAL B 174 27.62 73.38 -21.32
CA VAL B 174 26.42 73.19 -22.12
C VAL B 174 25.16 73.26 -21.27
N THR B 175 25.25 73.04 -19.97
CA THR B 175 24.07 73.16 -19.13
C THR B 175 24.49 73.59 -17.72
N THR B 176 23.65 74.35 -17.07
CA THR B 176 23.94 74.88 -15.74
C THR B 176 22.71 74.81 -14.85
N TYR B 177 22.94 74.69 -13.55
CA TYR B 177 21.88 74.68 -12.55
C TYR B 177 22.45 75.14 -11.22
N GLY B 178 21.66 75.90 -10.48
CA GLY B 178 22.02 76.29 -9.13
C GLY B 178 22.81 77.59 -9.06
N GLU B 179 23.51 77.74 -7.95
CA GLU B 179 24.26 78.96 -7.71
C GLU B 179 25.35 79.14 -8.76
N LEU B 180 25.45 80.36 -9.29
CA LEU B 180 26.49 80.66 -10.26
C LEU B 180 27.87 80.61 -9.59
N GLN B 181 28.82 80.00 -10.28
CA GLN B 181 30.18 79.86 -9.80
C GLN B 181 31.15 80.47 -10.80
N GLY B 182 32.40 80.60 -10.39
CA GLY B 182 33.41 81.18 -11.25
C GLY B 182 33.70 80.30 -12.44
N THR B 183 34.43 80.86 -13.40
CA THR B 183 34.78 80.12 -14.60
C THR B 183 35.67 78.92 -14.28
N THR B 184 36.31 78.91 -13.12
CA THR B 184 37.19 77.81 -12.71
C THR B 184 36.65 77.19 -11.44
N TRP B 185 36.64 75.87 -11.39
CA TRP B 185 36.19 75.11 -10.23
C TRP B 185 37.38 74.46 -9.56
N ASN B 186 37.41 74.52 -8.23
CA ASN B 186 38.48 73.92 -7.44
C ASN B 186 37.87 73.11 -6.31
N GLY B 187 38.54 72.02 -5.96
CA GLY B 187 38.10 71.14 -4.91
C GLY B 187 39.17 70.95 -3.83
N GLY B 188 38.79 70.18 -2.82
CA GLY B 188 39.65 69.93 -1.69
C GLY B 188 40.60 68.77 -1.87
N SER B 189 40.67 68.20 -3.06
CA SER B 189 41.56 67.06 -3.33
C SER B 189 41.24 65.87 -2.43
N GLY B 190 39.98 65.74 -2.04
CA GLY B 190 39.59 64.64 -1.17
C GLY B 190 40.28 64.64 0.17
N SER B 191 40.49 65.83 0.75
CA SER B 191 41.17 65.94 2.04
C SER B 191 40.20 65.64 3.17
N ASN B 192 39.21 66.52 3.35
CA ASN B 192 38.14 66.30 4.33
C ASN B 192 36.92 65.68 3.66
N THR B 193 37.10 64.46 3.17
CA THR B 193 36.08 63.73 2.44
C THR B 193 35.91 62.34 3.02
N ASN B 194 34.65 61.93 3.19
CA ASN B 194 34.33 60.59 3.69
C ASN B 194 33.32 59.95 2.74
N VAL B 195 33.79 58.97 1.97
CA VAL B 195 32.97 58.29 0.97
C VAL B 195 32.74 56.86 1.43
N GLU B 196 31.48 56.45 1.46
CA GLU B 196 31.14 55.09 1.84
C GLU B 196 29.87 54.69 1.09
N LEU B 197 29.45 53.44 1.28
CA LEU B 197 28.17 52.98 0.75
C LEU B 197 27.07 53.28 1.75
N PHE B 198 25.92 53.73 1.25
CA PHE B 198 24.84 54.13 2.13
C PHE B 198 24.44 52.98 3.03
N THR B 199 24.58 53.19 4.34
CA THR B 199 24.29 52.17 5.34
C THR B 199 22.78 52.12 5.56
N SER B 200 22.12 51.19 4.89
CA SER B 200 20.69 50.96 5.03
C SER B 200 20.48 49.60 5.67
N LEU B 201 19.21 49.20 5.78
CA LEU B 201 18.90 47.91 6.37
C LEU B 201 19.48 46.78 5.52
N ASP B 202 19.35 46.88 4.20
CA ASP B 202 19.79 45.82 3.31
C ASP B 202 21.29 45.90 3.07
N GLU B 203 21.93 44.74 3.05
CA GLU B 203 23.37 44.68 2.77
C GLU B 203 23.63 45.01 1.30
N PRO B 204 24.75 45.63 0.98
CA PRO B 204 25.03 46.00 -0.40
C PRO B 204 25.64 44.84 -1.18
N LEU B 205 25.60 44.97 -2.51
CA LEU B 205 26.22 44.00 -3.39
C LEU B 205 27.69 44.35 -3.51
N THR B 206 28.55 43.52 -2.93
CA THR B 206 29.98 43.79 -2.92
C THR B 206 30.81 42.64 -3.45
N LYS B 207 30.20 41.53 -3.84
CA LYS B 207 30.95 40.39 -4.33
C LYS B 207 30.07 39.62 -5.31
N MET B 208 30.71 38.79 -6.12
CA MET B 208 29.99 38.03 -7.13
C MET B 208 29.00 37.08 -6.48
N TYR B 209 27.85 36.93 -7.12
CA TYR B 209 26.84 35.96 -6.71
C TYR B 209 26.61 34.99 -7.85
N LYS B 210 26.49 33.70 -7.51
CA LYS B 210 26.26 32.69 -8.54
C LYS B 210 24.97 32.99 -9.28
N PHE B 211 25.03 32.91 -10.61
CA PHE B 211 23.91 33.26 -11.45
C PHE B 211 23.81 32.22 -12.55
N MET B 212 22.96 32.49 -13.55
CA MET B 212 22.63 31.59 -14.64
C MET B 212 21.70 30.46 -14.21
N PHE B 213 21.11 30.55 -13.03
CA PHE B 213 20.17 29.52 -12.53
C PHE B 213 18.99 30.25 -11.90
N GLN B 214 17.96 30.50 -12.71
CA GLN B 214 16.73 31.14 -12.26
C GLN B 214 15.57 30.17 -12.42
N LYS B 215 14.88 29.88 -11.33
CA LYS B 215 13.66 29.09 -11.40
C LYS B 215 12.49 30.03 -11.65
N LEU B 216 11.60 29.62 -12.55
CA LEU B 216 10.45 30.45 -12.86
C LEU B 216 9.64 30.74 -11.61
N MET B 217 9.60 29.79 -10.67
CA MET B 217 8.91 30.02 -9.40
C MET B 217 9.56 31.17 -8.64
N ASP B 218 10.90 31.22 -8.64
CA ASP B 218 11.59 32.30 -7.94
C ASP B 218 11.28 33.65 -8.56
N ILE B 219 11.27 33.72 -9.89
CA ILE B 219 10.92 34.98 -10.56
C ILE B 219 9.50 35.39 -10.18
N ARG B 220 8.57 34.43 -10.19
CA ARG B 220 7.20 34.71 -9.80
C ARG B 220 7.14 35.27 -8.40
N GLU B 221 7.84 34.62 -7.46
CA GLU B 221 7.82 35.08 -6.07
C GLU B 221 8.39 36.48 -5.95
N VAL B 222 9.51 36.77 -6.63
CA VAL B 222 10.15 38.08 -6.51
C VAL B 222 9.23 39.16 -7.04
N VAL B 223 8.65 38.95 -8.22
CA VAL B 223 7.75 39.95 -8.79
C VAL B 223 6.54 40.15 -7.89
N SER B 224 5.96 39.05 -7.40
CA SER B 224 4.78 39.16 -6.56
C SER B 224 5.08 39.91 -5.27
N ILE B 225 6.22 39.64 -4.65
CA ILE B 225 6.54 40.33 -3.40
C ILE B 225 6.85 41.79 -3.67
N LYS B 226 7.45 42.11 -4.81
CA LYS B 226 7.61 43.52 -5.17
C LYS B 226 6.26 44.23 -5.20
N ILE B 227 5.31 43.66 -5.94
CA ILE B 227 3.99 44.28 -6.01
C ILE B 227 3.37 44.38 -4.63
N GLU B 228 3.45 43.31 -3.84
CA GLU B 228 2.81 43.28 -2.53
C GLU B 228 3.40 44.33 -1.60
N GLU B 229 4.73 44.45 -1.57
CA GLU B 229 5.37 45.38 -0.65
C GLU B 229 5.07 46.82 -1.03
N LEU B 230 5.20 47.16 -2.31
CA LEU B 230 4.88 48.52 -2.72
C LEU B 230 3.41 48.82 -2.44
N GLY B 231 2.53 47.86 -2.71
CA GLY B 231 1.12 48.08 -2.45
C GLY B 231 0.82 48.25 -0.98
N ALA B 232 1.53 47.54 -0.11
CA ALA B 232 1.33 47.69 1.32
C ALA B 232 1.74 49.09 1.78
N SER B 233 2.90 49.56 1.31
CA SER B 233 3.33 50.91 1.66
C SER B 233 2.31 51.94 1.18
N LEU B 234 1.85 51.79 -0.08
CA LEU B 234 0.90 52.76 -0.61
C LEU B 234 -0.44 52.70 0.09
N LYS B 235 -0.87 51.50 0.49
CA LYS B 235 -2.12 51.35 1.22
C LYS B 235 -2.04 52.03 2.57
N ASP B 236 -0.91 51.87 3.27
CA ASP B 236 -0.76 52.59 4.54
C ASP B 236 -0.76 54.08 4.31
N HIS B 237 -0.08 54.55 3.25
CA HIS B 237 0.00 55.98 3.01
C HIS B 237 -1.36 56.59 2.64
N PHE B 238 -2.14 55.90 1.82
CA PHE B 238 -3.41 56.42 1.31
C PHE B 238 -4.60 56.05 2.17
N GLN B 239 -4.41 55.26 3.23
CA GLN B 239 -5.50 54.79 4.06
C GLN B 239 -6.58 54.09 3.23
N ILE B 240 -6.14 53.24 2.31
CA ILE B 240 -7.05 52.41 1.55
C ILE B 240 -7.53 51.26 2.42
N ASP B 241 -8.84 50.98 2.36
CA ASP B 241 -9.43 49.98 3.24
C ASP B 241 -9.10 48.56 2.78
N GLU B 242 -9.53 48.19 1.57
CA GLU B 242 -9.37 46.84 1.10
C GLU B 242 -9.05 46.83 -0.39
N PHE B 243 -8.15 45.95 -0.78
CA PHE B 243 -7.87 45.67 -2.19
C PHE B 243 -8.75 44.52 -2.66
N THR B 244 -9.12 44.57 -3.94
CA THR B 244 -10.00 43.58 -4.54
C THR B 244 -9.26 42.84 -5.64
N SER B 245 -9.65 41.60 -5.87
CA SER B 245 -9.03 40.80 -6.92
C SER B 245 -9.26 41.48 -8.26
N VAL B 246 -8.19 41.57 -9.06
CA VAL B 246 -8.29 42.27 -10.34
C VAL B 246 -9.24 41.53 -11.28
N SER B 247 -9.21 40.21 -11.28
CA SER B 247 -9.94 39.45 -12.28
C SER B 247 -11.44 39.44 -12.03
N LEU B 248 -11.86 39.50 -10.78
CA LEU B 248 -13.27 39.35 -10.48
C LEU B 248 -14.07 40.52 -11.07
N PRO B 249 -15.33 40.29 -11.46
CA PRO B 249 -16.17 41.39 -11.90
C PRO B 249 -16.48 42.36 -10.77
N ALA B 250 -16.70 43.62 -11.15
CA ALA B 250 -16.99 44.68 -10.19
C ALA B 250 -17.98 45.64 -10.81
N GLN B 251 -19.24 45.59 -10.35
CA GLN B 251 -20.26 46.52 -10.82
C GLN B 251 -20.11 47.90 -10.19
N GLU B 252 -19.67 47.96 -8.94
CA GLU B 252 -19.40 49.22 -8.26
C GLU B 252 -17.90 49.47 -8.25
N THR B 253 -17.52 50.68 -7.83
CA THR B 253 -16.11 51.06 -7.87
C THR B 253 -15.32 50.32 -6.80
N VAL B 254 -14.20 49.74 -7.23
CA VAL B 254 -13.30 49.00 -6.34
C VAL B 254 -11.88 49.48 -6.56
N THR B 255 -11.06 49.36 -5.52
CA THR B 255 -9.64 49.67 -5.58
C THR B 255 -8.84 48.41 -5.81
N VAL B 256 -7.96 48.44 -6.81
CA VAL B 256 -7.20 47.27 -7.24
C VAL B 256 -5.73 47.64 -7.31
N LEU B 257 -4.89 46.76 -6.78
CA LEU B 257 -3.45 46.88 -6.85
C LEU B 257 -2.89 45.92 -7.89
N GLY B 258 -1.96 46.40 -8.70
CA GLY B 258 -1.40 45.53 -9.70
C GLY B 258 -0.15 46.11 -10.32
N GLN B 259 0.29 45.49 -11.40
CA GLN B 259 1.40 45.98 -12.19
C GLN B 259 0.98 46.03 -13.65
N ILE B 260 1.46 47.05 -14.35
CA ILE B 260 1.09 47.27 -15.74
C ILE B 260 1.91 46.39 -16.66
N GLY B 261 1.34 46.05 -17.81
CA GLY B 261 2.03 45.27 -18.81
C GLY B 261 1.37 45.45 -20.16
N CYS B 262 2.00 44.87 -21.17
CA CYS B 262 1.51 44.93 -22.54
C CYS B 262 0.95 43.56 -22.93
N ASP B 263 -0.20 43.57 -23.58
CA ASP B 263 -0.86 42.32 -23.96
C ASP B 263 -0.11 41.57 -25.06
N SER B 264 0.89 42.19 -25.67
CA SER B 264 1.66 41.57 -26.74
C SER B 264 3.12 41.91 -26.55
N ASN B 265 3.96 41.40 -27.44
CA ASN B 265 5.40 41.54 -27.31
C ASN B 265 5.93 42.89 -27.79
N GLY B 266 5.12 43.66 -28.51
CA GLY B 266 5.57 44.94 -29.02
C GLY B 266 5.71 46.01 -27.95
N LYS B 267 5.66 47.27 -28.34
CA LYS B 267 5.75 48.37 -27.41
C LYS B 267 4.37 48.76 -26.91
N LEU B 268 4.30 49.12 -25.63
CA LEU B 268 3.01 49.40 -25.01
C LEU B 268 2.31 50.58 -25.66
N ASN B 269 1.01 50.46 -25.84
CA ASN B 269 0.16 51.56 -26.28
C ASN B 269 -1.12 51.53 -25.47
N SER B 270 -1.90 52.61 -25.59
CA SER B 270 -3.06 52.80 -24.73
C SER B 270 -4.10 51.70 -24.90
N LYS B 271 -4.07 50.97 -26.01
CA LYS B 271 -5.04 49.92 -26.28
C LYS B 271 -4.50 48.52 -25.98
N SER B 272 -3.31 48.41 -25.43
CA SER B 272 -2.67 47.13 -25.17
C SER B 272 -2.24 47.01 -23.72
N VAL B 273 -2.91 47.71 -22.81
CA VAL B 273 -2.52 47.73 -21.40
C VAL B 273 -3.27 46.64 -20.66
N ILE B 274 -2.54 45.87 -19.86
CA ILE B 274 -3.12 44.87 -18.99
C ILE B 274 -2.61 45.10 -17.58
N LEU B 275 -3.42 44.77 -16.60
CA LEU B 275 -3.06 44.87 -15.19
C LEU B 275 -2.99 43.47 -14.62
N GLU B 276 -1.83 43.11 -14.07
CA GLU B 276 -1.61 41.80 -13.49
C GLU B 276 -1.53 41.97 -11.97
N GLY B 277 -2.38 41.25 -11.26
CA GLY B 277 -2.42 41.35 -9.82
C GLY B 277 -1.39 40.46 -9.15
N ASP B 278 -1.23 40.68 -7.86
CA ASP B 278 -0.31 39.88 -7.07
C ASP B 278 -0.96 38.57 -6.64
N ARG B 279 -0.15 37.69 -6.09
CA ARG B 279 -0.65 36.39 -5.65
C ARG B 279 -1.57 36.51 -4.45
N GLU B 280 -1.34 37.50 -3.58
CA GLU B 280 -2.10 37.59 -2.35
C GLU B 280 -3.55 37.98 -2.62
N HIS B 281 -3.78 38.95 -3.50
CA HIS B 281 -5.11 39.50 -3.70
C HIS B 281 -5.78 39.03 -4.98
N SER B 282 -5.03 38.53 -5.95
CA SER B 282 -5.59 38.18 -7.24
C SER B 282 -5.14 36.84 -7.80
N ALA B 283 -4.34 36.07 -7.07
CA ALA B 283 -3.84 34.79 -7.56
C ALA B 283 -3.04 34.97 -8.86
N GLY B 284 -2.45 36.15 -9.05
CA GLY B 284 -1.67 36.41 -10.23
C GLY B 284 -2.43 36.61 -11.52
N MET B 285 -3.74 36.80 -11.45
CA MET B 285 -4.55 36.91 -12.65
C MET B 285 -4.38 38.28 -13.30
N GLN B 286 -4.55 38.32 -14.61
CA GLN B 286 -4.48 39.54 -15.40
C GLN B 286 -5.87 40.00 -15.80
N VAL B 287 -5.94 41.25 -16.26
CA VAL B 287 -7.18 41.80 -16.80
C VAL B 287 -6.84 42.90 -17.80
N PRO B 288 -7.49 42.95 -18.96
CA PRO B 288 -7.31 44.12 -19.84
C PRO B 288 -7.80 45.40 -19.19
N VAL B 289 -7.17 46.50 -19.57
CA VAL B 289 -7.48 47.82 -19.02
C VAL B 289 -7.96 48.72 -20.13
N ASP B 290 -9.02 49.48 -19.84
CA ASP B 290 -9.59 50.43 -20.77
C ASP B 290 -9.37 51.84 -20.22
N LEU B 291 -8.51 52.60 -20.89
CA LEU B 291 -8.10 53.92 -20.39
C LEU B 291 -8.96 55.04 -20.95
N SER B 292 -10.21 54.78 -21.30
CA SER B 292 -11.06 55.80 -21.88
C SER B 292 -11.58 56.78 -20.83
N GLU B 293 -11.79 56.33 -19.60
CA GLU B 293 -12.35 57.15 -18.54
C GLU B 293 -11.27 57.80 -17.66
N LEU B 294 -10.00 57.54 -17.93
CA LEU B 294 -8.90 58.16 -17.18
C LEU B 294 -8.46 59.43 -17.90
N LYS B 295 -8.58 60.57 -17.22
CA LYS B 295 -8.26 61.84 -17.86
C LYS B 295 -6.75 62.06 -17.98
N ASP B 296 -5.98 61.66 -16.97
CA ASP B 296 -4.54 61.86 -16.98
C ASP B 296 -3.88 60.61 -16.44
N TYR B 297 -2.83 60.15 -17.13
CA TYR B 297 -2.12 58.96 -16.72
C TYR B 297 -0.73 58.94 -17.31
N SER B 298 0.14 58.13 -16.70
CA SER B 298 1.48 57.88 -17.23
C SER B 298 1.88 56.48 -16.77
N LEU B 299 1.92 55.54 -17.70
CA LEU B 299 2.07 54.12 -17.39
C LEU B 299 3.24 53.53 -18.17
N PHE B 300 4.01 52.68 -17.51
CA PHE B 300 5.04 51.91 -18.17
C PHE B 300 4.96 50.48 -17.67
N PRO B 301 5.39 49.50 -18.47
CA PRO B 301 5.33 48.10 -18.02
C PRO B 301 6.15 47.88 -16.76
N GLY B 302 5.63 47.04 -15.88
CA GLY B 302 6.27 46.79 -14.60
C GLY B 302 5.97 47.81 -13.54
N GLN B 303 5.09 48.76 -13.81
CA GLN B 303 4.78 49.82 -12.86
C GLN B 303 3.71 49.34 -11.88
N VAL B 304 4.02 49.37 -10.60
CA VAL B 304 3.06 49.00 -9.58
C VAL B 304 2.12 50.17 -9.35
N VAL B 305 0.83 49.93 -9.52
CA VAL B 305 -0.18 50.98 -9.47
C VAL B 305 -1.35 50.52 -8.61
N ILE B 306 -2.05 51.51 -8.07
CA ILE B 306 -3.34 51.34 -7.42
C ILE B 306 -4.34 52.16 -8.19
N MET B 307 -5.45 51.53 -8.58
CA MET B 307 -6.46 52.19 -9.39
C MET B 307 -7.85 51.92 -8.81
N GLU B 308 -8.69 52.95 -8.84
CA GLU B 308 -10.11 52.81 -8.58
C GLU B 308 -10.82 52.67 -9.92
N GLY B 309 -11.60 51.60 -10.06
CA GLY B 309 -12.29 51.37 -11.31
C GLY B 309 -13.37 50.32 -11.15
N THR B 310 -14.04 50.03 -12.26
CA THR B 310 -15.14 49.09 -12.32
C THR B 310 -14.92 48.09 -13.44
N ASN B 311 -15.42 46.88 -13.23
CA ASN B 311 -15.32 45.78 -14.21
C ASN B 311 -16.72 45.19 -14.37
N SER B 312 -17.52 45.80 -15.25
CA SER B 312 -18.92 45.40 -15.37
C SER B 312 -19.06 44.10 -16.13
N THR B 313 -18.23 43.88 -17.15
CA THR B 313 -18.28 42.68 -17.96
C THR B 313 -17.42 41.56 -17.41
N GLY B 314 -16.66 41.81 -16.36
CA GLY B 314 -15.75 40.80 -15.85
C GLY B 314 -14.60 40.50 -16.75
N ARG B 315 -14.44 41.26 -17.83
CA ARG B 315 -13.44 40.99 -18.85
C ARG B 315 -12.58 42.20 -19.18
N ARG B 316 -12.96 43.39 -18.73
CA ARG B 316 -12.23 44.61 -19.05
C ARG B 316 -12.35 45.56 -17.88
N PHE B 317 -11.21 45.88 -17.26
CA PHE B 317 -11.19 46.81 -16.14
C PHE B 317 -11.16 48.24 -16.68
N VAL B 318 -12.01 49.09 -16.12
CA VAL B 318 -12.08 50.48 -16.55
C VAL B 318 -11.65 51.36 -15.38
N PRO B 319 -10.40 51.81 -15.34
CA PRO B 319 -9.98 52.69 -14.24
C PRO B 319 -10.68 54.03 -14.31
N THR B 320 -10.99 54.57 -13.13
CA THR B 320 -11.48 55.93 -13.00
C THR B 320 -10.54 56.82 -12.21
N LYS B 321 -9.68 56.25 -11.37
CA LYS B 321 -8.66 57.01 -10.68
C LYS B 321 -7.36 56.21 -10.66
N LEU B 322 -6.26 56.88 -10.95
CA LEU B 322 -4.92 56.29 -10.86
C LEU B 322 -4.20 57.01 -9.74
N TYR B 323 -3.97 56.30 -8.64
CA TYR B 323 -3.31 56.90 -7.49
C TYR B 323 -1.89 57.33 -7.85
N GLU B 324 -1.48 58.48 -7.34
CA GLU B 324 -0.15 58.98 -7.63
C GLU B 324 0.90 58.17 -6.86
N GLY B 325 2.14 58.28 -7.31
CA GLY B 325 3.24 57.65 -6.61
C GLY B 325 3.61 58.40 -5.35
N VAL B 326 4.26 57.69 -4.44
CA VAL B 326 4.73 58.25 -3.18
C VAL B 326 6.23 57.99 -3.08
N PRO B 327 7.06 59.01 -3.29
CA PRO B 327 8.50 58.80 -3.17
C PRO B 327 8.91 58.60 -1.73
N LEU B 328 10.05 57.95 -1.55
CA LEU B 328 10.58 57.75 -0.21
C LEU B 328 11.04 59.08 0.36
N PRO B 329 11.06 59.20 1.68
CA PRO B 329 11.58 60.42 2.30
C PRO B 329 13.07 60.58 2.03
N PHE B 330 13.51 61.83 1.99
CA PHE B 330 14.92 62.12 1.84
C PHE B 330 15.68 61.69 3.09
N HIS B 331 17.00 61.76 3.01
CA HIS B 331 17.84 61.38 4.14
C HIS B 331 17.98 62.57 5.08
N GLN B 332 17.90 62.29 6.37
CA GLN B 332 18.10 63.30 7.41
C GLN B 332 19.55 63.18 7.88
N PRO B 333 20.47 63.99 7.39
CA PRO B 333 21.87 63.80 7.74
C PRO B 333 22.14 64.06 9.20
N SER B 334 23.13 63.34 9.73
CA SER B 334 23.61 63.58 11.09
C SER B 334 24.48 64.82 11.12
N LYS B 335 24.70 65.34 12.33
CA LYS B 335 25.52 66.52 12.50
C LYS B 335 27.01 66.24 12.37
N GLU B 336 27.42 64.98 12.25
CA GLU B 336 28.84 64.67 12.16
C GLU B 336 29.52 65.41 11.03
N PHE B 337 28.81 65.68 9.94
CA PHE B 337 29.35 66.35 8.77
C PHE B 337 28.87 67.79 8.64
N GLU B 338 28.39 68.40 9.73
CA GLU B 338 27.89 69.77 9.66
C GLU B 338 29.01 70.74 9.32
N GLU B 339 30.22 70.51 9.83
CA GLU B 339 31.33 71.43 9.63
C GLU B 339 32.19 71.11 8.43
N CYS B 340 31.87 70.05 7.68
CA CYS B 340 32.66 69.72 6.51
C CYS B 340 32.39 70.72 5.39
N PRO B 341 33.38 71.02 4.55
CA PRO B 341 33.17 71.96 3.45
C PRO B 341 32.40 71.32 2.31
N GLN B 342 32.03 72.17 1.35
CA GLN B 342 31.38 71.68 0.14
C GLN B 342 32.33 70.78 -0.64
N GLN B 343 31.79 69.73 -1.24
CA GLN B 343 32.57 68.73 -1.95
C GLN B 343 32.30 68.83 -3.45
N MET B 344 33.36 68.64 -4.23
CA MET B 344 33.28 68.70 -5.69
C MET B 344 33.29 67.29 -6.26
N VAL B 345 32.36 67.01 -7.15
CA VAL B 345 32.23 65.70 -7.77
C VAL B 345 32.21 65.87 -9.27
N ILE B 346 33.11 65.17 -9.95
CA ILE B 346 33.16 65.11 -11.41
C ILE B 346 32.70 63.71 -11.82
N THR B 347 31.64 63.64 -12.61
CA THR B 347 31.07 62.37 -13.04
C THR B 347 31.14 62.26 -14.56
N ALA B 348 31.62 61.11 -15.03
CA ALA B 348 31.67 60.83 -16.46
C ALA B 348 31.25 59.39 -16.71
N CYS B 349 30.70 59.14 -17.88
CA CYS B 349 30.21 57.84 -18.28
C CYS B 349 30.82 57.43 -19.61
N GLY B 350 30.99 56.13 -19.79
CA GLY B 350 31.57 55.60 -21.01
C GLY B 350 30.59 55.70 -22.16
N PRO B 351 31.06 55.40 -23.37
CA PRO B 351 32.42 54.97 -23.74
C PRO B 351 33.47 56.05 -23.57
N PHE B 352 34.70 55.64 -23.29
CA PHE B 352 35.80 56.56 -23.03
C PHE B 352 36.75 56.71 -24.21
N THR B 353 36.61 55.89 -25.23
CA THR B 353 37.44 55.97 -26.43
C THR B 353 36.56 56.20 -27.65
N THR B 354 37.16 56.79 -28.68
CA THR B 354 36.44 57.06 -29.90
C THR B 354 36.08 55.75 -30.58
N SER B 355 35.08 55.82 -31.47
CA SER B 355 34.58 54.61 -32.10
C SER B 355 35.67 53.88 -32.88
N ASP B 356 36.62 54.61 -33.44
CA ASP B 356 37.63 54.04 -34.31
C ASP B 356 39.00 53.95 -33.65
N THR B 357 39.09 54.14 -32.33
CA THR B 357 40.37 54.08 -31.65
C THR B 357 40.21 53.33 -30.33
N ILE B 358 41.33 52.86 -29.80
CA ILE B 358 41.35 52.11 -28.55
C ILE B 358 42.39 52.74 -27.62
N THR B 359 42.66 54.03 -27.83
CA THR B 359 43.72 54.72 -27.12
C THR B 359 43.23 55.49 -25.91
N TYR B 360 41.92 55.69 -25.75
CA TYR B 360 41.34 56.38 -24.60
C TYR B 360 41.86 57.82 -24.54
N ASP B 361 41.60 58.56 -25.61
CA ASP B 361 41.98 59.97 -25.63
C ASP B 361 41.07 60.82 -24.76
N ALA B 362 39.76 60.57 -24.84
CA ALA B 362 38.83 61.31 -24.00
C ALA B 362 39.11 61.06 -22.53
N LEU B 363 39.47 59.83 -22.17
CA LEU B 363 39.83 59.53 -20.80
C LEU B 363 41.05 60.32 -20.37
N LYS B 364 42.04 60.46 -21.25
CA LYS B 364 43.22 61.24 -20.91
C LYS B 364 42.87 62.70 -20.69
N ASP B 365 42.00 63.25 -21.55
CA ASP B 365 41.57 64.63 -21.36
C ASP B 365 40.84 64.78 -20.03
N LEU B 366 39.97 63.83 -19.69
CA LEU B 366 39.23 63.92 -18.44
C LEU B 366 40.16 63.81 -17.24
N ILE B 367 41.18 62.95 -17.32
CA ILE B 367 42.15 62.83 -16.24
C ILE B 367 42.92 64.14 -16.08
N ASP B 368 43.27 64.78 -17.19
CA ASP B 368 43.91 66.09 -17.11
C ASP B 368 43.00 67.09 -16.42
N ILE B 369 41.71 67.07 -16.76
CA ILE B 369 40.75 67.97 -16.11
C ILE B 369 40.69 67.67 -14.62
N VAL B 370 40.71 66.40 -14.25
CA VAL B 370 40.64 66.02 -12.83
C VAL B 370 41.85 66.58 -12.09
N ASN B 371 43.04 66.36 -12.63
CA ASN B 371 44.24 66.86 -11.97
C ASN B 371 44.25 68.38 -11.93
N ARG B 372 43.66 69.03 -12.94
CA ARG B 372 43.61 70.48 -12.96
C ARG B 372 42.68 71.03 -11.90
N ASP B 373 41.48 70.47 -11.80
CA ASP B 373 40.45 70.99 -10.89
C ASP B 373 40.51 70.37 -9.51
N ARG B 374 41.17 69.23 -9.35
CA ARG B 374 41.31 68.56 -8.06
C ARG B 374 39.94 68.39 -7.40
N PRO B 375 39.06 67.59 -7.99
CA PRO B 375 37.77 67.32 -7.34
C PRO B 375 37.93 66.39 -6.16
N ASP B 376 36.89 66.35 -5.33
CA ASP B 376 36.88 65.48 -4.16
C ASP B 376 36.47 64.06 -4.52
N ILE B 377 35.56 63.89 -5.48
CA ILE B 377 35.17 62.57 -5.94
C ILE B 377 35.07 62.57 -7.46
N CYS B 378 35.51 61.47 -8.07
CA CYS B 378 35.37 61.25 -9.51
C CYS B 378 34.60 59.95 -9.70
N ILE B 379 33.39 60.07 -10.24
CA ILE B 379 32.51 58.92 -10.46
C ILE B 379 32.60 58.55 -11.93
N LEU B 380 33.22 57.40 -12.21
CA LEU B 380 33.37 56.90 -13.57
C LEU B 380 32.44 55.71 -13.77
N LEU B 381 31.53 55.83 -14.72
CA LEU B 381 30.56 54.78 -15.04
C LEU B 381 30.94 54.14 -16.36
N GLY B 382 30.70 52.83 -16.46
CA GLY B 382 31.08 52.09 -17.62
C GLY B 382 30.23 52.45 -18.83
N PRO B 383 30.53 51.82 -19.96
CA PRO B 383 31.56 50.79 -20.16
C PRO B 383 32.97 51.35 -20.23
N PHE B 384 33.94 50.55 -19.80
CA PHE B 384 35.35 50.90 -19.95
C PHE B 384 36.01 50.18 -21.10
N LEU B 385 35.47 49.02 -21.48
CA LEU B 385 35.84 48.30 -22.70
C LEU B 385 34.52 47.91 -23.34
N ASP B 386 33.99 48.78 -24.18
CA ASP B 386 32.65 48.61 -24.72
C ASP B 386 32.56 47.36 -25.57
N ALA B 387 31.46 46.63 -25.40
CA ALA B 387 31.23 45.44 -26.21
C ALA B 387 30.79 45.80 -27.63
N LYS B 388 30.19 46.97 -27.81
CA LYS B 388 29.72 47.41 -29.11
C LYS B 388 30.79 48.16 -29.90
N HIS B 389 31.97 48.36 -29.33
CA HIS B 389 33.06 48.98 -30.06
C HIS B 389 33.35 48.16 -31.31
N GLU B 390 33.48 48.86 -32.45
CA GLU B 390 33.63 48.15 -33.72
C GLU B 390 34.84 47.24 -33.71
N GLN B 391 35.91 47.65 -33.05
CA GLN B 391 37.10 46.81 -32.97
C GLN B 391 36.84 45.55 -32.17
N ILE B 392 36.04 45.66 -31.10
CA ILE B 392 35.79 44.51 -30.24
C ILE B 392 34.94 43.47 -30.94
N GLU B 393 33.88 43.91 -31.62
CA GLU B 393 32.94 42.96 -32.20
C GLU B 393 33.58 42.15 -33.33
N ASN B 394 34.38 42.79 -34.16
CA ASN B 394 34.96 42.14 -35.32
C ASN B 394 36.28 41.43 -35.02
N LEU B 395 36.70 41.39 -33.75
CA LEU B 395 37.88 40.65 -33.32
C LEU B 395 39.12 41.13 -34.07
N GLN B 396 39.44 42.41 -33.87
CA GLN B 396 40.66 43.01 -34.38
C GLN B 396 41.66 43.32 -33.27
N LEU B 397 41.31 43.05 -32.01
CA LEU B 397 42.18 43.34 -30.89
C LEU B 397 43.27 42.29 -30.78
N THR B 398 44.51 42.74 -30.60
CA THR B 398 45.65 41.85 -30.48
C THR B 398 45.97 41.49 -29.04
N VAL B 399 45.22 42.03 -28.07
CA VAL B 399 45.42 41.72 -26.67
C VAL B 399 44.09 41.32 -26.05
N THR B 400 44.16 40.55 -24.97
CA THR B 400 42.95 40.06 -24.32
C THR B 400 42.15 41.23 -23.73
N PHE B 401 40.85 40.99 -23.56
CA PHE B 401 39.99 42.03 -23.00
C PHE B 401 40.46 42.44 -21.61
N GLU B 402 40.83 41.45 -20.78
CA GLU B 402 41.28 41.76 -19.43
C GLU B 402 42.50 42.67 -19.45
N ASP B 403 43.39 42.47 -20.41
CA ASP B 403 44.59 43.31 -20.48
C ASP B 403 44.24 44.75 -20.82
N VAL B 404 43.33 44.97 -21.77
CA VAL B 404 42.92 46.32 -22.11
C VAL B 404 42.26 46.99 -20.92
N PHE B 405 41.37 46.26 -20.23
CA PHE B 405 40.69 46.85 -19.08
C PHE B 405 41.69 47.16 -17.97
N LYS B 406 42.66 46.29 -17.76
CA LYS B 406 43.68 46.54 -16.75
C LYS B 406 44.49 47.79 -17.09
N ARG B 407 44.84 47.94 -18.36
CA ARG B 407 45.56 49.15 -18.79
C ARG B 407 44.72 50.39 -18.54
N CYS B 408 43.42 50.32 -18.86
CA CYS B 408 42.56 51.48 -18.66
C CYS B 408 42.48 51.85 -17.17
N LEU B 409 42.30 50.85 -16.31
CA LEU B 409 42.18 51.12 -14.89
C LEU B 409 43.50 51.64 -14.32
N LYS B 410 44.62 51.10 -14.77
CA LYS B 410 45.91 51.64 -14.34
C LYS B 410 46.05 53.09 -14.77
N MET B 411 45.69 53.41 -16.01
CA MET B 411 45.72 54.80 -16.46
C MET B 411 44.90 55.68 -15.54
N ILE B 412 43.67 55.27 -15.26
CA ILE B 412 42.79 56.10 -14.43
C ILE B 412 43.39 56.30 -13.05
N ILE B 413 43.80 55.22 -12.39
CA ILE B 413 44.20 55.31 -11.00
C ILE B 413 45.53 56.05 -10.87
N GLU B 414 46.53 55.66 -11.67
CA GLU B 414 47.84 56.30 -11.57
C GLU B 414 47.78 57.76 -12.01
N GLY B 415 47.01 58.06 -13.06
CA GLY B 415 46.93 59.43 -13.53
C GLY B 415 46.26 60.38 -12.57
N THR B 416 45.42 59.87 -11.67
CA THR B 416 44.73 60.70 -10.69
C THR B 416 45.51 60.83 -9.39
N ARG B 417 46.71 60.26 -9.32
CA ARG B 417 47.50 60.37 -8.10
C ARG B 417 47.73 61.81 -7.69
N PRO B 418 48.12 62.72 -8.58
CA PRO B 418 48.32 64.11 -8.14
C PRO B 418 47.07 64.74 -7.56
N SER B 419 45.89 64.40 -8.06
CA SER B 419 44.67 65.01 -7.56
C SER B 419 44.26 64.47 -6.19
N GLY B 420 44.67 63.26 -5.85
CA GLY B 420 44.23 62.68 -4.58
C GLY B 420 42.72 62.55 -4.48
N CYS B 421 42.06 62.20 -5.58
CA CYS B 421 40.60 62.21 -5.65
C CYS B 421 40.05 60.81 -5.49
N HIS B 422 39.05 60.67 -4.63
CA HIS B 422 38.39 59.38 -4.46
C HIS B 422 37.69 58.96 -5.74
N LEU B 423 38.09 57.82 -6.29
CA LEU B 423 37.52 57.30 -7.53
C LEU B 423 36.45 56.27 -7.21
N VAL B 424 35.28 56.44 -7.80
CA VAL B 424 34.17 55.50 -7.66
C VAL B 424 33.89 54.92 -9.03
N ILE B 425 34.22 53.65 -9.23
CA ILE B 425 34.11 52.98 -10.52
C ILE B 425 32.85 52.12 -10.51
N VAL B 426 31.95 52.36 -11.46
CA VAL B 426 30.69 51.65 -11.59
C VAL B 426 30.73 50.84 -12.88
N PRO B 427 30.51 49.52 -12.84
CA PRO B 427 30.53 48.73 -14.06
C PRO B 427 29.29 48.98 -14.90
N SER B 428 29.37 48.54 -16.16
CA SER B 428 28.28 48.68 -17.12
C SER B 428 28.00 47.32 -17.75
N LEU B 429 26.75 47.12 -18.16
CA LEU B 429 26.40 45.89 -18.83
C LEU B 429 27.11 45.74 -20.17
N ARG B 430 27.66 46.82 -20.71
CA ARG B 430 28.41 46.78 -21.96
C ARG B 430 29.89 46.46 -21.76
N ASP B 431 30.33 46.24 -20.52
CA ASP B 431 31.71 45.85 -20.25
C ASP B 431 31.93 44.42 -20.74
N VAL B 432 32.66 44.29 -21.85
CA VAL B 432 32.85 42.97 -22.47
C VAL B 432 33.63 42.03 -21.57
N HIS B 433 34.36 42.53 -20.59
CA HIS B 433 35.22 41.70 -19.76
C HIS B 433 34.57 41.27 -18.45
N HIS B 434 33.38 41.77 -18.12
CA HIS B 434 32.78 41.54 -16.83
C HIS B 434 31.56 40.63 -16.97
N ASP B 435 31.06 40.17 -15.83
CA ASP B 435 29.93 39.26 -15.79
C ASP B 435 28.68 39.97 -16.31
N PRO B 436 28.01 39.44 -17.33
CA PRO B 436 26.81 40.12 -17.87
C PRO B 436 25.53 39.76 -17.12
N VAL B 437 25.35 40.42 -15.98
CA VAL B 437 24.18 40.17 -15.14
C VAL B 437 23.87 41.44 -14.35
N TYR B 438 22.59 41.69 -14.13
CA TYR B 438 22.14 42.85 -13.37
C TYR B 438 21.32 42.38 -12.18
N PRO B 439 21.54 42.92 -10.97
CA PRO B 439 22.54 43.91 -10.57
C PRO B 439 23.96 43.44 -10.76
N GLN B 440 24.82 44.29 -11.31
CA GLN B 440 26.17 43.90 -11.66
C GLN B 440 27.06 43.95 -10.41
N PRO B 441 27.80 42.89 -10.10
CA PRO B 441 28.75 42.97 -8.99
C PRO B 441 29.88 43.92 -9.30
N PRO B 442 30.62 44.37 -8.30
CA PRO B 442 31.74 45.27 -8.57
C PRO B 442 32.88 44.58 -9.30
N PHE B 443 33.72 45.39 -9.93
CA PHE B 443 34.93 44.87 -10.55
C PHE B 443 35.83 44.26 -9.49
N SER B 444 36.46 43.14 -9.85
CA SER B 444 37.33 42.44 -8.89
C SER B 444 38.61 41.94 -9.54
N CYS B 445 38.93 42.33 -10.76
CA CYS B 445 40.11 41.86 -11.46
C CYS B 445 41.32 42.78 -11.28
N PHE B 446 41.18 43.89 -10.55
CA PHE B 446 42.27 44.85 -10.38
C PHE B 446 42.52 45.07 -8.91
N GLU B 447 43.78 45.00 -8.52
CA GLU B 447 44.18 45.27 -7.14
C GLU B 447 44.94 46.58 -7.08
N PRO B 448 44.36 47.66 -6.58
CA PRO B 448 45.10 48.93 -6.52
C PRO B 448 46.33 48.82 -5.63
N ALA B 449 47.35 49.59 -5.97
CA ALA B 449 48.55 49.64 -5.15
C ALA B 449 48.20 50.08 -3.73
N LYS B 450 49.14 49.85 -2.82
CA LYS B 450 48.90 50.20 -1.42
C LYS B 450 48.66 51.69 -1.23
N GLU B 451 49.12 52.53 -2.16
CA GLU B 451 48.96 53.96 -2.05
C GLU B 451 47.65 54.47 -2.65
N ASP B 452 46.85 53.57 -3.23
CA ASP B 452 45.58 53.97 -3.83
C ASP B 452 44.41 53.13 -3.31
N LYS B 453 44.64 52.27 -2.32
CA LYS B 453 43.56 51.43 -1.82
C LYS B 453 42.43 52.26 -1.21
N GLU B 454 42.79 53.28 -0.41
CA GLU B 454 41.78 54.11 0.25
C GLU B 454 41.10 55.08 -0.69
N ARG B 455 41.58 55.23 -1.92
CA ARG B 455 41.02 56.18 -2.87
C ARG B 455 40.06 55.56 -3.87
N VAL B 456 40.24 54.28 -4.19
CA VAL B 456 39.47 53.61 -5.22
C VAL B 456 38.35 52.82 -4.56
N HIS B 457 37.13 52.99 -5.08
CA HIS B 457 35.95 52.29 -4.59
C HIS B 457 35.31 51.58 -5.78
N PHE B 458 35.45 50.26 -5.82
CA PHE B 458 34.80 49.45 -6.83
C PHE B 458 33.41 49.13 -6.29
N VAL B 459 32.40 49.81 -6.82
CA VAL B 459 31.04 49.67 -6.35
C VAL B 459 30.21 48.90 -7.37
N ALA B 460 29.00 48.54 -6.97
CA ALA B 460 28.10 47.75 -7.79
C ALA B 460 27.11 48.65 -8.54
N ASP B 461 26.56 48.11 -9.62
CA ASP B 461 25.51 48.78 -10.37
C ASP B 461 24.17 48.18 -9.99
N PRO B 462 23.24 48.94 -9.41
CA PRO B 462 23.28 50.37 -9.05
C PRO B 462 24.02 50.62 -7.75
N CYS B 463 24.33 51.86 -7.42
CA CYS B 463 25.00 52.17 -6.17
C CYS B 463 24.35 53.37 -5.50
N THR B 464 24.24 53.30 -4.18
CA THR B 464 23.84 54.43 -3.34
C THR B 464 25.04 54.77 -2.48
N LEU B 465 25.64 55.93 -2.72
CA LEU B 465 26.86 56.36 -2.07
C LEU B 465 26.55 57.44 -1.06
N SER B 466 27.27 57.46 0.05
CA SER B 466 27.20 58.53 1.03
C SER B 466 28.51 59.29 1.03
N VAL B 467 28.43 60.59 0.79
CA VAL B 467 29.58 61.48 0.69
C VAL B 467 29.33 62.60 1.70
N ASN B 468 29.91 62.47 2.88
CA ASN B 468 29.72 63.47 3.94
C ASN B 468 28.23 63.70 4.19
N GLY B 469 27.46 62.62 4.19
CA GLY B 469 26.05 62.69 4.43
C GLY B 469 25.18 62.91 3.21
N VAL B 470 25.76 63.29 2.09
CA VAL B 470 24.98 63.46 0.87
C VAL B 470 24.81 62.11 0.19
N VAL B 471 23.57 61.76 -0.10
CA VAL B 471 23.25 60.47 -0.72
C VAL B 471 23.18 60.67 -2.22
N ILE B 472 24.03 59.98 -2.95
CA ILE B 472 24.07 60.03 -4.41
C ILE B 472 23.66 58.67 -4.92
N GLY B 473 22.59 58.63 -5.72
CA GLY B 473 22.24 57.41 -6.42
C GLY B 473 22.84 57.45 -7.81
N MET B 474 23.31 56.29 -8.27
CA MET B 474 23.92 56.22 -9.58
C MET B 474 23.67 54.84 -10.18
N THR B 475 23.50 54.82 -11.50
CA THR B 475 23.38 53.58 -12.24
C THR B 475 23.99 53.80 -13.62
N SER B 476 24.73 52.80 -14.09
CA SER B 476 25.26 52.85 -15.45
C SER B 476 24.20 52.52 -16.49
N THR B 477 23.16 51.80 -16.10
CA THR B 477 22.12 51.41 -17.05
C THR B 477 21.40 52.61 -17.60
N ASP B 478 21.11 52.58 -18.90
CA ASP B 478 20.39 53.66 -19.58
C ASP B 478 18.91 53.49 -19.27
N LEU B 479 18.52 53.92 -18.08
CA LEU B 479 17.13 53.78 -17.64
C LEU B 479 16.19 54.58 -18.50
N LEU B 480 16.57 55.82 -18.82
CA LEU B 480 15.66 56.70 -19.56
C LEU B 480 15.39 56.16 -20.96
N PHE B 481 16.40 55.67 -21.65
CA PHE B 481 16.18 55.10 -22.97
C PHE B 481 15.31 53.86 -22.88
N HIS B 482 15.55 53.02 -21.87
CA HIS B 482 14.76 51.80 -21.70
C HIS B 482 13.30 52.10 -21.44
N MET B 483 13.00 53.08 -20.59
CA MET B 483 11.61 53.35 -20.22
C MET B 483 10.91 54.31 -21.19
N GLY B 484 11.65 55.17 -21.87
CA GLY B 484 11.05 56.03 -22.87
C GLY B 484 10.44 55.26 -24.01
N ALA B 485 11.01 54.11 -24.34
CA ALA B 485 10.48 53.29 -25.41
C ALA B 485 9.18 52.60 -25.03
N GLU B 486 8.78 52.62 -23.77
CA GLU B 486 7.61 51.90 -23.30
C GLU B 486 6.61 52.75 -22.55
N GLU B 487 6.98 53.94 -22.09
CA GLU B 487 6.06 54.76 -21.31
C GLU B 487 4.99 55.37 -22.21
N ILE B 488 3.75 55.29 -21.78
CA ILE B 488 2.62 55.90 -22.47
C ILE B 488 1.99 56.92 -21.53
N SER B 489 1.67 58.10 -22.08
CA SER B 489 1.13 59.20 -21.29
C SER B 489 -0.09 59.77 -21.98
N SER B 490 -0.96 60.39 -21.19
CA SER B 490 -2.17 60.99 -21.75
C SER B 490 -1.84 62.24 -22.56
N SER B 491 -0.86 63.02 -22.11
CA SER B 491 -0.47 64.23 -22.81
C SER B 491 1.04 64.40 -22.79
N ASP B 496 7.35 67.39 -19.06
CA ASP B 496 8.55 66.84 -19.68
C ASP B 496 8.59 65.32 -19.51
N ARG B 497 8.81 64.62 -20.63
CA ARG B 497 8.78 63.16 -20.59
C ARG B 497 9.86 62.61 -19.68
N PHE B 498 11.07 63.17 -19.77
CA PHE B 498 12.16 62.70 -18.93
C PHE B 498 11.85 62.93 -17.46
N SER B 499 11.25 64.06 -17.12
CA SER B 499 10.86 64.31 -15.73
C SER B 499 9.84 63.28 -15.26
N ARG B 500 8.88 62.94 -16.13
CA ARG B 500 7.90 61.91 -15.77
C ARG B 500 8.59 60.57 -15.51
N ILE B 501 9.52 60.19 -16.38
CA ILE B 501 10.20 58.91 -16.20
C ILE B 501 11.03 58.92 -14.93
N LEU B 502 11.71 60.02 -14.65
CA LEU B 502 12.51 60.11 -13.44
C LEU B 502 11.64 60.04 -12.19
N ARG B 503 10.50 60.72 -12.20
CA ARG B 503 9.57 60.62 -11.09
C ARG B 503 9.05 59.20 -10.94
N HIS B 504 8.82 58.52 -12.05
CA HIS B 504 8.40 57.12 -11.98
C HIS B 504 9.46 56.27 -11.30
N ILE B 505 10.72 56.48 -11.66
CA ILE B 505 11.80 55.72 -11.04
C ILE B 505 11.85 56.00 -9.55
N LEU B 506 11.74 57.27 -9.17
CA LEU B 506 11.82 57.61 -7.75
C LEU B 506 10.63 57.06 -6.96
N THR B 507 9.43 57.10 -7.54
CA THR B 507 8.24 56.66 -6.84
C THR B 507 8.14 55.14 -6.75
N GLN B 508 8.63 54.43 -7.76
CA GLN B 508 8.63 52.98 -7.69
C GLN B 508 9.68 52.46 -6.71
N ARG B 509 10.64 53.31 -6.33
CA ARG B 509 11.63 52.97 -5.32
C ARG B 509 12.55 51.85 -5.76
N SER B 510 12.75 51.70 -7.07
CA SER B 510 13.68 50.71 -7.61
C SER B 510 14.54 51.37 -8.68
N TYR B 511 15.81 50.96 -8.75
CA TYR B 511 16.69 51.44 -9.79
C TYR B 511 16.41 50.83 -11.16
N TYR B 512 15.53 49.84 -11.24
CA TYR B 512 15.11 49.29 -12.53
C TYR B 512 13.71 48.71 -12.37
N PRO B 513 12.69 49.57 -12.49
CA PRO B 513 11.31 49.11 -12.33
C PRO B 513 10.66 48.54 -13.59
N LEU B 514 11.38 48.47 -14.70
CA LEU B 514 10.79 48.05 -15.96
C LEU B 514 10.71 46.53 -16.01
N TYR B 515 9.52 46.01 -16.31
CA TYR B 515 9.33 44.57 -16.45
C TYR B 515 8.34 44.27 -17.57
N PRO B 516 8.73 43.48 -18.58
CA PRO B 516 10.03 42.84 -18.79
C PRO B 516 11.10 43.88 -19.12
N PRO B 517 12.36 43.59 -18.83
CA PRO B 517 13.40 44.59 -19.10
C PRO B 517 13.59 44.85 -20.58
N ASN B 518 14.51 45.74 -20.92
CA ASN B 518 14.88 45.92 -22.31
C ASN B 518 15.69 44.72 -22.78
N GLU B 519 15.86 44.62 -24.10
CA GLU B 519 16.55 43.48 -24.69
C GLU B 519 18.05 43.48 -24.41
N GLU B 520 18.60 44.55 -23.85
CA GLU B 520 20.04 44.69 -23.73
C GLU B 520 20.55 44.49 -22.31
N ILE B 521 19.70 44.07 -21.39
CA ILE B 521 20.08 43.92 -19.99
C ILE B 521 19.66 42.54 -19.49
N ASN B 522 20.58 41.85 -18.81
CA ASN B 522 20.32 40.55 -18.21
C ASN B 522 20.03 40.76 -16.73
N ILE B 523 18.85 40.34 -16.28
CA ILE B 523 18.38 40.61 -14.92
C ILE B 523 18.30 39.30 -14.16
N ASP B 524 19.05 39.19 -13.08
CA ASP B 524 18.89 38.13 -12.10
C ASP B 524 17.93 38.64 -11.03
N TYR B 525 16.74 38.05 -10.94
CA TYR B 525 15.66 38.67 -10.20
C TYR B 525 15.83 38.56 -8.69
N GLU B 526 16.49 37.53 -8.18
CA GLU B 526 16.80 37.50 -6.76
C GLU B 526 17.75 38.63 -6.39
N ALA B 527 18.82 38.79 -7.18
CA ALA B 527 19.74 39.89 -6.94
C ALA B 527 19.06 41.24 -7.16
N LEU B 528 18.16 41.32 -8.14
CA LEU B 528 17.41 42.54 -8.35
C LEU B 528 16.57 42.89 -7.12
N TYR B 529 15.91 41.89 -6.54
CA TYR B 529 15.11 42.12 -5.34
C TYR B 529 15.99 42.57 -4.19
N SER B 530 17.16 41.96 -4.04
CA SER B 530 18.03 42.25 -2.91
C SER B 530 18.81 43.55 -3.04
N TYR B 531 19.09 44.03 -4.26
CA TYR B 531 20.07 45.10 -4.42
C TYR B 531 19.62 46.26 -5.30
N THR B 532 18.36 46.30 -5.74
CA THR B 532 17.82 47.42 -6.51
C THR B 532 16.83 48.29 -5.74
N PRO B 533 16.38 47.92 -4.54
CA PRO B 533 15.54 48.86 -3.78
C PRO B 533 16.30 50.14 -3.48
N MET B 534 15.64 51.27 -3.69
CA MET B 534 16.22 52.55 -3.34
C MET B 534 16.04 52.81 -1.84
N PRO B 535 17.11 52.89 -1.06
CA PRO B 535 16.93 53.06 0.39
C PRO B 535 16.15 54.32 0.73
N VAL B 536 16.59 55.46 0.21
CA VAL B 536 15.90 56.73 0.35
C VAL B 536 15.85 57.40 -1.01
N THR B 537 15.27 58.58 -1.05
CA THR B 537 15.30 59.38 -2.27
C THR B 537 16.62 60.13 -2.33
N PRO B 538 17.48 59.86 -3.30
CA PRO B 538 18.83 60.43 -3.27
C PRO B 538 18.84 61.93 -3.49
N ASP B 539 19.81 62.59 -2.87
CA ASP B 539 19.99 64.03 -3.09
C ASP B 539 20.43 64.31 -4.51
N VAL B 540 21.30 63.46 -5.06
CA VAL B 540 21.71 63.54 -6.45
C VAL B 540 21.53 62.16 -7.08
N PHE B 541 21.05 62.12 -8.31
CA PHE B 541 20.80 60.87 -9.01
C PHE B 541 21.48 60.94 -10.37
N ILE B 542 22.58 60.21 -10.52
CA ILE B 542 23.34 60.17 -11.76
C ILE B 542 22.75 59.12 -12.67
N VAL B 543 22.21 59.55 -13.81
CA VAL B 543 21.56 58.66 -14.76
C VAL B 543 22.09 58.95 -16.17
N PRO B 544 23.27 58.46 -16.51
CA PRO B 544 23.79 58.67 -17.87
C PRO B 544 22.88 58.04 -18.89
N SER B 545 22.77 58.69 -20.05
CA SER B 545 21.85 58.21 -21.07
C SER B 545 22.37 58.59 -22.45
N GLU B 546 21.99 57.78 -23.43
CA GLU B 546 22.22 58.17 -24.82
C GLU B 546 21.40 59.40 -25.20
N LEU B 547 20.33 59.67 -24.48
CA LEU B 547 19.56 60.88 -24.69
C LEU B 547 20.40 62.09 -24.32
N ARG B 548 19.84 63.28 -24.54
CA ARG B 548 20.60 64.50 -24.33
C ARG B 548 20.91 64.71 -22.85
N TYR B 549 22.04 65.36 -22.59
CA TYR B 549 22.43 65.69 -21.24
C TYR B 549 21.41 66.62 -20.59
N PHE B 550 21.32 66.57 -19.26
CA PHE B 550 20.40 67.46 -18.58
C PHE B 550 20.73 67.51 -17.09
N ILE B 551 20.20 68.54 -16.43
CA ILE B 551 20.19 68.64 -14.99
C ILE B 551 18.77 69.05 -14.60
N LYS B 552 18.01 68.12 -14.04
CA LYS B 552 16.62 68.36 -13.71
C LYS B 552 16.41 68.24 -12.21
N ASP B 553 15.38 68.92 -11.72
CA ASP B 553 14.98 68.84 -10.32
C ASP B 553 13.63 68.11 -10.27
N VAL B 554 13.67 66.85 -9.91
CA VAL B 554 12.48 66.00 -9.85
C VAL B 554 12.17 65.73 -8.39
N THR B 555 11.10 66.33 -7.89
CA THR B 555 10.64 66.12 -6.52
C THR B 555 11.77 66.35 -5.52
N GLY B 556 12.58 67.38 -5.76
CA GLY B 556 13.64 67.74 -4.85
C GLY B 556 14.92 66.96 -5.01
N CYS B 557 14.99 66.06 -5.99
CA CYS B 557 16.21 65.30 -6.27
C CYS B 557 16.83 65.85 -7.54
N ILE B 558 18.13 66.08 -7.52
CA ILE B 558 18.85 66.64 -8.66
C ILE B 558 19.29 65.46 -9.52
N CYS B 559 18.57 65.24 -10.61
CA CYS B 559 18.89 64.18 -11.56
C CYS B 559 19.81 64.73 -12.63
N ILE B 560 21.01 64.15 -12.74
CA ILE B 560 22.03 64.63 -13.66
C ILE B 560 22.26 63.55 -14.70
N ASN B 561 22.10 63.91 -15.97
CA ASN B 561 22.55 63.09 -17.09
C ASN B 561 23.73 63.81 -17.72
N PRO B 562 24.97 63.39 -17.44
CA PRO B 562 26.13 64.03 -18.07
C PRO B 562 26.39 63.57 -19.49
N GLY B 563 25.45 62.87 -20.12
CA GLY B 563 25.72 62.30 -21.42
C GLY B 563 26.79 61.23 -21.29
N ARG B 564 27.49 61.00 -22.39
CA ARG B 564 28.60 60.08 -22.44
C ARG B 564 29.85 60.83 -22.89
N LEU B 565 30.99 60.46 -22.32
CA LEU B 565 32.22 61.21 -22.59
C LEU B 565 32.52 61.26 -24.08
N THR B 566 32.18 60.21 -24.83
CA THR B 566 32.39 60.17 -26.28
C THR B 566 31.10 59.79 -26.97
N LYS B 567 30.76 60.55 -28.01
CA LYS B 567 29.55 60.32 -28.81
C LYS B 567 30.01 59.96 -30.22
N GLY B 568 30.26 58.67 -30.45
CA GLY B 568 30.74 58.23 -31.74
C GLY B 568 32.16 58.67 -32.02
N LEU B 569 32.34 59.44 -33.10
CA LEU B 569 33.65 59.96 -33.46
C LEU B 569 33.98 61.28 -32.78
N VAL B 570 33.00 61.96 -32.18
CA VAL B 570 33.18 63.28 -31.60
C VAL B 570 33.20 63.17 -30.08
N GLY B 571 33.85 64.14 -29.46
CA GLY B 571 33.91 64.17 -28.01
C GLY B 571 32.57 64.47 -27.38
N GLY B 572 32.39 64.01 -26.15
CA GLY B 572 31.13 64.15 -25.45
C GLY B 572 31.17 65.15 -24.32
N THR B 573 30.63 64.78 -23.17
CA THR B 573 30.49 65.71 -22.06
C THR B 573 30.65 64.96 -20.74
N TYR B 574 30.93 65.72 -19.69
CA TYR B 574 30.93 65.23 -18.33
C TYR B 574 30.15 66.22 -17.48
N ALA B 575 30.05 65.95 -16.18
CA ALA B 575 29.34 66.84 -15.28
C ALA B 575 30.17 67.09 -14.03
N ARG B 576 29.98 68.27 -13.45
CA ARG B 576 30.62 68.63 -12.19
C ARG B 576 29.57 69.28 -11.30
N PHE B 577 29.50 68.87 -10.05
CA PHE B 577 28.54 69.44 -9.13
C PHE B 577 29.14 69.57 -7.74
N LEU B 578 28.54 70.46 -6.96
CA LEU B 578 28.97 70.74 -5.60
C LEU B 578 27.89 70.31 -4.62
N VAL B 579 28.27 69.53 -3.62
CA VAL B 579 27.33 68.97 -2.66
C VAL B 579 27.80 69.32 -1.26
N LYS B 580 26.89 69.80 -0.43
CA LYS B 580 27.16 70.03 0.98
C LYS B 580 25.93 69.64 1.79
N SER B 581 26.15 68.88 2.85
CA SER B 581 25.04 68.40 3.67
C SER B 581 24.49 69.54 4.51
N GLY B 582 23.17 69.72 4.48
CA GLY B 582 22.54 70.75 5.27
C GLY B 582 22.53 72.13 4.65
N ALA B 583 22.98 72.27 3.40
CA ALA B 583 22.97 73.57 2.75
C ALA B 583 21.55 74.10 2.64
N MET B 584 21.37 75.36 3.02
CA MET B 584 20.06 76.01 2.97
C MET B 584 18.97 75.12 3.59
N ARG B 590 15.74 72.70 1.08
CA ARG B 590 16.68 71.63 0.78
C ARG B 590 17.47 71.95 -0.47
N SER B 591 18.72 72.36 -0.29
CA SER B 591 19.61 72.72 -1.38
C SER B 591 20.94 72.00 -1.26
N THR B 592 20.87 70.69 -1.05
CA THR B 592 22.08 69.90 -0.89
C THR B 592 22.99 69.98 -2.11
N CYS B 593 22.43 70.33 -3.28
CA CYS B 593 23.22 70.54 -4.48
C CYS B 593 23.35 72.04 -4.71
N ILE B 594 24.53 72.57 -4.39
CA ILE B 594 24.75 74.01 -4.51
C ILE B 594 24.72 74.43 -5.97
N SER B 595 25.45 73.71 -6.82
CA SER B 595 25.56 74.04 -8.22
C SER B 595 25.89 72.76 -8.99
N ALA B 596 25.55 72.78 -10.28
CA ALA B 596 25.82 71.63 -11.14
C ALA B 596 25.96 72.15 -12.56
N GLN B 597 26.82 71.48 -13.33
CA GLN B 597 27.09 71.92 -14.69
C GLN B 597 27.44 70.73 -15.55
N VAL B 598 26.81 70.66 -16.72
CA VAL B 598 27.22 69.75 -17.77
C VAL B 598 28.16 70.50 -18.69
N VAL B 599 29.39 70.00 -18.80
CA VAL B 599 30.49 70.66 -19.48
C VAL B 599 31.01 69.73 -20.57
N ARG B 600 31.62 70.34 -21.58
CA ARG B 600 32.16 69.59 -22.71
C ARG B 600 33.60 69.17 -22.42
N VAL B 601 34.00 68.05 -23.01
CA VAL B 601 35.34 67.51 -22.82
C VAL B 601 36.29 68.12 -23.85
N THR C 16 47.38 16.81 7.60
CA THR C 16 46.39 17.76 8.09
C THR C 16 46.81 19.19 7.78
N GLY C 17 46.72 19.57 6.51
CA GLY C 17 47.16 20.89 6.09
C GLY C 17 46.26 22.02 6.53
N ASP C 18 45.10 22.16 5.88
CA ASP C 18 44.24 23.33 6.07
C ASP C 18 42.90 23.00 6.70
N ARG C 19 42.15 22.05 6.13
CA ARG C 19 40.77 21.78 6.52
C ARG C 19 40.55 20.28 6.68
N LYS C 20 41.45 19.63 7.40
CA LYS C 20 41.39 18.19 7.62
C LYS C 20 40.92 17.90 9.04
N GLY C 21 40.79 16.62 9.35
CA GLY C 21 40.37 16.21 10.67
C GLY C 21 40.52 14.72 10.85
N ASP C 22 39.96 14.22 11.95
CA ASP C 22 39.95 12.79 12.24
C ASP C 22 38.77 12.07 11.60
N LEU C 23 38.17 12.67 10.56
CA LEU C 23 36.99 12.08 9.93
C LEU C 23 37.30 10.78 9.19
N TYR C 24 38.56 10.53 8.85
CA TYR C 24 38.94 9.36 8.06
C TYR C 24 40.09 8.64 8.76
N PRO C 25 39.80 7.94 9.86
CA PRO C 25 40.86 7.26 10.61
C PRO C 25 41.54 6.15 9.80
N SER C 26 40.76 5.20 9.30
CA SER C 26 41.28 4.01 8.66
C SER C 26 40.94 4.00 7.18
N SER C 27 41.69 3.20 6.42
CA SER C 27 41.46 3.09 4.99
C SER C 27 40.11 2.47 4.71
N LEU C 28 39.91 1.24 5.18
CA LEU C 28 38.62 0.58 5.02
C LEU C 28 37.58 1.26 5.90
N GLN C 29 36.35 1.30 5.41
CA GLN C 29 35.24 1.82 6.20
C GLN C 29 33.97 1.12 5.75
N PHE C 30 32.96 1.16 6.62
CA PHE C 30 31.66 0.58 6.31
C PHE C 30 30.75 1.56 5.59
N TYR C 31 31.20 2.79 5.35
CA TYR C 31 30.40 3.80 4.69
C TYR C 31 29.06 3.99 5.40
N GLN C 32 29.15 4.36 6.68
CA GLN C 32 27.97 4.52 7.51
C GLN C 32 27.45 5.95 7.55
N HIS C 33 28.35 6.93 7.64
CA HIS C 33 27.97 8.32 7.81
C HIS C 33 28.06 9.06 6.49
N PRO C 34 26.96 9.61 5.97
CA PRO C 34 27.03 10.31 4.70
C PRO C 34 27.92 11.54 4.80
N PRO C 35 28.53 11.96 3.70
CA PRO C 35 29.32 13.19 3.72
C PRO C 35 28.42 14.41 3.89
N THR C 36 29.00 15.46 4.49
CA THR C 36 28.29 16.69 4.77
C THR C 36 28.90 17.90 4.06
N GLU C 37 29.93 17.70 3.26
CA GLU C 37 30.66 18.80 2.66
C GLU C 37 29.89 19.39 1.48
N ASN C 38 30.35 20.54 1.01
CA ASN C 38 29.89 21.16 -0.22
C ASN C 38 31.00 20.99 -1.24
N ILE C 39 30.76 20.16 -2.26
CA ILE C 39 31.74 19.89 -3.29
C ILE C 39 31.30 20.56 -4.59
N SER C 40 32.21 20.61 -5.54
CA SER C 40 31.92 21.20 -6.84
C SER C 40 31.32 20.16 -7.78
N LEU C 41 30.66 20.65 -8.83
CA LEU C 41 30.07 19.76 -9.82
C LEU C 41 31.15 18.96 -10.54
N ILE C 42 32.28 19.60 -10.83
CA ILE C 42 33.39 18.91 -11.49
C ILE C 42 33.91 17.79 -10.60
N GLU C 43 34.09 18.07 -9.31
CA GLU C 43 34.54 17.03 -8.38
C GLU C 43 33.52 15.91 -8.30
N PHE C 44 32.24 16.25 -8.24
CA PHE C 44 31.18 15.25 -8.23
C PHE C 44 31.31 14.31 -9.41
N GLU C 45 31.39 14.87 -10.61
CA GLU C 45 31.46 14.05 -11.81
C GLU C 45 32.73 13.20 -11.85
N THR C 46 33.87 13.80 -11.50
CA THR C 46 35.13 13.07 -11.53
C THR C 46 35.10 11.88 -10.59
N PHE C 47 34.62 12.10 -9.35
CA PHE C 47 34.56 11.03 -8.38
C PHE C 47 33.61 9.92 -8.84
N ALA C 48 32.42 10.31 -9.33
CA ALA C 48 31.46 9.32 -9.79
C ALA C 48 32.05 8.44 -10.88
N ILE C 49 32.63 9.06 -11.91
CA ILE C 49 33.15 8.28 -13.03
C ILE C 49 34.30 7.42 -12.58
N GLU C 50 35.17 7.94 -11.72
CA GLU C 50 36.33 7.18 -11.29
C GLU C 50 35.90 5.92 -10.53
N ARG C 51 34.94 6.05 -9.62
CA ARG C 51 34.51 4.86 -8.89
C ARG C 51 33.74 3.92 -9.81
N LEU C 52 33.03 4.43 -10.81
CA LEU C 52 32.41 3.53 -11.78
C LEU C 52 33.47 2.71 -12.50
N LYS C 53 34.56 3.36 -12.91
CA LYS C 53 35.66 2.62 -13.52
C LYS C 53 36.20 1.55 -12.58
N LEU C 54 36.39 1.91 -11.31
CA LEU C 54 36.92 0.95 -10.35
C LEU C 54 36.01 -0.26 -10.21
N LEU C 55 34.70 -0.02 -10.09
CA LEU C 55 33.77 -1.12 -9.89
C LEU C 55 33.66 -1.99 -11.14
N LYS C 56 33.69 -1.37 -12.33
CA LYS C 56 33.67 -2.16 -13.55
C LYS C 56 34.92 -3.01 -13.67
N ALA C 57 36.08 -2.46 -13.29
CA ALA C 57 37.29 -3.25 -13.29
C ALA C 57 37.18 -4.42 -12.33
N VAL C 58 36.60 -4.19 -11.15
CA VAL C 58 36.41 -5.27 -10.19
C VAL C 58 35.55 -6.37 -10.81
N GLU C 59 34.45 -5.98 -11.45
CA GLU C 59 33.55 -6.97 -12.04
C GLU C 59 34.25 -7.78 -13.13
N ASN C 60 34.98 -7.09 -14.02
CA ASN C 60 35.66 -7.78 -15.10
C ASN C 60 36.71 -8.74 -14.58
N LEU C 61 37.49 -8.32 -13.58
CA LEU C 61 38.51 -9.19 -13.03
C LEU C 61 37.88 -10.38 -12.29
N GLY C 62 36.74 -10.16 -11.63
CA GLY C 62 36.06 -11.26 -10.99
C GLY C 62 35.56 -12.29 -11.98
N VAL C 63 35.04 -11.82 -13.12
CA VAL C 63 34.59 -12.76 -14.15
C VAL C 63 35.77 -13.50 -14.74
N SER C 64 36.87 -12.80 -15.03
CA SER C 64 37.97 -13.40 -15.75
C SER C 64 38.81 -14.34 -14.87
N TYR C 65 39.06 -13.95 -13.63
CA TYR C 65 40.00 -14.65 -12.76
C TYR C 65 39.31 -15.10 -11.47
N VAL C 66 39.97 -16.01 -10.77
CA VAL C 66 39.52 -16.43 -9.45
C VAL C 66 39.97 -15.40 -8.43
N LYS C 67 39.04 -14.99 -7.55
CA LYS C 67 39.29 -13.83 -6.70
C LYS C 67 40.46 -14.05 -5.75
N ASN C 68 40.80 -15.30 -5.44
CA ASN C 68 41.99 -15.59 -4.65
C ASN C 68 43.25 -15.64 -5.50
N SER C 69 43.14 -15.60 -6.82
CA SER C 69 44.29 -15.74 -7.68
C SER C 69 45.23 -14.55 -7.50
N GLU C 70 46.52 -14.78 -7.78
CA GLU C 70 47.48 -13.69 -7.71
C GLU C 70 47.31 -12.70 -8.85
N GLU C 71 46.86 -13.19 -10.02
CA GLU C 71 46.59 -12.28 -11.12
C GLU C 71 45.50 -11.29 -10.75
N TYR C 72 44.46 -11.76 -10.08
CA TYR C 72 43.40 -10.88 -9.62
C TYR C 72 43.96 -9.78 -8.73
N SER C 73 44.80 -10.15 -7.76
CA SER C 73 45.35 -9.17 -6.83
C SER C 73 46.22 -8.16 -7.58
N LYS C 74 47.08 -8.64 -8.47
CA LYS C 74 47.98 -7.74 -9.19
C LYS C 74 47.19 -6.75 -10.05
N LYS C 75 46.21 -7.24 -10.79
CA LYS C 75 45.45 -6.36 -11.67
C LYS C 75 44.61 -5.38 -10.86
N LEU C 76 44.03 -5.82 -9.73
CA LEU C 76 43.24 -4.91 -8.92
C LEU C 76 44.12 -3.85 -8.29
N GLU C 77 45.32 -4.21 -7.84
CA GLU C 77 46.24 -3.20 -7.32
C GLU C 77 46.61 -2.20 -8.41
N LEU C 78 46.86 -2.69 -9.62
CA LEU C 78 47.18 -1.78 -10.72
C LEU C 78 46.04 -0.80 -10.98
N GLU C 79 44.80 -1.29 -11.00
CA GLU C 79 43.66 -0.41 -11.23
C GLU C 79 43.51 0.60 -10.11
N LEU C 80 43.66 0.16 -8.86
CA LEU C 80 43.53 1.08 -7.74
C LEU C 80 44.60 2.15 -7.79
N ARG C 81 45.82 1.79 -8.16
CA ARG C 81 46.88 2.78 -8.31
C ARG C 81 46.57 3.75 -9.45
N LYS C 82 46.05 3.22 -10.57
CA LYS C 82 45.78 4.08 -11.72
C LYS C 82 44.71 5.10 -11.41
N LEU C 83 43.66 4.70 -10.70
CA LEU C 83 42.56 5.61 -10.37
C LEU C 83 42.77 6.33 -9.04
N LYS C 84 43.85 6.03 -8.33
CA LYS C 84 44.20 6.73 -7.09
C LYS C 84 43.11 6.59 -6.03
N PHE C 85 42.87 5.35 -5.64
CA PHE C 85 41.97 5.03 -4.54
C PHE C 85 42.78 4.41 -3.40
N PRO C 86 42.33 4.54 -2.15
CA PRO C 86 43.09 3.94 -1.05
C PRO C 86 43.05 2.42 -1.15
N TYR C 87 44.22 1.78 -1.20
CA TYR C 87 44.22 0.33 -1.16
C TYR C 87 45.25 -0.25 -0.21
N ARG C 88 46.31 0.50 0.10
CA ARG C 88 47.33 0.02 1.01
C ARG C 88 47.38 0.88 2.26
N PRO C 89 47.73 0.32 3.42
CA PRO C 89 47.81 1.16 4.61
C PRO C 89 49.10 1.98 4.54
N LEU C 90 49.28 2.86 5.51
CA LEU C 90 50.54 3.59 5.64
C LEU C 90 50.79 3.88 7.12
N HIS C 91 51.83 3.25 7.67
CA HIS C 91 52.20 3.41 9.07
C HIS C 91 53.09 4.63 9.24
N GLU C 92 52.64 5.75 8.66
CA GLU C 92 53.39 6.99 8.75
C GLU C 92 52.61 8.02 9.55
N GLU C 93 51.47 8.44 9.02
CA GLU C 93 50.46 9.24 9.72
C GLU C 93 49.38 9.52 8.69
N ILE C 94 48.42 10.38 9.02
CA ILE C 94 47.43 10.80 8.04
C ILE C 94 48.01 11.93 7.21
N SER C 95 48.75 11.58 6.16
CA SER C 95 49.27 12.57 5.23
C SER C 95 48.15 13.20 4.42
N ASP C 96 48.32 14.48 4.07
CA ASP C 96 47.28 15.21 3.36
C ASP C 96 46.83 14.44 2.12
N ASP C 97 47.78 14.01 1.29
CA ASP C 97 47.44 13.23 0.11
C ASP C 97 46.57 12.03 0.47
N VAL C 98 46.98 11.26 1.48
CA VAL C 98 46.20 10.13 1.92
C VAL C 98 44.78 10.57 2.29
N TYR C 99 44.68 11.63 3.09
CA TYR C 99 43.38 12.16 3.44
C TYR C 99 42.54 12.39 2.19
N ASP C 100 43.12 13.07 1.20
CA ASP C 100 42.40 13.36 -0.04
C ASP C 100 41.84 12.07 -0.63
N LEU C 101 42.71 11.07 -0.78
CA LEU C 101 42.28 9.80 -1.36
C LEU C 101 41.09 9.24 -0.60
N ARG C 102 41.20 9.19 0.74
CA ARG C 102 40.12 8.63 1.54
C ARG C 102 38.83 9.42 1.33
N ARG C 103 38.94 10.75 1.32
CA ARG C 103 37.77 11.58 1.05
C ARG C 103 37.14 11.19 -0.27
N LYS C 104 37.96 11.07 -1.32
CA LYS C 104 37.47 10.59 -2.60
C LYS C 104 36.61 9.37 -2.36
N ASP C 105 37.22 8.32 -1.82
CA ASP C 105 36.53 7.05 -1.65
C ASP C 105 35.17 7.26 -0.98
N HIS C 106 35.17 8.05 0.10
CA HIS C 106 33.97 8.18 0.90
C HIS C 106 32.85 8.86 0.12
N ILE C 107 33.19 9.91 -0.62
CA ILE C 107 32.17 10.65 -1.36
C ILE C 107 31.70 9.82 -2.56
N SER C 108 32.65 9.34 -3.36
CA SER C 108 32.33 8.55 -4.53
C SER C 108 31.37 7.42 -4.19
N HIS C 109 31.64 6.70 -3.10
CA HIS C 109 30.76 5.59 -2.75
C HIS C 109 29.31 6.06 -2.67
N PHE C 110 29.05 7.11 -1.89
CA PHE C 110 27.68 7.57 -1.71
C PHE C 110 27.08 8.07 -3.02
N ILE C 111 27.90 8.73 -3.84
CA ILE C 111 27.40 9.17 -5.14
C ILE C 111 26.89 7.96 -5.93
N LEU C 112 27.69 6.89 -5.94
CA LEU C 112 27.29 5.71 -6.68
C LEU C 112 26.05 5.08 -6.05
N ARG C 113 25.92 5.18 -4.73
CA ARG C 113 24.67 4.75 -4.09
C ARG C 113 23.50 5.46 -4.73
N LEU C 114 23.60 6.78 -4.83
CA LEU C 114 22.54 7.52 -5.51
C LEU C 114 22.33 7.03 -6.93
N ALA C 115 23.40 6.59 -7.59
CA ALA C 115 23.28 6.07 -8.95
C ALA C 115 22.70 4.65 -8.99
N TYR C 116 22.92 3.85 -7.95
CA TYR C 116 22.66 2.42 -8.03
C TYR C 116 21.64 1.97 -7.00
N CYS C 117 20.53 2.69 -6.87
CA CYS C 117 19.47 2.33 -5.95
C CYS C 117 18.10 2.32 -6.60
N GLN C 118 18.02 2.62 -7.90
CA GLN C 118 16.72 2.75 -8.56
C GLN C 118 16.06 1.41 -8.82
N SER C 119 16.85 0.40 -9.18
CA SER C 119 16.32 -0.90 -9.57
C SER C 119 17.02 -2.02 -8.83
N GLU C 120 16.25 -3.04 -8.46
CA GLU C 120 16.80 -4.17 -7.71
C GLU C 120 18.04 -4.72 -8.39
N ASP C 121 17.95 -5.00 -9.69
CA ASP C 121 19.11 -5.44 -10.45
C ASP C 121 20.33 -4.58 -10.12
N LEU C 122 20.21 -3.27 -10.38
CA LEU C 122 21.31 -2.36 -10.11
C LEU C 122 21.81 -2.53 -8.69
N ARG C 123 20.88 -2.56 -7.72
CA ARG C 123 21.27 -2.70 -6.32
C ARG C 123 22.16 -3.90 -6.13
N ARG C 124 21.70 -5.06 -6.60
CA ARG C 124 22.47 -6.29 -6.46
C ARG C 124 23.85 -6.10 -7.04
N TRP C 125 23.92 -5.58 -8.26
CA TRP C 125 25.22 -5.39 -8.92
C TRP C 125 26.14 -4.57 -8.02
N PHE C 126 25.64 -3.41 -7.58
CA PHE C 126 26.43 -2.53 -6.74
C PHE C 126 26.95 -3.29 -5.54
N ILE C 127 26.04 -3.97 -4.83
CA ILE C 127 26.42 -4.66 -3.61
C ILE C 127 27.55 -5.63 -3.92
N GLN C 128 27.38 -6.43 -4.97
CA GLN C 128 28.38 -7.43 -5.30
C GLN C 128 29.74 -6.76 -5.47
N GLN C 129 29.81 -5.75 -6.34
CA GLN C 129 31.10 -5.11 -6.61
C GLN C 129 31.70 -4.57 -5.32
N GLU C 130 30.89 -3.88 -4.52
CA GLU C 130 31.39 -3.27 -3.30
C GLU C 130 31.98 -4.34 -2.40
N MET C 131 31.25 -5.44 -2.21
CA MET C 131 31.72 -6.53 -1.36
C MET C 131 33.08 -7.01 -1.86
N ASP C 132 33.18 -7.25 -3.17
CA ASP C 132 34.43 -7.73 -3.73
C ASP C 132 35.58 -6.80 -3.35
N LEU C 133 35.38 -5.50 -3.61
CA LEU C 133 36.42 -4.52 -3.34
C LEU C 133 36.81 -4.59 -1.87
N PHE C 134 35.80 -4.61 -0.99
CA PHE C 134 36.06 -4.62 0.44
C PHE C 134 36.89 -5.84 0.82
N LYS C 135 36.51 -7.00 0.29
CA LYS C 135 37.26 -8.22 0.58
C LYS C 135 38.71 -8.04 0.20
N PHE C 136 38.96 -7.57 -1.01
CA PHE C 136 40.35 -7.37 -1.45
C PHE C 136 41.10 -6.50 -0.44
N ARG C 137 40.48 -5.38 -0.07
CA ARG C 137 41.18 -4.43 0.80
C ARG C 137 41.47 -5.09 2.15
N PHE C 138 40.50 -5.84 2.68
CA PHE C 138 40.74 -6.56 3.92
C PHE C 138 41.91 -7.51 3.77
N GLY C 139 41.97 -8.19 2.62
CA GLY C 139 43.06 -9.13 2.38
C GLY C 139 44.40 -8.46 2.39
N LEU C 140 44.44 -7.14 2.23
CA LEU C 140 45.71 -6.42 2.22
C LEU C 140 46.03 -5.76 3.56
N LEU C 141 45.26 -6.06 4.61
CA LEU C 141 45.45 -5.43 5.92
C LEU C 141 46.36 -6.25 6.83
N THR C 142 47.39 -5.62 7.37
CA THR C 142 48.23 -6.25 8.38
C THR C 142 47.44 -6.43 9.67
N LYS C 143 47.83 -7.44 10.46
CA LYS C 143 47.07 -7.80 11.66
C LYS C 143 46.81 -6.58 12.53
N GLU C 144 47.86 -5.81 12.83
CA GLU C 144 47.67 -4.58 13.59
C GLU C 144 46.56 -3.73 13.00
N SER C 145 46.73 -3.32 11.75
CA SER C 145 45.70 -2.54 11.07
C SER C 145 44.34 -3.21 11.18
N VAL C 146 44.30 -4.53 11.01
CA VAL C 146 43.03 -5.24 11.06
C VAL C 146 42.35 -4.98 12.40
N GLN C 147 43.09 -5.17 13.49
CA GLN C 147 42.53 -4.93 14.81
C GLN C 147 42.07 -3.49 14.95
N GLU C 148 42.87 -2.54 14.47
CA GLU C 148 42.47 -1.15 14.54
C GLU C 148 41.09 -0.98 13.92
N PHE C 149 40.93 -1.52 12.72
CA PHE C 149 39.64 -1.43 12.04
C PHE C 149 38.55 -2.04 12.91
N LEU C 150 38.77 -3.27 13.38
CA LEU C 150 37.74 -3.96 14.15
C LEU C 150 37.36 -3.20 15.40
N LYS C 151 38.23 -2.32 15.88
CA LYS C 151 37.93 -1.51 17.06
C LYS C 151 37.15 -0.26 16.67
N LEU C 152 37.59 0.42 15.61
CA LEU C 152 37.01 1.71 15.27
C LEU C 152 35.53 1.60 14.95
N ASN C 153 35.07 0.43 14.50
CA ASN C 153 33.68 0.21 14.15
C ASN C 153 32.92 -0.54 15.22
N ASP C 154 33.50 -0.71 16.41
CA ASP C 154 32.83 -1.37 17.53
C ASP C 154 32.41 -2.79 17.14
N LEU C 155 33.30 -3.49 16.47
CA LEU C 155 33.04 -4.90 16.19
C LEU C 155 33.49 -5.76 17.35
N GLN C 156 34.47 -5.29 18.11
CA GLN C 156 34.91 -5.90 19.38
C GLN C 156 35.12 -7.40 19.21
N TYR C 157 36.01 -7.73 18.29
CA TYR C 157 36.51 -9.09 18.12
C TYR C 157 37.92 -9.15 18.67
N VAL C 158 38.17 -10.10 19.56
CA VAL C 158 39.40 -10.16 20.34
C VAL C 158 40.36 -11.11 19.65
N ALA C 159 32.11 -12.48 18.39
CA ALA C 159 33.37 -13.15 18.07
C ALA C 159 34.19 -13.23 19.35
N ILE C 160 34.62 -14.44 19.70
CA ILE C 160 35.31 -14.63 20.98
C ILE C 160 36.66 -13.93 20.94
N SER C 161 37.12 -13.52 22.12
CA SER C 161 38.44 -12.94 22.26
C SER C 161 39.50 -14.04 22.14
N GLU C 162 40.74 -13.60 21.90
CA GLU C 162 41.86 -14.55 21.89
C GLU C 162 42.10 -15.10 23.29
N ASP C 163 42.00 -14.25 24.31
CA ASP C 163 42.26 -14.69 25.67
C ASP C 163 41.26 -15.75 26.11
N GLU C 164 39.98 -15.53 25.83
CA GLU C 164 38.98 -16.54 26.16
C GLU C 164 39.20 -17.81 25.36
N LYS C 165 39.66 -17.67 24.12
CA LYS C 165 39.95 -18.83 23.30
C LYS C 165 41.04 -19.67 23.94
N ASN C 166 42.14 -19.04 24.38
CA ASN C 166 43.16 -19.78 25.10
C ASN C 166 42.60 -20.37 26.38
N MET C 167 41.69 -19.65 27.04
CA MET C 167 41.08 -20.14 28.26
C MET C 167 40.37 -21.47 28.04
N HIS C 168 39.66 -21.61 26.92
CA HIS C 168 38.94 -22.84 26.60
C HIS C 168 39.59 -23.59 25.44
N LYS C 169 40.90 -23.49 25.31
CA LYS C 169 41.60 -24.10 24.19
C LYS C 169 41.29 -25.59 24.05
N GLU C 170 41.46 -26.36 25.14
CA GLU C 170 41.26 -27.80 25.04
C GLU C 170 39.80 -28.15 24.73
N ASP C 171 38.87 -27.44 25.35
CA ASP C 171 37.46 -27.68 25.09
C ASP C 171 37.14 -27.41 23.63
N LEU C 172 37.65 -26.31 23.09
CA LEU C 172 37.43 -26.01 21.68
C LEU C 172 38.06 -27.07 20.79
N MET C 173 39.26 -27.52 21.14
CA MET C 173 39.92 -28.54 20.34
C MET C 173 39.09 -29.81 20.27
N ASN C 174 38.55 -30.23 21.41
CA ASN C 174 37.73 -31.45 21.43
C ASN C 174 36.31 -31.21 20.91
N SER C 175 35.90 -29.96 20.74
CA SER C 175 34.54 -29.70 20.27
C SER C 175 34.45 -29.82 18.76
N SER C 176 35.32 -29.14 18.02
CA SER C 176 35.23 -29.10 16.57
C SER C 176 35.91 -30.33 15.97
N PHE C 177 35.15 -31.06 15.15
CA PHE C 177 35.66 -32.28 14.55
C PHE C 177 36.78 -31.99 13.57
N GLY C 178 37.85 -32.79 13.64
CA GLY C 178 38.93 -32.67 12.68
C GLY C 178 39.62 -31.32 12.68
N LEU C 179 39.89 -30.77 13.86
CA LEU C 179 40.59 -29.49 14.00
C LEU C 179 41.95 -29.75 14.63
N SER C 180 43.00 -29.33 13.93
CA SER C 180 44.35 -29.56 14.41
C SER C 180 44.80 -28.43 15.33
N LEU C 181 45.79 -28.74 16.17
CA LEU C 181 46.25 -27.78 17.18
C LEU C 181 46.63 -26.45 16.54
N THR C 182 47.61 -26.46 15.63
CA THR C 182 48.04 -25.22 15.00
C THR C 182 46.93 -24.64 14.13
N LYS C 183 46.30 -25.48 13.31
CA LYS C 183 45.19 -25.01 12.50
C LYS C 183 44.11 -24.38 13.38
N MET C 184 43.86 -24.97 14.55
CA MET C 184 42.91 -24.37 15.48
C MET C 184 43.41 -23.01 15.96
N GLU C 185 44.70 -22.91 16.26
CA GLU C 185 45.27 -21.62 16.63
C GLU C 185 45.05 -20.58 15.53
N ASP C 186 44.93 -21.03 14.29
CA ASP C 186 44.72 -20.13 13.17
C ASP C 186 43.26 -19.78 12.92
N THR C 187 42.35 -20.26 13.76
CA THR C 187 40.91 -20.08 13.56
C THR C 187 40.30 -19.31 14.72
N GLU C 188 39.23 -18.57 14.43
CA GLU C 188 38.49 -17.80 15.41
C GLU C 188 37.03 -18.22 15.41
N PHE C 189 36.46 -18.36 16.61
CA PHE C 189 35.11 -18.85 16.79
C PHE C 189 34.14 -17.69 17.05
N TYR C 190 32.85 -18.03 17.10
CA TYR C 190 31.80 -17.07 17.39
C TYR C 190 30.91 -17.62 18.50
N LYS C 191 30.35 -16.71 19.30
CA LYS C 191 29.46 -17.09 20.40
C LYS C 191 28.02 -16.86 19.98
N VAL C 192 27.22 -17.93 19.99
CA VAL C 192 25.81 -17.82 19.59
C VAL C 192 24.90 -18.42 20.66
N PRO C 193 23.73 -17.86 20.90
CA PRO C 193 22.77 -18.54 21.78
C PRO C 193 22.45 -19.93 21.24
N PHE C 194 22.35 -20.89 22.15
CA PHE C 194 22.19 -22.28 21.73
C PHE C 194 20.87 -22.51 21.02
N GLN C 195 19.90 -21.61 21.16
CA GLN C 195 18.63 -21.77 20.47
C GLN C 195 18.77 -21.65 18.97
N ALA C 196 19.87 -21.07 18.48
CA ALA C 196 20.09 -20.91 17.05
C ALA C 196 20.93 -22.02 16.46
N ALA C 197 21.68 -22.76 17.28
CA ALA C 197 22.54 -23.83 16.83
C ALA C 197 21.92 -25.20 17.08
N LEU C 198 20.59 -25.28 17.06
CA LEU C 198 19.92 -26.53 17.37
C LEU C 198 20.52 -27.69 16.58
N ASP C 199 20.67 -27.52 15.27
CA ASP C 199 21.15 -28.62 14.43
C ASP C 199 22.56 -29.03 14.77
N LEU C 200 23.36 -28.12 15.35
CA LEU C 200 24.71 -28.48 15.76
C LEU C 200 24.73 -29.10 17.15
N VAL C 201 24.04 -28.49 18.10
CA VAL C 201 24.05 -28.99 19.47
C VAL C 201 23.42 -30.37 19.54
N ARG C 202 22.33 -30.58 18.81
CA ARG C 202 21.58 -31.83 18.92
C ARG C 202 22.45 -33.06 18.73
N PRO C 203 23.34 -33.14 17.73
CA PRO C 203 24.29 -34.25 17.65
C PRO C 203 25.60 -34.02 18.40
N ARG C 204 25.71 -32.98 19.23
CA ARG C 204 26.89 -32.75 20.06
C ARG C 204 28.15 -32.59 19.22
N LYS C 205 28.11 -31.60 18.32
CA LYS C 205 29.27 -31.26 17.51
C LYS C 205 29.71 -29.82 17.71
N VAL C 206 29.29 -29.19 18.81
CA VAL C 206 29.78 -27.87 19.15
C VAL C 206 29.69 -27.71 20.66
N PHE C 207 30.75 -27.13 21.24
CA PHE C 207 30.83 -26.96 22.68
C PHE C 207 29.84 -25.91 23.15
N LEU C 208 29.15 -26.20 24.26
CA LEU C 208 28.27 -25.26 24.91
C LEU C 208 28.88 -24.84 26.25
N TRP C 209 28.96 -23.53 26.48
CA TRP C 209 29.40 -23.00 27.77
C TRP C 209 28.50 -21.85 28.17
N ARG C 210 27.82 -22.00 29.30
CA ARG C 210 26.99 -20.94 29.87
C ARG C 210 25.98 -20.43 28.85
N GLY C 211 25.32 -21.36 28.16
CA GLY C 211 24.24 -21.01 27.27
C GLY C 211 24.65 -20.52 25.90
N PHE C 212 25.95 -20.51 25.59
CA PHE C 212 26.43 -20.08 24.30
C PHE C 212 27.26 -21.18 23.65
N ALA C 213 27.03 -21.38 22.36
CA ALA C 213 27.80 -22.31 21.54
C ALA C 213 28.93 -21.55 20.86
N PHE C 214 30.06 -22.24 20.70
CA PHE C 214 31.28 -21.67 20.14
C PHE C 214 31.45 -22.28 18.75
N ILE C 215 30.96 -21.56 17.75
CA ILE C 215 30.81 -22.06 16.39
C ILE C 215 31.96 -21.56 15.53
N PRO C 216 32.70 -22.43 14.85
CA PRO C 216 33.80 -21.95 14.02
C PRO C 216 33.30 -21.12 12.85
N HIS C 217 34.25 -20.68 12.03
CA HIS C 217 33.93 -19.83 10.89
C HIS C 217 33.22 -20.61 9.80
N LYS C 218 41.48 -16.20 8.04
CA LYS C 218 40.84 -16.34 6.73
C LYS C 218 39.33 -16.23 6.80
N ASP C 219 38.71 -16.81 7.83
CA ASP C 219 37.27 -16.81 7.96
C ASP C 219 36.72 -15.47 8.45
N ILE C 220 37.50 -14.72 9.22
CA ILE C 220 36.98 -13.51 9.85
C ILE C 220 36.43 -12.56 8.80
N VAL C 221 37.14 -12.44 7.68
CA VAL C 221 36.69 -11.54 6.62
C VAL C 221 35.24 -11.87 6.31
N SER C 222 34.89 -13.15 6.27
CA SER C 222 33.52 -13.55 5.97
C SER C 222 32.54 -12.85 6.90
N ILE C 223 32.74 -12.96 8.21
CA ILE C 223 31.83 -12.32 9.16
C ILE C 223 31.77 -10.82 8.90
N VAL C 224 32.93 -10.20 8.74
CA VAL C 224 32.96 -8.76 8.52
C VAL C 224 32.10 -8.43 7.30
N LEU C 225 32.28 -9.20 6.24
CA LEU C 225 31.55 -8.96 5.00
C LEU C 225 30.07 -9.12 5.23
N ASN C 226 29.66 -10.13 5.98
CA ASN C 226 28.25 -10.31 6.28
C ASN C 226 27.69 -9.03 6.87
N ASP C 227 28.35 -8.53 7.92
CA ASP C 227 27.88 -7.30 8.54
C ASP C 227 27.77 -6.20 7.49
N PHE C 228 28.85 -6.01 6.73
CA PHE C 228 28.90 -4.97 5.71
C PHE C 228 27.70 -5.08 4.79
N ARG C 229 27.46 -6.30 4.27
CA ARG C 229 26.38 -6.51 3.31
C ARG C 229 25.05 -6.11 3.91
N ALA C 230 24.77 -6.59 5.12
CA ALA C 230 23.54 -6.19 5.79
C ALA C 230 23.40 -4.67 5.71
N LYS C 231 24.37 -3.98 6.29
CA LYS C 231 24.31 -2.52 6.35
C LYS C 231 24.05 -1.95 4.97
N LEU C 232 24.81 -2.39 3.98
CA LEU C 232 24.76 -1.79 2.66
C LEU C 232 23.37 -1.96 2.06
N SER C 233 22.82 -3.16 2.18
CA SER C 233 21.46 -3.40 1.66
C SER C 233 20.49 -2.42 2.29
N LYS C 234 20.52 -2.31 3.62
CA LYS C 234 19.64 -1.37 4.30
C LYS C 234 19.81 0.03 3.69
N ALA C 235 21.06 0.45 3.55
CA ALA C 235 21.34 1.80 3.06
C ALA C 235 20.73 1.99 1.68
N LEU C 236 20.90 1.00 0.80
CA LEU C 236 20.37 1.12 -0.55
C LEU C 236 18.86 1.27 -0.52
N ALA C 237 18.20 0.48 0.33
CA ALA C 237 16.76 0.63 0.48
C ALA C 237 16.42 2.08 0.84
N LEU C 238 17.08 2.61 1.86
CA LEU C 238 16.79 3.99 2.27
C LEU C 238 17.01 4.96 1.13
N SER C 239 18.09 4.76 0.36
CA SER C 239 18.39 5.66 -0.74
C SER C 239 17.27 5.62 -1.77
N ALA C 240 16.79 4.42 -2.09
CA ALA C 240 15.69 4.30 -3.04
C ALA C 240 14.46 4.99 -2.49
N ARG C 241 14.34 5.05 -1.16
CA ARG C 241 13.22 5.74 -0.55
C ARG C 241 13.38 7.25 -0.61
N SER C 242 14.60 7.74 -0.80
CA SER C 242 14.87 9.18 -0.81
C SER C 242 15.23 9.68 -2.20
N LEU C 243 14.68 9.05 -3.24
CA LEU C 243 14.99 9.37 -4.63
C LEU C 243 14.30 10.64 -5.12
N PRO C 244 13.04 10.88 -4.76
CA PRO C 244 12.36 12.06 -5.30
C PRO C 244 13.08 13.37 -5.03
N VAL C 245 13.83 13.46 -3.93
CA VAL C 245 14.53 14.70 -3.62
C VAL C 245 15.66 14.98 -4.59
N VAL C 246 16.16 13.97 -5.29
CA VAL C 246 17.34 14.14 -6.13
C VAL C 246 16.94 14.34 -7.58
N GLN C 247 15.82 13.72 -7.99
CA GLN C 247 15.42 13.81 -9.39
C GLN C 247 15.18 15.26 -9.81
N SER C 248 14.81 16.13 -8.87
CA SER C 248 14.57 17.53 -9.21
C SER C 248 15.84 18.29 -9.53
N ASP C 249 17.02 17.73 -9.24
CA ASP C 249 18.29 18.42 -9.52
C ASP C 249 18.77 18.00 -10.90
N GLU C 250 18.37 18.78 -11.90
CA GLU C 250 18.71 18.44 -13.29
C GLU C 250 20.20 18.20 -13.45
N ARG C 251 21.04 19.00 -12.79
CA ARG C 251 22.48 18.85 -12.96
C ARG C 251 22.92 17.41 -12.77
N LEU C 252 22.38 16.73 -11.77
CA LEU C 252 22.80 15.39 -11.42
C LEU C 252 21.90 14.31 -12.01
N GLN C 253 20.91 14.68 -12.82
CA GLN C 253 20.01 13.68 -13.36
C GLN C 253 20.63 12.94 -14.53
N PRO C 254 21.22 13.63 -15.51
CA PRO C 254 21.84 12.91 -16.62
C PRO C 254 22.88 11.91 -16.16
N LEU C 255 23.62 12.24 -15.11
CA LEU C 255 24.66 11.34 -14.62
C LEU C 255 24.04 10.14 -13.90
N LEU C 256 23.33 10.40 -12.80
CA LEU C 256 22.88 9.32 -11.93
C LEU C 256 21.91 8.39 -12.66
N ASN C 257 20.99 8.95 -13.45
CA ASN C 257 20.02 8.11 -14.15
C ASN C 257 20.65 7.23 -15.21
N HIS C 258 21.88 7.51 -15.63
CA HIS C 258 22.49 6.80 -16.75
C HIS C 258 23.91 6.36 -16.46
N LEU C 259 24.37 6.48 -15.22
CA LEU C 259 25.73 6.08 -14.89
C LEU C 259 25.98 4.63 -15.27
N SER C 260 25.02 3.75 -15.00
CA SER C 260 25.20 2.34 -15.31
C SER C 260 25.47 2.11 -16.79
N HIS C 261 25.03 3.02 -17.64
CA HIS C 261 25.23 2.93 -19.08
C HIS C 261 26.22 3.99 -19.56
N SER C 262 27.26 4.24 -18.79
CA SER C 262 28.26 5.27 -19.11
C SER C 262 29.53 4.63 -19.64
N TYR C 263 29.96 5.09 -20.82
CA TYR C 263 31.21 4.62 -21.41
C TYR C 263 32.40 5.19 -20.65
N ILE C 264 33.36 4.32 -20.31
CA ILE C 264 34.45 4.70 -19.41
C ILE C 264 35.80 4.47 -20.09
N ILE C 277 18.84 -17.61 -29.29
CA ILE C 277 18.16 -17.28 -30.53
C ILE C 277 17.62 -15.86 -30.45
N SER C 278 17.57 -15.18 -31.60
CA SER C 278 17.13 -13.80 -31.68
C SER C 278 15.68 -13.73 -32.15
N LEU C 279 14.98 -12.71 -31.67
CA LEU C 279 13.60 -12.50 -32.11
C LEU C 279 13.53 -12.19 -33.60
N GLU C 280 14.46 -11.36 -34.09
CA GLU C 280 14.40 -10.94 -35.48
C GLU C 280 14.45 -12.14 -36.43
N GLN C 281 15.33 -13.09 -36.15
CA GLN C 281 15.46 -14.25 -37.02
C GLN C 281 14.23 -15.15 -37.00
N ILE C 282 13.34 -15.01 -36.01
CA ILE C 282 12.15 -15.86 -35.95
C ILE C 282 11.38 -15.76 -37.26
N ASP C 283 11.12 -14.54 -37.71
CA ASP C 283 10.45 -14.34 -38.99
C ASP C 283 11.15 -15.13 -40.09
N GLY C 284 12.49 -15.06 -40.13
CA GLY C 284 13.23 -15.82 -41.12
C GLY C 284 12.92 -17.30 -41.05
N PHE C 285 12.92 -17.85 -39.83
CA PHE C 285 12.58 -19.26 -39.68
C PHE C 285 11.21 -19.55 -40.26
N ALA C 286 10.26 -18.63 -40.06
CA ALA C 286 8.90 -18.86 -40.54
C ALA C 286 8.87 -19.07 -42.05
N ALA C 287 9.90 -18.62 -42.76
CA ALA C 287 9.94 -18.86 -44.20
C ALA C 287 10.09 -20.34 -44.52
N LYS C 288 10.99 -21.04 -43.83
CA LYS C 288 11.37 -22.39 -44.24
C LYS C 288 11.02 -23.44 -43.20
N SER C 289 11.52 -23.32 -41.97
CA SER C 289 11.47 -24.44 -41.03
C SER C 289 10.10 -24.63 -40.41
N PHE C 290 9.34 -23.55 -40.20
CA PHE C 290 8.09 -23.65 -39.48
C PHE C 290 7.13 -24.59 -40.21
N PRO C 291 6.53 -25.58 -39.54
CA PRO C 291 5.48 -26.36 -40.19
C PRO C 291 4.28 -25.48 -40.51
N LEU C 292 3.47 -25.94 -41.47
CA LEU C 292 2.43 -25.09 -42.03
C LEU C 292 1.51 -24.53 -40.95
N CYS C 293 1.28 -25.27 -39.87
CA CYS C 293 0.45 -24.77 -38.79
C CYS C 293 1.06 -23.51 -38.18
N MET C 294 2.33 -23.57 -37.80
CA MET C 294 2.99 -22.41 -37.23
C MET C 294 3.11 -21.29 -38.26
N ARG C 295 3.30 -21.63 -39.53
CA ARG C 295 3.35 -20.60 -40.56
C ARG C 295 2.04 -19.83 -40.62
N GLN C 296 0.91 -20.55 -40.59
CA GLN C 296 -0.39 -19.89 -40.60
C GLN C 296 -0.58 -19.03 -39.36
N LEU C 297 -0.23 -19.57 -38.19
CA LEU C 297 -0.39 -18.80 -36.96
C LEU C 297 0.45 -17.53 -36.99
N HIS C 298 1.70 -17.63 -37.44
CA HIS C 298 2.57 -16.47 -37.50
C HIS C 298 2.06 -15.45 -38.51
N LYS C 299 1.57 -15.91 -39.66
CA LYS C 299 1.02 -14.99 -40.64
C LYS C 299 -0.16 -14.23 -40.05
N SER C 300 -1.07 -14.93 -39.38
CA SER C 300 -2.21 -14.25 -38.77
C SER C 300 -1.75 -13.27 -37.69
N LEU C 301 -0.76 -13.68 -36.88
CA LEU C 301 -0.28 -12.82 -35.81
C LEU C 301 0.30 -11.53 -36.37
N ARG C 302 1.12 -11.62 -37.41
CA ARG C 302 1.71 -10.43 -37.99
C ARG C 302 0.69 -9.63 -38.80
N GLU C 303 -0.40 -10.26 -39.24
CA GLU C 303 -1.44 -9.52 -39.94
C GLU C 303 -2.31 -8.71 -38.97
N ASN C 304 -2.58 -9.25 -37.77
CA ASN C 304 -3.53 -8.63 -36.86
C ASN C 304 -2.99 -8.36 -35.47
N HIS C 305 -1.78 -8.79 -35.15
CA HIS C 305 -1.17 -8.52 -33.85
C HIS C 305 -2.05 -9.00 -32.71
N HIS C 306 -2.76 -10.11 -32.93
CA HIS C 306 -3.61 -10.68 -31.89
C HIS C 306 -4.07 -12.08 -32.27
N LEU C 307 -4.07 -12.99 -31.29
CA LEU C 307 -4.45 -14.37 -31.50
C LEU C 307 -5.46 -14.80 -30.44
N ARG C 308 -6.48 -15.53 -30.86
CA ARG C 308 -7.40 -16.12 -29.89
C ARG C 308 -6.65 -17.13 -29.03
N HIS C 309 -7.33 -17.62 -27.98
CA HIS C 309 -6.63 -18.38 -26.95
C HIS C 309 -5.93 -19.60 -27.52
N GLY C 310 -6.60 -20.35 -28.38
CA GLY C 310 -5.99 -21.56 -28.93
C GLY C 310 -4.71 -21.25 -29.68
N GLY C 311 -4.75 -20.23 -30.51
CA GLY C 311 -3.54 -19.83 -31.22
C GLY C 311 -2.44 -19.41 -30.28
N ARG C 312 -2.80 -18.66 -29.23
CA ARG C 312 -1.80 -18.24 -28.25
C ARG C 312 -1.12 -19.46 -27.63
N MET C 313 -1.92 -20.42 -27.17
CA MET C 313 -1.34 -21.61 -26.54
C MET C 313 -0.43 -22.36 -27.51
N GLN C 314 -0.94 -22.63 -28.72
CA GLN C 314 -0.17 -23.42 -29.67
C GLN C 314 1.15 -22.72 -30.02
N TYR C 315 1.08 -21.44 -30.38
CA TYR C 315 2.28 -20.74 -30.82
C TYR C 315 3.26 -20.56 -29.67
N GLY C 316 2.76 -20.26 -28.46
CA GLY C 316 3.65 -20.13 -27.33
C GLY C 316 4.38 -21.43 -27.03
N LEU C 317 3.66 -22.55 -27.06
CA LEU C 317 4.31 -23.83 -26.81
C LEU C 317 5.34 -24.13 -27.90
N PHE C 318 5.02 -23.82 -29.15
CA PHE C 318 5.97 -24.08 -30.23
C PHE C 318 7.23 -23.23 -30.06
N LEU C 319 7.07 -21.94 -29.75
CA LEU C 319 8.23 -21.07 -29.57
C LEU C 319 9.03 -21.47 -28.35
N LYS C 320 8.37 -22.03 -27.33
CA LYS C 320 9.11 -22.65 -26.23
C LYS C 320 9.92 -23.84 -26.73
N GLY C 321 9.32 -24.64 -27.62
CA GLY C 321 10.02 -25.81 -28.11
C GLY C 321 11.26 -25.46 -28.92
N ILE C 322 11.17 -24.44 -29.78
CA ILE C 322 12.31 -24.09 -30.61
C ILE C 322 13.46 -23.60 -29.74
N GLY C 323 13.16 -23.02 -28.58
CA GLY C 323 14.19 -22.63 -27.63
C GLY C 323 14.05 -21.23 -27.08
N LEU C 324 13.06 -20.49 -27.57
CA LEU C 324 12.86 -19.12 -27.10
C LEU C 324 12.72 -19.10 -25.59
N THR C 325 13.66 -18.42 -24.93
CA THR C 325 13.69 -18.39 -23.48
C THR C 325 12.56 -17.53 -22.94
N LEU C 326 12.28 -17.68 -21.64
CA LEU C 326 11.18 -16.96 -21.02
C LEU C 326 11.30 -15.46 -21.27
N GLU C 327 12.50 -14.91 -21.07
CA GLU C 327 12.70 -13.49 -21.37
C GLU C 327 12.46 -13.21 -22.86
N GLN C 328 12.98 -14.08 -23.73
CA GLN C 328 12.83 -13.87 -25.17
C GLN C 328 11.37 -13.95 -25.57
N ALA C 329 10.65 -14.97 -25.09
CA ALA C 329 9.24 -15.11 -25.43
C ALA C 329 8.43 -13.93 -24.90
N LEU C 330 8.74 -13.50 -23.66
CA LEU C 330 8.04 -12.35 -23.10
C LEU C 330 8.26 -11.11 -23.95
N GLN C 331 9.51 -10.87 -24.36
CA GLN C 331 9.80 -9.72 -25.20
C GLN C 331 9.05 -9.80 -26.52
N PHE C 332 9.08 -10.98 -27.16
CA PHE C 332 8.42 -11.13 -28.45
C PHE C 332 6.93 -10.86 -28.34
N TRP C 333 6.28 -11.49 -27.36
CA TRP C 333 4.83 -11.31 -27.22
C TRP C 333 4.49 -9.87 -26.86
N ARG C 334 5.28 -9.25 -25.97
CA ARG C 334 5.05 -7.86 -25.63
C ARG C 334 5.11 -6.99 -26.87
N LEU C 335 6.19 -7.12 -27.65
CA LEU C 335 6.36 -6.27 -28.82
C LEU C 335 5.25 -6.51 -29.84
N GLU C 336 4.87 -7.77 -30.04
CA GLU C 336 3.85 -8.06 -31.04
C GLU C 336 2.49 -7.54 -30.62
N PHE C 337 2.13 -7.70 -29.35
CA PHE C 337 0.81 -7.29 -28.90
C PHE C 337 0.69 -5.78 -28.71
N THR C 338 1.78 -5.11 -28.33
CA THR C 338 1.71 -3.67 -28.09
C THR C 338 1.20 -2.92 -29.33
N LYS C 339 1.49 -3.44 -30.52
CA LYS C 339 1.04 -2.80 -31.74
C LYS C 339 -0.47 -2.95 -31.96
N GLY C 340 -1.15 -3.75 -31.15
CA GLY C 340 -2.56 -4.00 -31.34
C GLY C 340 -3.45 -3.01 -30.62
N LYS C 341 -2.90 -1.83 -30.31
CA LYS C 341 -3.66 -0.77 -29.65
C LYS C 341 -4.21 -1.23 -28.31
N VAL C 342 -3.34 -1.78 -27.48
CA VAL C 342 -3.68 -2.17 -26.11
C VAL C 342 -2.64 -1.57 -25.18
N ASP C 343 -3.04 -1.34 -23.93
CA ASP C 343 -2.13 -0.75 -22.96
C ASP C 343 -0.96 -1.69 -22.71
N SER C 344 0.22 -1.09 -22.52
CA SER C 344 1.41 -1.90 -22.24
C SER C 344 1.27 -2.65 -20.92
N GLU C 345 0.72 -1.98 -19.91
CA GLU C 345 0.54 -2.63 -18.61
C GLU C 345 -0.45 -3.79 -18.69
N LYS C 346 -1.41 -3.72 -19.62
CA LYS C 346 -2.38 -4.79 -19.75
C LYS C 346 -1.71 -6.12 -20.06
N PHE C 347 -0.65 -6.08 -20.87
CA PHE C 347 0.04 -7.32 -21.20
C PHE C 347 0.60 -7.97 -19.96
N ASP C 348 1.37 -7.22 -19.16
CA ASP C 348 1.92 -7.77 -17.93
C ASP C 348 0.80 -8.20 -16.98
N LYS C 349 -0.35 -7.52 -17.03
CA LYS C 349 -1.45 -7.87 -16.15
C LYS C 349 -2.05 -9.22 -16.51
N VAL C 350 -2.21 -9.50 -17.81
CA VAL C 350 -3.00 -10.64 -18.28
C VAL C 350 -2.10 -11.76 -18.82
N TYR C 351 -1.37 -11.48 -19.90
CA TYR C 351 -0.74 -12.55 -20.65
C TYR C 351 0.58 -13.03 -20.04
N ALA C 352 1.14 -12.26 -19.11
CA ALA C 352 2.41 -12.66 -18.51
C ALA C 352 2.28 -13.98 -17.78
N TYR C 353 1.18 -14.16 -17.05
CA TYR C 353 1.00 -15.42 -16.32
C TYR C 353 0.90 -16.60 -17.28
N SER C 354 0.16 -16.43 -18.37
CA SER C 354 0.05 -17.52 -19.35
C SER C 354 1.41 -17.86 -19.92
N ILE C 355 2.18 -16.84 -20.31
CA ILE C 355 3.50 -17.09 -20.87
C ILE C 355 4.38 -17.81 -19.84
N ARG C 356 4.33 -17.37 -18.59
CA ARG C 356 5.12 -18.04 -17.56
C ARG C 356 4.68 -19.49 -17.39
N HIS C 357 3.38 -19.74 -17.40
CA HIS C 357 2.87 -21.08 -17.18
C HIS C 357 3.29 -22.03 -18.29
N ASN C 358 3.28 -21.56 -19.53
CA ASN C 358 3.73 -22.41 -20.62
C ASN C 358 5.14 -22.92 -20.39
N TYR C 359 5.96 -22.16 -19.67
CA TYR C 359 7.32 -22.54 -19.34
C TYR C 359 7.42 -23.17 -17.94
N GLY C 360 6.29 -23.52 -17.33
CA GLY C 360 6.30 -24.16 -16.02
C GLY C 360 6.89 -23.30 -14.94
N LYS C 361 6.46 -22.03 -14.87
CA LYS C 361 6.99 -21.09 -13.90
C LYS C 361 6.05 -20.87 -12.71
N GLU C 362 4.76 -21.16 -12.85
CA GLU C 362 3.77 -20.85 -11.83
C GLU C 362 2.81 -22.02 -11.67
N GLY C 363 1.81 -21.83 -10.82
CA GLY C 363 0.79 -22.85 -10.64
C GLY C 363 1.41 -24.16 -10.21
N LYS C 364 1.00 -25.24 -10.88
CA LYS C 364 1.59 -26.55 -10.60
C LYS C 364 3.07 -26.58 -10.93
N ARG C 365 3.55 -25.63 -11.72
CA ARG C 365 4.98 -25.52 -12.05
C ARG C 365 5.47 -26.81 -12.73
N THR C 366 4.88 -27.09 -13.89
CA THR C 366 5.22 -28.25 -14.69
C THR C 366 5.78 -27.79 -16.02
N ASP C 367 6.88 -28.41 -16.46
CA ASP C 367 7.49 -28.09 -17.75
C ASP C 367 6.63 -28.69 -18.85
N TYR C 368 5.58 -27.97 -19.21
CA TYR C 368 4.63 -28.48 -20.19
C TYR C 368 5.32 -28.69 -21.53
N THR C 369 5.16 -29.88 -22.08
CA THR C 369 5.80 -30.21 -23.35
C THR C 369 5.04 -29.59 -24.51
N PRO C 370 5.72 -29.35 -25.64
CA PRO C 370 5.02 -28.83 -26.82
C PRO C 370 3.97 -29.81 -27.32
N TYR C 371 2.92 -29.26 -27.92
CA TYR C 371 1.85 -30.10 -28.43
C TYR C 371 2.38 -31.10 -29.44
N SER C 372 1.89 -32.32 -29.35
CA SER C 372 2.17 -33.34 -30.35
C SER C 372 1.11 -33.29 -31.46
N CYS C 373 1.50 -33.73 -32.64
CA CYS C 373 0.60 -33.67 -33.79
C CYS C 373 -0.73 -34.33 -33.47
N MET C 374 -0.71 -35.44 -32.72
CA MET C 374 -1.95 -36.10 -32.33
C MET C 374 -2.81 -35.16 -31.49
N LYS C 375 -2.19 -34.45 -30.54
CA LYS C 375 -2.95 -33.49 -29.75
C LYS C 375 -3.53 -32.39 -30.62
N VAL C 376 -2.71 -31.82 -31.50
CA VAL C 376 -3.16 -30.72 -32.35
C VAL C 376 -4.34 -31.16 -33.18
N ILE C 377 -4.28 -32.36 -33.75
CA ILE C 377 -5.39 -32.87 -34.54
C ILE C 377 -6.62 -33.08 -33.66
N LEU C 378 -6.44 -33.65 -32.48
CA LEU C 378 -7.54 -33.97 -31.58
C LEU C 378 -7.76 -32.93 -30.50
N SER C 379 -7.07 -31.79 -30.56
CA SER C 379 -7.26 -30.73 -29.58
C SER C 379 -8.52 -29.94 -29.92
N ASN C 380 -8.69 -28.79 -29.31
CA ASN C 380 -9.88 -27.97 -29.52
C ASN C 380 -10.09 -27.75 -31.02
N PRO C 381 -11.29 -28.00 -31.55
CA PRO C 381 -11.53 -27.77 -32.96
C PRO C 381 -11.65 -26.29 -33.27
N PRO C 382 -10.87 -25.78 -34.22
CA PRO C 382 -10.93 -24.35 -34.52
C PRO C 382 -12.27 -23.96 -35.13
N SER C 383 -12.65 -22.70 -34.91
CA SER C 383 -13.89 -22.16 -35.46
C SER C 383 -13.62 -20.86 -36.21
N GLN C 384 -14.67 -20.15 -36.58
CA GLN C 384 -14.50 -18.89 -37.29
C GLN C 384 -13.68 -17.93 -36.44
N GLY C 385 -12.73 -17.25 -37.09
CA GLY C 385 -11.82 -16.36 -36.40
C GLY C 385 -10.62 -17.03 -35.77
N ASP C 386 -10.50 -18.34 -35.87
CA ASP C 386 -9.38 -19.07 -35.32
C ASP C 386 -8.42 -19.48 -36.42
N TYR C 387 -7.18 -19.74 -36.03
CA TYR C 387 -6.15 -20.15 -36.99
C TYR C 387 -5.27 -21.27 -36.46
N HIS C 388 -5.61 -21.87 -35.33
CA HIS C 388 -4.80 -22.93 -34.75
C HIS C 388 -5.12 -24.25 -35.45
N GLY C 389 -4.61 -25.35 -34.91
CA GLY C 389 -4.88 -26.66 -35.46
C GLY C 389 -4.01 -26.98 -36.66
N CYS C 390 -4.12 -28.22 -37.12
CA CYS C 390 -3.36 -28.66 -38.29
C CYS C 390 -4.07 -28.19 -39.56
N PRO C 391 -3.43 -27.38 -40.39
CA PRO C 391 -4.11 -26.95 -41.63
C PRO C 391 -4.56 -28.10 -42.50
N PHE C 392 -3.76 -29.17 -42.58
CA PHE C 392 -4.13 -30.30 -43.42
C PHE C 392 -5.45 -30.91 -42.98
N ARG C 393 -5.77 -30.84 -41.68
CA ARG C 393 -7.01 -31.39 -41.17
C ARG C 393 -8.12 -30.35 -41.07
N HIS C 394 -7.78 -29.11 -40.74
CA HIS C 394 -8.78 -28.08 -40.49
C HIS C 394 -8.93 -27.10 -41.64
N SER C 395 -8.38 -27.42 -42.81
CA SER C 395 -8.52 -26.58 -44.00
C SER C 395 -9.23 -27.38 -45.09
N ASP C 396 -10.21 -26.76 -45.73
CA ASP C 396 -10.94 -27.43 -46.79
C ASP C 396 -10.01 -27.72 -47.97
N PRO C 397 -10.27 -28.78 -48.74
CA PRO C 397 -9.32 -29.14 -49.81
C PRO C 397 -9.04 -28.01 -50.77
N GLU C 398 -10.06 -27.21 -51.13
CA GLU C 398 -9.82 -26.07 -52.01
C GLU C 398 -8.89 -25.07 -51.37
N LEU C 399 -9.10 -24.77 -50.09
CA LEU C 399 -8.24 -23.83 -49.39
C LEU C 399 -6.80 -24.35 -49.31
N LEU C 400 -6.64 -25.64 -49.03
CA LEU C 400 -5.30 -26.22 -48.97
C LEU C 400 -4.63 -26.18 -50.33
N LYS C 401 -5.38 -26.44 -51.40
CA LYS C 401 -4.83 -26.34 -52.74
C LYS C 401 -4.37 -24.92 -53.03
N GLN C 402 -5.20 -23.93 -52.67
CA GLN C 402 -4.81 -22.54 -52.90
C GLN C 402 -3.55 -22.19 -52.11
N LYS C 403 -3.49 -22.60 -50.85
CA LYS C 403 -2.32 -22.30 -50.03
C LYS C 403 -1.07 -22.95 -50.60
N LEU C 404 -1.16 -24.21 -51.01
CA LEU C 404 0.00 -24.89 -51.59
C LEU C 404 0.45 -24.22 -52.88
N GLN C 405 -0.51 -23.80 -53.72
CA GLN C 405 -0.14 -23.06 -54.92
C GLN C 405 0.56 -21.75 -54.57
N SER C 406 0.09 -21.07 -53.53
CA SER C 406 0.71 -19.81 -53.14
C SER C 406 2.19 -19.98 -52.82
N PHE C 407 2.54 -21.11 -52.21
CA PHE C 407 3.92 -21.37 -51.81
C PHE C 407 4.80 -21.85 -52.96
N LYS C 408 4.35 -21.71 -54.21
CA LYS C 408 5.13 -22.07 -55.39
C LYS C 408 5.44 -23.56 -55.45
N VAL C 409 4.64 -24.39 -54.79
CA VAL C 409 4.85 -25.84 -54.85
C VAL C 409 4.56 -26.33 -56.27
N PRO C 410 5.33 -27.28 -56.81
CA PRO C 410 5.03 -27.78 -58.15
C PRO C 410 3.65 -28.42 -58.21
N SER C 411 3.00 -28.28 -59.37
CA SER C 411 1.64 -28.79 -59.53
C SER C 411 1.55 -30.26 -59.17
N SER C 412 2.56 -31.06 -59.57
CA SER C 412 2.56 -32.46 -59.21
C SER C 412 2.62 -32.63 -57.70
N GLY C 413 3.47 -31.85 -57.02
CA GLY C 413 3.54 -31.92 -55.57
C GLY C 413 2.24 -31.52 -54.91
N ILE C 414 1.60 -30.47 -55.43
CA ILE C 414 0.32 -30.04 -54.86
C ILE C 414 -0.72 -31.14 -55.03
N ASN C 415 -0.78 -31.75 -56.21
CA ASN C 415 -1.73 -32.83 -56.43
C ASN C 415 -1.47 -34.01 -55.50
N GLN C 416 -0.19 -34.36 -55.32
CA GLN C 416 0.15 -35.46 -54.42
C GLN C 416 -0.26 -35.14 -52.99
N ILE C 417 -0.01 -33.90 -52.56
CA ILE C 417 -0.39 -33.51 -51.20
C ILE C 417 -1.91 -33.57 -51.03
N LEU C 418 -2.65 -33.10 -52.03
CA LEU C 418 -4.10 -33.17 -51.96
C LEU C 418 -4.58 -34.62 -51.89
N GLU C 419 -3.97 -35.49 -52.70
CA GLU C 419 -4.34 -36.91 -52.67
C GLU C 419 -4.08 -37.50 -51.29
N LEU C 420 -2.93 -37.19 -50.70
CA LEU C 420 -2.65 -37.68 -49.35
C LEU C 420 -3.66 -37.14 -48.36
N VAL C 421 -4.03 -35.88 -48.49
CA VAL C 421 -5.00 -35.28 -47.58
C VAL C 421 -6.34 -36.01 -47.67
N LYS C 422 -6.78 -36.32 -48.89
CA LYS C 422 -8.01 -37.06 -49.06
C LYS C 422 -7.95 -38.43 -48.40
N GLY C 423 -6.75 -38.96 -48.16
CA GLY C 423 -6.58 -40.24 -47.51
C GLY C 423 -6.57 -40.19 -46.00
N MET C 424 -6.82 -39.03 -45.41
CA MET C 424 -6.89 -38.82 -43.96
C MET C 424 -5.53 -38.93 -43.28
N HIS C 425 -4.44 -39.14 -44.03
CA HIS C 425 -3.11 -39.23 -43.45
C HIS C 425 -2.45 -37.86 -43.58
N TYR C 426 -2.86 -36.94 -42.70
CA TYR C 426 -2.35 -35.57 -42.75
C TYR C 426 -0.88 -35.51 -42.38
N GLN C 427 -0.43 -36.38 -41.49
CA GLN C 427 1.00 -36.42 -41.15
C GLN C 427 1.83 -36.76 -42.38
N LEU C 428 1.35 -37.71 -43.19
CA LEU C 428 2.03 -38.02 -44.44
C LEU C 428 2.01 -36.81 -45.37
N ALA C 429 0.93 -36.03 -45.36
CA ALA C 429 0.89 -34.83 -46.17
C ALA C 429 1.95 -33.83 -45.74
N CYS C 430 2.13 -33.66 -44.42
CA CYS C 430 3.18 -32.78 -43.94
C CYS C 430 4.56 -33.32 -44.28
N GLN C 431 4.72 -34.64 -44.25
CA GLN C 431 5.99 -35.23 -44.67
C GLN C 431 6.27 -34.94 -46.14
N LYS C 432 5.24 -35.03 -46.98
CA LYS C 432 5.40 -34.70 -48.39
C LYS C 432 5.74 -33.22 -48.56
N TYR C 433 5.11 -32.36 -47.77
CA TYR C 433 5.47 -30.93 -47.80
C TYR C 433 6.94 -30.75 -47.47
N PHE C 434 7.41 -31.41 -46.42
CA PHE C 434 8.82 -31.29 -46.05
C PHE C 434 9.73 -31.78 -47.17
N GLU C 435 9.37 -32.92 -47.78
CA GLU C 435 10.19 -33.45 -48.86
C GLU C 435 10.26 -32.48 -50.03
N LEU C 436 9.12 -31.90 -50.41
CA LEU C 436 9.10 -31.02 -51.57
C LEU C 436 9.82 -29.70 -51.28
N THR C 437 9.62 -29.14 -50.09
CA THR C 437 10.17 -27.81 -49.79
C THR C 437 11.67 -27.85 -49.55
N HIS C 438 12.18 -28.96 -48.99
CA HIS C 438 13.60 -29.07 -48.69
C HIS C 438 14.40 -29.72 -49.81
N SER C 439 13.77 -30.02 -50.94
CA SER C 439 14.45 -30.61 -52.09
C SER C 439 15.16 -31.91 -51.71
N VAL C 440 14.44 -32.77 -50.98
CA VAL C 440 14.92 -34.08 -50.58
C VAL C 440 13.94 -35.12 -51.06
N ASP C 441 14.45 -36.18 -51.69
CA ASP C 441 13.57 -37.21 -52.23
C ASP C 441 12.75 -37.87 -51.14
N ASP C 442 13.37 -38.19 -50.00
CA ASP C 442 12.70 -38.83 -48.88
C ASP C 442 12.97 -38.03 -47.61
N CYS C 443 11.92 -37.90 -46.80
CA CYS C 443 12.07 -37.15 -45.55
C CYS C 443 13.07 -37.84 -44.62
N GLY C 444 13.00 -39.17 -44.53
CA GLY C 444 13.90 -39.92 -43.68
C GLY C 444 13.54 -39.95 -42.21
N PHE C 445 12.41 -39.35 -41.82
CA PHE C 445 12.00 -39.35 -40.43
C PHE C 445 10.48 -39.37 -40.37
N SER C 446 9.96 -39.95 -39.28
CA SER C 446 8.52 -40.04 -39.07
C SER C 446 8.09 -38.78 -38.31
N LEU C 447 7.59 -37.79 -39.06
CA LEU C 447 7.18 -36.53 -38.46
C LEU C 447 6.04 -36.75 -37.48
N ASN C 448 6.30 -36.59 -36.18
CA ASN C 448 5.28 -36.74 -35.17
C ASN C 448 5.32 -35.61 -34.13
N HIS C 449 5.94 -34.48 -34.47
CA HIS C 449 6.02 -33.35 -33.57
C HIS C 449 6.44 -32.12 -34.36
N PRO C 450 5.74 -30.98 -34.23
CA PRO C 450 6.17 -29.79 -34.98
C PRO C 450 7.61 -29.40 -34.67
N ASN C 451 8.03 -29.57 -33.42
CA ASN C 451 9.42 -29.32 -33.08
C ASN C 451 10.34 -30.26 -33.83
N GLN C 452 9.90 -31.50 -34.09
CA GLN C 452 10.68 -32.38 -34.93
C GLN C 452 10.81 -31.82 -36.34
N TYR C 453 9.73 -31.25 -36.88
CA TYR C 453 9.79 -30.60 -38.19
C TYR C 453 10.84 -29.49 -38.19
N PHE C 454 10.77 -28.60 -37.19
CA PHE C 454 11.71 -27.49 -37.15
C PHE C 454 13.14 -27.98 -36.97
N ALA C 455 13.34 -29.00 -36.13
CA ALA C 455 14.68 -29.54 -35.91
C ALA C 455 15.25 -30.14 -37.18
N GLU C 456 14.42 -30.89 -37.93
CA GLU C 456 14.89 -31.47 -39.17
C GLU C 456 15.23 -30.38 -40.19
N SER C 457 14.40 -29.34 -40.27
CA SER C 457 14.70 -28.25 -41.18
C SER C 457 16.02 -27.57 -40.81
N GLN C 458 16.22 -27.32 -39.52
CA GLN C 458 17.47 -26.70 -39.08
C GLN C 458 18.66 -27.59 -39.38
N LYS C 459 18.52 -28.90 -39.15
CA LYS C 459 19.61 -29.82 -39.45
C LYS C 459 19.95 -29.79 -40.93
N LEU C 460 18.94 -29.80 -41.80
CA LEU C 460 19.20 -29.79 -43.22
C LEU C 460 19.85 -28.48 -43.66
N LEU C 461 19.36 -27.35 -43.15
CA LEU C 461 19.85 -26.06 -43.62
C LEU C 461 21.21 -25.71 -43.01
N THR C 462 21.25 -25.57 -41.69
CA THR C 462 22.49 -25.22 -41.00
C THR C 462 23.45 -26.41 -40.99
N TYR D 9 2.79 -48.65 56.23
CA TYR D 9 1.77 -47.72 55.74
C TYR D 9 0.62 -48.49 55.11
N ASP D 10 -0.60 -48.10 55.46
CA ASP D 10 -1.80 -48.77 54.95
C ASP D 10 -2.44 -47.89 53.88
N PRO D 11 -2.49 -48.32 52.61
CA PRO D 11 -3.07 -47.44 51.59
C PRO D 11 -4.56 -47.27 51.73
N ALA D 12 -5.26 -48.21 52.36
CA ALA D 12 -6.63 -47.96 52.75
C ALA D 12 -6.74 -46.78 53.70
N SER D 13 -5.65 -46.43 54.38
CA SER D 13 -5.64 -45.25 55.24
C SER D 13 -5.37 -43.97 54.47
N LEU D 14 -5.07 -44.07 53.17
CA LEU D 14 -4.86 -42.85 52.38
C LEU D 14 -6.08 -41.93 52.41
N PRO D 15 -7.30 -42.39 52.13
CA PRO D 15 -8.43 -41.46 52.09
C PRO D 15 -8.69 -40.79 53.42
N ASP D 16 -8.20 -41.37 54.52
CA ASP D 16 -8.38 -40.75 55.83
C ASP D 16 -7.43 -39.58 56.05
N VAL D 17 -6.21 -39.65 55.53
CA VAL D 17 -5.18 -38.69 55.89
C VAL D 17 -5.11 -37.55 54.88
N LEU D 18 -5.46 -37.84 53.62
CA LEU D 18 -5.28 -36.85 52.58
C LEU D 18 -5.87 -35.49 52.93
N PRO D 19 -7.10 -35.39 53.43
CA PRO D 19 -7.65 -34.05 53.72
C PRO D 19 -6.80 -33.28 54.71
N LEU D 20 -6.51 -33.87 55.87
CA LEU D 20 -5.75 -33.16 56.88
C LEU D 20 -4.48 -32.57 56.29
N TYR D 21 -3.75 -33.37 55.51
CA TYR D 21 -2.50 -32.88 54.94
C TYR D 21 -2.77 -31.67 54.06
N TYR D 22 -3.76 -31.79 53.18
CA TYR D 22 -4.09 -30.72 52.25
C TYR D 22 -4.64 -29.53 52.98
N ARG D 23 -5.02 -29.71 54.24
CA ARG D 23 -5.58 -28.65 55.04
C ARG D 23 -4.52 -27.97 55.89
N ARG D 24 -3.57 -28.74 56.45
CA ARG D 24 -2.66 -28.15 57.43
C ARG D 24 -1.18 -28.40 57.14
N LEU D 25 -0.83 -29.00 56.01
CA LEU D 25 0.57 -29.30 55.76
C LEU D 25 1.06 -28.89 54.38
N PHE D 26 0.27 -29.13 53.33
CA PHE D 26 0.65 -28.74 51.98
C PHE D 26 1.03 -27.26 51.92
N PRO D 27 2.28 -26.92 51.55
CA PRO D 27 2.74 -25.52 51.58
C PRO D 27 2.19 -24.67 50.44
N PHE D 28 0.98 -24.15 50.64
CA PHE D 28 0.30 -23.44 49.56
C PHE D 28 0.94 -22.08 49.29
N TYR D 29 1.41 -21.37 50.32
CA TYR D 29 1.99 -20.06 50.11
C TYR D 29 3.20 -20.13 49.19
N GLN D 30 4.15 -21.01 49.52
CA GLN D 30 5.33 -21.15 48.68
C GLN D 30 4.97 -21.73 47.33
N TYR D 31 3.97 -22.60 47.27
CA TYR D 31 3.53 -23.17 46.00
C TYR D 31 3.07 -22.07 45.06
N PHE D 32 2.28 -21.12 45.58
CA PHE D 32 1.83 -20.02 44.77
C PHE D 32 2.97 -19.09 44.40
N ARG D 33 3.89 -18.85 45.34
CA ARG D 33 5.08 -18.05 45.00
C ARG D 33 5.78 -18.64 43.78
N TRP D 34 5.96 -19.96 43.81
CA TRP D 34 6.60 -20.66 42.70
C TRP D 34 5.82 -20.44 41.42
N LEU D 35 4.58 -20.93 41.37
CA LEU D 35 3.90 -20.97 40.09
C LEU D 35 3.47 -19.58 39.63
N ASN D 36 3.47 -18.59 40.52
CA ASN D 36 3.13 -17.23 40.15
C ASN D 36 4.32 -16.45 39.65
N TYR D 37 5.54 -16.85 39.99
CA TYR D 37 6.74 -16.23 39.44
C TYR D 37 6.70 -14.71 39.57
N GLY D 38 6.44 -14.24 40.79
CA GLY D 38 6.51 -12.82 41.09
C GLY D 38 5.56 -11.94 40.31
N GLY D 39 4.44 -12.49 39.81
CA GLY D 39 3.43 -11.67 39.17
C GLY D 39 3.87 -10.84 37.98
N VAL D 40 5.14 -10.91 37.59
CA VAL D 40 5.65 -10.09 36.50
C VAL D 40 4.76 -10.19 35.27
N VAL D 41 4.44 -11.41 34.84
CA VAL D 41 3.63 -11.65 33.66
C VAL D 41 2.19 -11.83 34.10
N LYS D 42 1.29 -10.99 33.56
CA LYS D 42 -0.11 -11.09 33.93
C LYS D 42 -0.73 -12.36 33.37
N ASN D 43 -1.65 -12.95 34.12
CA ASN D 43 -2.35 -14.18 33.78
C ASN D 43 -1.43 -15.39 33.80
N TYR D 44 -0.22 -15.26 34.35
CA TYR D 44 0.71 -16.38 34.36
C TYR D 44 0.21 -17.52 35.23
N PHE D 45 -0.17 -17.22 36.47
CA PHE D 45 -0.73 -18.26 37.32
C PHE D 45 -2.13 -18.63 36.86
N GLN D 46 -2.84 -17.69 36.24
CA GLN D 46 -4.22 -17.91 35.87
C GLN D 46 -4.35 -18.78 34.62
N HIS D 47 -3.29 -18.88 33.83
CA HIS D 47 -3.28 -19.68 32.62
C HIS D 47 -2.55 -21.01 32.81
N ARG D 48 -2.13 -21.31 34.04
CA ARG D 48 -1.44 -22.57 34.31
C ARG D 48 -2.43 -23.74 34.32
N GLU D 49 -2.06 -24.82 33.65
CA GLU D 49 -2.83 -26.05 33.69
C GLU D 49 -2.43 -26.90 34.89
N PHE D 50 -3.43 -27.46 35.55
CA PHE D 50 -3.25 -28.50 36.56
C PHE D 50 -4.07 -29.70 36.14
N SER D 51 -3.72 -30.86 36.68
CA SER D 51 -4.58 -32.04 36.55
C SER D 51 -4.62 -32.79 37.87
N PHE D 52 -5.80 -33.32 38.17
CA PHE D 52 -6.06 -34.05 39.40
C PHE D 52 -6.43 -35.49 39.10
N THR D 53 -5.94 -36.41 39.93
CA THR D 53 -6.40 -37.79 39.92
C THR D 53 -7.06 -38.07 41.26
N LEU D 54 -8.36 -38.37 41.23
CA LEU D 54 -9.19 -38.57 42.41
C LEU D 54 -9.31 -40.06 42.72
N LYS D 55 -10.13 -40.38 43.71
CA LYS D 55 -10.35 -41.78 44.09
C LYS D 55 -10.91 -42.58 42.92
N ASP D 56 -10.58 -43.87 42.89
CA ASP D 56 -10.98 -44.77 41.81
C ASP D 56 -10.45 -44.33 40.45
N ASP D 57 -9.26 -43.73 40.44
CA ASP D 57 -8.58 -43.38 39.20
C ASP D 57 -9.50 -42.60 38.27
N VAL D 58 -9.91 -41.43 38.74
CA VAL D 58 -10.71 -40.48 37.96
C VAL D 58 -9.81 -39.29 37.64
N TYR D 59 -9.62 -39.02 36.35
CA TYR D 59 -8.64 -38.07 35.89
C TYR D 59 -9.34 -36.83 35.36
N VAL D 60 -8.87 -35.64 35.75
CA VAL D 60 -9.43 -34.39 35.24
C VAL D 60 -8.29 -33.44 34.92
N ARG D 61 -8.41 -32.74 33.79
CA ARG D 61 -7.41 -31.74 33.42
C ARG D 61 -8.08 -30.44 32.99
N TYR D 62 -7.29 -29.53 32.44
CA TYR D 62 -7.76 -28.17 32.12
C TYR D 62 -8.34 -27.50 33.35
N GLN D 63 -7.74 -27.78 34.50
CA GLN D 63 -8.07 -27.06 35.74
C GLN D 63 -7.19 -25.84 35.88
N SER D 64 -7.81 -24.67 36.07
CA SER D 64 -7.07 -23.46 36.33
C SER D 64 -7.76 -22.71 37.48
N PHE D 65 -7.03 -21.82 38.11
CA PHE D 65 -7.52 -21.13 39.30
C PHE D 65 -7.16 -19.66 39.25
N ASN D 66 -7.96 -18.85 39.93
CA ASN D 66 -7.79 -17.41 39.87
C ASN D 66 -6.65 -16.94 40.76
N ASN D 67 -6.50 -17.52 41.94
CA ASN D 67 -5.42 -17.15 42.86
C ASN D 67 -5.32 -18.22 43.94
N GLN D 68 -4.45 -17.96 44.92
CA GLN D 68 -4.17 -18.95 45.96
C GLN D 68 -5.43 -19.39 46.68
N SER D 69 -6.36 -18.47 46.95
CA SER D 69 -7.56 -18.83 47.69
C SER D 69 -8.39 -19.85 46.92
N GLU D 70 -8.60 -19.61 45.62
CA GLU D 70 -9.37 -20.56 44.83
C GLU D 70 -8.70 -21.92 44.79
N LEU D 71 -7.37 -21.94 44.63
CA LEU D 71 -6.66 -23.21 44.59
C LEU D 71 -6.84 -23.96 45.90
N GLU D 72 -6.56 -23.30 47.03
CA GLU D 72 -6.74 -23.94 48.32
C GLU D 72 -8.14 -24.50 48.46
N LYS D 73 -9.14 -23.72 48.02
CA LYS D 73 -10.53 -24.15 48.16
C LYS D 73 -10.77 -25.42 47.35
N GLU D 74 -10.60 -25.33 46.03
CA GLU D 74 -10.96 -26.45 45.17
C GLU D 74 -10.14 -27.69 45.50
N MET D 75 -8.89 -27.52 45.94
CA MET D 75 -8.08 -28.67 46.31
C MET D 75 -8.62 -29.31 47.59
N GLN D 76 -8.86 -28.52 48.63
CA GLN D 76 -9.40 -29.09 49.86
C GLN D 76 -10.77 -29.72 49.60
N LYS D 77 -11.48 -29.23 48.59
CA LYS D 77 -12.78 -29.79 48.26
C LYS D 77 -12.65 -31.14 47.56
N MET D 78 -11.72 -31.25 46.60
CA MET D 78 -11.64 -32.46 45.80
C MET D 78 -10.86 -33.56 46.52
N CYS D 79 -9.83 -33.21 47.27
CA CYS D 79 -8.96 -34.17 47.92
C CYS D 79 -8.37 -35.14 46.89
N PRO D 80 -7.60 -34.64 45.93
CA PRO D 80 -7.09 -35.51 44.86
C PRO D 80 -5.98 -36.42 45.34
N TYR D 81 -5.88 -37.59 44.71
CA TYR D 81 -4.81 -38.51 45.03
C TYR D 81 -3.51 -38.12 44.34
N LYS D 82 -3.58 -37.53 43.15
CA LYS D 82 -2.40 -37.08 42.40
C LYS D 82 -2.62 -35.66 41.92
N ILE D 83 -1.56 -34.86 41.96
CA ILE D 83 -1.56 -33.50 41.42
C ILE D 83 -0.42 -33.40 40.43
N ASP D 84 -0.75 -33.04 39.19
CA ASP D 84 0.23 -32.82 38.13
C ASP D 84 0.15 -31.38 37.66
N ILE D 85 1.31 -30.79 37.44
CA ILE D 85 1.42 -29.43 36.93
C ILE D 85 1.68 -29.51 35.43
N GLY D 86 1.02 -28.65 34.66
CA GLY D 86 1.16 -28.69 33.22
C GLY D 86 1.65 -27.38 32.65
N ALA D 87 1.30 -27.08 31.40
CA ALA D 87 1.82 -25.87 30.77
C ALA D 87 1.01 -24.64 31.16
N VAL D 88 1.56 -23.48 30.84
CA VAL D 88 0.85 -22.21 30.87
C VAL D 88 0.37 -21.94 29.45
N TYR D 89 -0.94 -21.81 29.29
CA TYR D 89 -1.56 -21.77 27.98
C TYR D 89 -1.82 -20.33 27.58
N SER D 90 -2.33 -20.15 26.35
CA SER D 90 -2.62 -18.82 25.85
C SER D 90 -3.81 -18.21 26.57
N HIS D 91 -4.74 -19.04 27.04
CA HIS D 91 -5.90 -18.63 27.80
C HIS D 91 -6.00 -19.49 29.05
N ARG D 92 -7.04 -19.27 29.84
CA ARG D 92 -7.26 -20.11 31.01
C ARG D 92 -7.76 -21.48 30.59
N PRO D 93 -7.10 -22.56 31.01
CA PRO D 93 -7.58 -23.91 30.67
C PRO D 93 -9.04 -24.16 31.03
N SER D 94 -9.52 -23.59 32.13
CA SER D 94 -10.90 -23.84 32.52
C SER D 94 -11.88 -23.47 31.42
N LEU D 95 -11.51 -22.50 30.59
CA LEU D 95 -12.36 -22.03 29.50
C LEU D 95 -11.87 -22.50 28.14
N HIS D 96 -11.16 -23.63 28.09
CA HIS D 96 -10.62 -24.09 26.81
C HIS D 96 -11.73 -24.42 25.82
N ASN D 97 -12.91 -24.78 26.32
CA ASN D 97 -14.05 -25.03 25.44
C ASN D 97 -14.49 -23.76 24.73
N THR D 98 -14.25 -22.61 25.34
CA THR D 98 -14.67 -21.31 24.86
C THR D 98 -13.68 -20.70 23.87
N VAL D 99 -12.51 -21.26 23.74
CA VAL D 99 -11.44 -20.72 22.90
C VAL D 99 -11.58 -21.33 21.52
N LYS D 100 -11.44 -20.51 20.49
CA LYS D 100 -11.65 -20.97 19.13
C LYS D 100 -10.56 -21.94 18.72
N SER D 101 -10.97 -22.96 17.97
CA SER D 101 -10.12 -24.10 17.70
C SER D 101 -8.81 -23.65 17.06
N GLY D 102 -7.70 -24.17 17.58
CA GLY D 102 -6.38 -23.76 17.15
C GLY D 102 -5.82 -22.57 17.90
N THR D 103 -6.66 -21.84 18.63
CA THR D 103 -6.22 -20.68 19.39
C THR D 103 -5.88 -21.02 20.83
N PHE D 104 -5.97 -22.29 21.22
CA PHE D 104 -5.60 -22.75 22.56
C PHE D 104 -4.25 -23.44 22.45
N GLN D 105 -3.20 -22.74 22.88
CA GLN D 105 -1.83 -23.19 22.66
C GLN D 105 -1.05 -23.11 23.96
N ALA D 106 -0.29 -24.17 24.23
CA ALA D 106 0.67 -24.16 25.32
C ALA D 106 1.87 -23.31 24.94
N GLN D 107 2.20 -22.33 25.79
CA GLN D 107 3.16 -21.28 25.47
C GLN D 107 4.43 -21.33 26.29
N GLU D 108 4.35 -21.64 27.58
CA GLU D 108 5.53 -21.68 28.43
C GLU D 108 5.40 -22.80 29.45
N LYS D 109 6.54 -23.40 29.78
CA LYS D 109 6.58 -24.39 30.85
C LYS D 109 8.03 -24.62 31.25
N GLU D 110 8.23 -24.95 32.52
CA GLU D 110 9.54 -25.33 33.01
C GLU D 110 10.10 -26.46 32.17
N LEU D 111 11.42 -26.53 32.07
CA LEU D 111 12.07 -27.65 31.40
C LEU D 111 12.24 -28.76 32.43
N VAL D 112 11.72 -29.94 32.15
CA VAL D 112 11.63 -30.97 33.17
C VAL D 112 12.28 -32.25 32.69
N PHE D 113 12.90 -32.96 33.63
CA PHE D 113 13.50 -34.26 33.36
C PHE D 113 12.98 -35.26 34.37
N ASP D 114 12.69 -36.48 33.90
CA ASP D 114 12.26 -37.58 34.75
C ASP D 114 13.27 -38.71 34.62
N ILE D 115 13.93 -39.05 35.73
CA ILE D 115 14.85 -40.19 35.77
C ILE D 115 14.20 -41.24 36.67
N ASP D 116 14.01 -42.44 36.12
CA ASP D 116 13.23 -43.49 36.74
C ASP D 116 14.09 -44.75 36.85
N MET D 117 14.20 -45.29 38.08
CA MET D 117 15.04 -46.45 38.27
C MET D 117 14.61 -47.60 37.38
N THR D 118 13.31 -47.71 37.07
CA THR D 118 12.86 -48.82 36.25
C THR D 118 13.58 -48.86 34.91
N ASP D 119 14.04 -47.71 34.41
CA ASP D 119 14.71 -47.67 33.12
C ASP D 119 16.14 -48.21 33.20
N TYR D 120 16.62 -48.52 34.39
CA TYR D 120 17.95 -49.06 34.62
C TYR D 120 17.92 -50.56 34.87
N ASP D 121 16.79 -51.21 34.63
CA ASP D 121 16.61 -52.58 35.10
C ASP D 121 17.59 -53.55 34.45
N ASP D 122 17.88 -53.37 33.18
CA ASP D 122 18.78 -54.29 32.49
C ASP D 122 20.22 -54.19 32.99
N VAL D 123 20.53 -53.27 33.89
CA VAL D 123 21.91 -53.04 34.28
C VAL D 123 22.09 -52.98 35.80
N ARG D 124 21.04 -53.25 36.56
CA ARG D 124 21.18 -53.38 38.00
C ARG D 124 20.84 -54.78 38.47
N ARG D 125 21.52 -55.23 39.53
CA ARG D 125 21.46 -56.60 39.99
C ARG D 125 20.84 -56.76 41.38
N CYS D 126 20.72 -55.68 42.15
CA CYS D 126 20.24 -55.79 43.52
C CYS D 126 18.72 -55.88 43.59
N CYS D 127 18.02 -55.14 42.74
CA CYS D 127 16.58 -55.03 42.75
C CYS D 127 16.05 -55.17 41.33
N SER D 128 14.73 -55.16 41.21
CA SER D 128 14.09 -55.16 39.89
C SER D 128 12.76 -54.43 39.98
N SER D 129 12.26 -54.01 38.83
CA SER D 129 10.98 -53.32 38.74
C SER D 129 10.97 -52.13 39.69
N ALA D 130 10.03 -52.08 40.64
CA ALA D 130 9.86 -50.92 41.49
C ALA D 130 10.61 -51.05 42.82
N ASP D 131 11.39 -52.11 43.01
CA ASP D 131 12.19 -52.25 44.21
C ASP D 131 13.43 -51.36 44.12
N ILE D 132 13.75 -50.69 45.23
CA ILE D 132 14.98 -49.93 45.36
C ILE D 132 15.64 -50.29 46.69
N CYS D 133 16.95 -50.08 46.75
CA CYS D 133 17.72 -50.38 47.94
C CYS D 133 18.89 -49.41 48.00
N PRO D 134 19.58 -49.34 49.13
CA PRO D 134 20.72 -48.41 49.25
C PRO D 134 21.83 -48.73 48.27
N LYS D 135 21.90 -49.95 47.77
CA LYS D 135 22.97 -50.35 46.87
C LYS D 135 22.77 -49.79 45.46
N CYS D 136 21.52 -49.51 45.08
CA CYS D 136 21.26 -48.98 43.74
C CYS D 136 20.98 -47.49 43.72
N TRP D 137 20.65 -46.87 44.85
CA TRP D 137 20.30 -45.47 44.81
C TRP D 137 21.46 -44.61 44.34
N THR D 138 22.70 -45.08 44.50
CA THR D 138 23.84 -44.31 44.03
C THR D 138 23.71 -43.93 42.56
N LEU D 139 22.98 -44.72 41.78
CA LEU D 139 22.78 -44.36 40.38
C LEU D 139 22.08 -43.01 40.28
N MET D 140 20.97 -42.85 40.99
CA MET D 140 20.35 -41.54 41.06
C MET D 140 21.35 -40.50 41.54
N THR D 141 22.11 -40.85 42.58
CA THR D 141 23.10 -39.90 43.09
C THR D 141 24.05 -39.46 42.00
N ILE D 142 24.41 -40.36 41.09
CA ILE D 142 25.25 -39.99 39.97
C ILE D 142 24.50 -39.08 39.02
N ALA D 143 23.28 -39.48 38.64
CA ALA D 143 22.54 -38.74 37.63
C ALA D 143 22.43 -37.27 38.01
N VAL D 144 21.97 -37.02 39.23
CA VAL D 144 21.73 -35.63 39.64
C VAL D 144 22.99 -34.81 39.45
N ARG D 145 24.15 -35.39 39.75
CA ARG D 145 25.39 -34.64 39.59
C ARG D 145 25.74 -34.49 38.11
N ILE D 146 25.62 -35.57 37.34
CA ILE D 146 26.00 -35.50 35.93
C ILE D 146 25.12 -34.49 35.21
N LEU D 147 23.80 -34.62 35.36
CA LEU D 147 22.89 -33.72 34.65
C LEU D 147 22.98 -32.30 35.18
N ASP D 148 22.84 -32.13 36.50
CA ASP D 148 22.72 -30.77 37.04
C ASP D 148 23.96 -29.94 36.69
N ARG D 149 25.12 -30.58 36.68
CA ARG D 149 26.32 -29.86 36.30
C ARG D 149 26.19 -29.33 34.88
N ALA D 150 25.81 -30.18 33.95
CA ALA D 150 25.58 -29.70 32.59
C ALA D 150 24.63 -28.53 32.61
N LEU D 151 23.50 -28.67 33.31
CA LEU D 151 22.49 -27.61 33.26
C LEU D 151 23.02 -26.32 33.86
N ALA D 152 24.02 -26.41 34.73
CA ALA D 152 24.59 -25.22 35.34
C ALA D 152 25.79 -24.69 34.57
N GLU D 153 26.41 -25.49 33.71
CA GLU D 153 27.63 -25.09 33.03
C GLU D 153 27.45 -24.99 31.53
N ASP D 154 26.84 -25.99 30.88
CA ASP D 154 26.73 -25.95 29.43
C ASP D 154 25.61 -25.02 28.97
N PHE D 155 24.49 -25.02 29.69
CA PHE D 155 23.31 -24.27 29.27
C PHE D 155 23.09 -23.00 30.09
N GLY D 156 23.70 -22.90 31.25
CA GLY D 156 23.58 -21.70 32.06
C GLY D 156 22.25 -21.53 32.74
N PHE D 157 21.51 -22.61 32.96
CA PHE D 157 20.28 -22.55 33.73
C PHE D 157 20.60 -22.43 35.22
N LYS D 158 20.04 -21.41 35.86
CA LYS D 158 20.43 -21.00 37.20
C LYS D 158 19.46 -21.42 38.30
N HIS D 159 18.21 -21.72 37.98
CA HIS D 159 17.20 -22.06 38.98
C HIS D 159 16.68 -23.47 38.72
N ARG D 160 17.22 -24.43 39.46
CA ARG D 160 16.97 -25.85 39.23
C ARG D 160 16.53 -26.51 40.53
N LEU D 161 15.33 -27.09 40.51
CA LEU D 161 14.72 -27.72 41.67
C LEU D 161 14.64 -29.22 41.42
N TRP D 162 15.38 -29.99 42.22
CA TRP D 162 15.36 -31.44 42.12
C TRP D 162 14.39 -31.98 43.16
N VAL D 163 13.53 -32.91 42.75
CA VAL D 163 12.47 -33.40 43.62
C VAL D 163 12.43 -34.92 43.55
N TYR D 164 12.28 -35.55 44.72
CA TYR D 164 12.12 -36.99 44.75
C TYR D 164 10.75 -37.35 44.20
N SER D 165 10.70 -38.41 43.39
CA SER D 165 9.46 -38.73 42.71
C SER D 165 8.50 -39.49 43.60
N GLY D 166 8.99 -39.97 44.75
CA GLY D 166 8.21 -40.69 45.72
C GLY D 166 8.56 -42.16 45.81
N ARG D 167 9.00 -42.76 44.71
CA ARG D 167 9.32 -44.18 44.72
C ARG D 167 10.56 -44.55 43.92
N ARG D 168 10.49 -44.40 42.60
CA ARG D 168 11.47 -45.00 41.72
C ARG D 168 12.53 -44.05 41.18
N GLY D 169 12.43 -42.76 41.46
CA GLY D 169 13.37 -41.85 40.83
C GLY D 169 13.18 -40.41 41.22
N VAL D 170 13.71 -39.53 40.37
CA VAL D 170 13.76 -38.10 40.66
C VAL D 170 13.36 -37.30 39.44
N HIS D 171 12.79 -36.13 39.70
CA HIS D 171 12.42 -35.18 38.67
C HIS D 171 13.29 -33.94 38.85
N CYS D 172 13.52 -33.22 37.76
CA CYS D 172 14.19 -31.92 37.80
C CYS D 172 13.34 -30.90 37.08
N TRP D 173 13.10 -29.77 37.75
CA TRP D 173 12.40 -28.61 37.20
C TRP D 173 13.40 -27.48 37.02
N VAL D 174 13.63 -27.09 35.77
CA VAL D 174 14.51 -25.99 35.40
C VAL D 174 13.61 -24.82 35.06
N CYS D 175 13.65 -23.76 35.88
CA CYS D 175 12.63 -22.74 35.89
C CYS D 175 13.11 -21.37 35.45
N ASP D 176 14.33 -21.25 34.94
CA ASP D 176 14.79 -19.98 34.40
C ASP D 176 13.81 -19.48 33.35
N ASP D 177 13.61 -18.16 33.31
CA ASP D 177 12.68 -17.59 32.35
C ASP D 177 13.03 -18.02 30.93
N SER D 178 14.32 -18.08 30.62
CA SER D 178 14.74 -18.57 29.31
C SER D 178 14.32 -20.02 29.11
N ALA D 179 14.48 -20.84 30.14
CA ALA D 179 14.12 -22.24 30.01
C ALA D 179 12.61 -22.43 29.91
N ARG D 180 11.82 -21.45 30.35
CA ARG D 180 10.37 -21.58 30.25
C ARG D 180 9.82 -21.14 28.90
N LYS D 181 10.62 -20.43 28.11
CA LYS D 181 10.18 -19.98 26.80
C LYS D 181 10.74 -20.83 25.67
N LEU D 182 11.39 -21.95 25.99
CA LEU D 182 12.00 -22.76 24.95
C LEU D 182 10.93 -23.47 24.14
N SER D 183 11.09 -23.46 22.82
CA SER D 183 10.17 -24.14 21.93
C SER D 183 10.27 -25.65 22.13
N GLN D 184 9.44 -26.39 21.41
CA GLN D 184 9.54 -27.84 21.43
C GLN D 184 10.86 -28.30 20.82
N ALA D 185 11.27 -27.68 19.72
CA ALA D 185 12.51 -28.09 19.06
C ALA D 185 13.71 -27.85 19.97
N GLU D 186 13.74 -26.71 20.65
CA GLU D 186 14.85 -26.42 21.56
C GLU D 186 14.89 -27.42 22.70
N ARG D 187 13.73 -27.78 23.25
CA ARG D 187 13.67 -28.79 24.29
C ARG D 187 14.21 -30.12 23.79
N SER D 188 13.80 -30.54 22.59
CA SER D 188 14.29 -31.80 22.07
C SER D 188 15.79 -31.75 21.85
N ALA D 189 16.31 -30.61 21.40
CA ALA D 189 17.75 -30.45 21.26
C ALA D 189 18.44 -30.60 22.60
N VAL D 190 17.91 -29.95 23.64
CA VAL D 190 18.52 -30.04 24.96
C VAL D 190 18.52 -31.49 25.45
N ALA D 191 17.41 -32.19 25.25
CA ALA D 191 17.31 -33.57 25.71
C ALA D 191 18.31 -34.46 24.97
N GLU D 192 18.41 -34.31 23.66
CA GLU D 192 19.33 -35.14 22.89
C GLU D 192 20.78 -34.83 23.23
N TYR D 193 21.09 -33.56 23.51
CA TYR D 193 22.46 -33.22 23.89
C TYR D 193 22.85 -33.92 25.18
N LEU D 194 21.94 -33.98 26.14
CA LEU D 194 22.23 -34.59 27.43
C LEU D 194 22.20 -36.10 27.38
N SER D 195 21.71 -36.69 26.29
CA SER D 195 21.39 -38.11 26.24
C SER D 195 22.51 -38.86 25.55
N VAL D 196 22.98 -39.94 26.18
CA VAL D 196 24.08 -40.75 25.68
C VAL D 196 23.67 -42.20 25.49
N VAL D 197 23.04 -42.79 26.51
CA VAL D 197 22.65 -44.20 26.48
C VAL D 197 21.43 -44.31 25.59
N LYS D 198 21.63 -44.72 24.34
CA LYS D 198 20.57 -44.80 23.35
C LYS D 198 20.33 -46.26 23.01
N GLY D 199 19.06 -46.67 23.01
CA GLY D 199 18.67 -48.01 22.61
C GLY D 199 17.70 -48.63 23.59
N GLY D 200 17.10 -49.72 23.14
CA GLY D 200 16.08 -50.43 23.87
C GLY D 200 16.59 -51.70 24.52
N GLU D 201 15.66 -52.62 24.78
CA GLU D 201 16.02 -53.91 25.35
C GLU D 201 16.63 -54.86 24.34
N GLU D 202 16.50 -54.56 23.05
CA GLU D 202 16.99 -55.43 21.99
C GLU D 202 18.44 -55.14 21.60
N THR D 203 19.05 -54.10 22.16
CA THR D 203 20.42 -53.72 21.84
C THR D 203 21.32 -54.00 23.04
N ILE D 204 22.50 -54.55 22.78
CA ILE D 204 23.45 -54.87 23.84
C ILE D 204 24.43 -53.74 24.07
N LYS D 205 25.06 -53.24 23.00
CA LYS D 205 25.99 -52.12 23.10
C LYS D 205 25.23 -50.83 22.86
N LYS D 206 24.98 -50.07 23.93
CA LYS D 206 24.17 -48.87 23.86
C LYS D 206 24.96 -47.58 23.82
N VAL D 207 26.29 -47.65 23.94
CA VAL D 207 27.15 -46.48 23.90
C VAL D 207 28.27 -46.75 22.91
N GLN D 208 28.42 -45.88 21.92
CA GLN D 208 29.48 -45.98 20.93
C GLN D 208 30.10 -44.59 20.79
N LEU D 209 31.07 -44.29 21.64
CA LEU D 209 31.72 -43.00 21.60
C LEU D 209 32.62 -42.90 20.37
N PRO D 210 32.79 -41.70 19.82
CA PRO D 210 33.73 -41.52 18.71
C PRO D 210 35.15 -41.46 19.24
N GLU D 211 36.10 -41.28 18.31
CA GLU D 211 37.50 -41.16 18.72
C GLU D 211 37.69 -39.94 19.61
N THR D 212 37.06 -38.82 19.24
CA THR D 212 37.12 -37.61 20.04
C THR D 212 36.05 -37.63 21.11
N ILE D 213 36.44 -37.42 22.36
CA ILE D 213 35.51 -37.34 23.47
C ILE D 213 35.07 -35.89 23.62
N HIS D 214 33.79 -35.64 23.40
CA HIS D 214 33.26 -34.30 23.57
C HIS D 214 33.42 -33.86 25.01
N PRO D 215 33.84 -32.62 25.27
CA PRO D 215 34.05 -32.20 26.67
C PRO D 215 32.95 -32.60 27.62
N PHE D 216 31.69 -32.51 27.19
CA PHE D 216 30.60 -32.92 28.07
C PHE D 216 30.75 -34.37 28.49
N ILE D 217 31.14 -35.23 27.56
CA ILE D 217 31.28 -36.65 27.89
C ILE D 217 32.47 -36.86 28.79
N GLY D 218 33.53 -36.08 28.59
CA GLY D 218 34.66 -36.16 29.50
C GLY D 218 34.29 -35.78 30.92
N LYS D 219 33.50 -34.72 31.08
CA LYS D 219 33.10 -34.32 32.43
C LYS D 219 32.10 -35.28 33.03
N SER D 220 31.28 -35.92 32.21
CA SER D 220 30.37 -36.92 32.75
C SER D 220 31.13 -38.17 33.18
N LEU D 221 32.15 -38.55 32.42
CA LEU D 221 32.98 -39.68 32.84
C LEU D 221 33.78 -39.34 34.08
N LYS D 222 34.27 -38.10 34.20
CA LYS D 222 34.95 -37.70 35.42
C LYS D 222 34.04 -37.81 36.62
N MET D 223 32.81 -37.33 36.50
CA MET D 223 31.86 -37.49 37.60
C MET D 223 31.60 -38.96 37.89
N VAL D 224 31.47 -39.78 36.85
CA VAL D 224 31.18 -41.19 37.05
C VAL D 224 32.30 -41.86 37.82
N GLU D 225 33.55 -41.55 37.45
CA GLU D 225 34.69 -42.25 38.02
C GLU D 225 34.70 -42.15 39.55
N ARG D 226 34.40 -40.96 40.09
CA ARG D 226 34.45 -40.79 41.53
C ARG D 226 33.62 -41.84 42.24
N TYR D 227 32.48 -42.21 41.68
CA TYR D 227 31.57 -43.15 42.32
C TYR D 227 31.70 -44.58 41.83
N PHE D 228 32.30 -44.78 40.65
CA PHE D 228 32.21 -46.07 39.98
C PHE D 228 32.75 -47.20 40.86
N GLU D 229 33.89 -46.98 41.50
CA GLU D 229 34.48 -48.07 42.27
C GLU D 229 33.53 -48.55 43.36
N LYS D 230 32.91 -47.62 44.09
CA LYS D 230 31.98 -48.02 45.13
C LYS D 230 30.71 -48.65 44.53
N TYR D 231 30.13 -48.01 43.52
CA TYR D 231 28.84 -48.46 43.01
C TYR D 231 28.95 -49.80 42.32
N ALA D 232 29.88 -49.92 41.37
CA ALA D 232 29.90 -51.03 40.44
C ALA D 232 30.80 -52.15 40.93
N LEU D 233 31.94 -51.82 41.53
CA LEU D 233 32.92 -52.82 41.89
C LEU D 233 32.75 -53.33 43.31
N VAL D 234 32.18 -52.52 44.20
CA VAL D 234 31.97 -52.92 45.59
C VAL D 234 30.52 -53.32 45.79
N ASP D 235 29.60 -52.39 45.55
CA ASP D 235 28.20 -52.64 45.88
C ASP D 235 27.54 -53.57 44.85
N GLN D 236 27.46 -53.12 43.60
CA GLN D 236 26.77 -53.90 42.59
C GLN D 236 27.48 -55.21 42.27
N ASP D 237 28.81 -55.21 42.32
CA ASP D 237 29.58 -56.43 42.07
C ASP D 237 29.22 -57.00 40.71
N ILE D 238 29.42 -56.16 39.69
CA ILE D 238 29.00 -56.46 38.32
C ILE D 238 29.88 -57.56 37.73
N LEU D 239 30.86 -58.03 38.50
CA LEU D 239 31.74 -59.11 38.07
C LEU D 239 31.76 -60.22 39.12
N GLU D 240 30.63 -60.40 39.83
CA GLU D 240 30.57 -61.41 40.89
C GLU D 240 30.76 -62.82 40.34
N ASN D 241 29.96 -63.20 39.34
CA ASN D 241 30.01 -64.54 38.79
C ASN D 241 29.89 -64.48 37.28
N LYS D 242 29.90 -65.65 36.66
CA LYS D 242 29.96 -65.72 35.21
C LYS D 242 28.69 -65.17 34.58
N GLN D 243 27.53 -65.45 35.19
CA GLN D 243 26.27 -65.02 34.61
C GLN D 243 26.23 -63.51 34.43
N CYS D 244 26.96 -62.75 35.24
CA CYS D 244 26.98 -61.30 35.12
C CYS D 244 28.16 -60.80 34.29
N TRP D 245 29.38 -61.25 34.58
CA TRP D 245 30.51 -60.76 33.81
C TRP D 245 30.47 -61.25 32.36
N ASP D 246 29.63 -62.24 32.05
CA ASP D 246 29.40 -62.58 30.66
C ASP D 246 28.83 -61.40 29.90
N LYS D 247 27.99 -60.60 30.56
CA LYS D 247 27.45 -59.40 29.90
C LYS D 247 28.57 -58.45 29.52
N VAL D 248 29.41 -58.09 30.50
CA VAL D 248 30.47 -57.12 30.25
C VAL D 248 31.42 -57.65 29.18
N ILE D 249 31.68 -58.96 29.19
CA ILE D 249 32.42 -59.57 28.10
C ILE D 249 31.68 -59.38 26.79
N ALA D 250 30.35 -59.53 26.82
CA ALA D 250 29.51 -59.32 25.64
C ALA D 250 29.55 -57.88 25.14
N LEU D 251 30.05 -56.96 25.96
CA LEU D 251 30.10 -55.54 25.61
C LEU D 251 31.44 -55.14 25.02
N VAL D 252 32.37 -56.08 24.89
CA VAL D 252 33.70 -55.78 24.35
C VAL D 252 33.95 -56.70 23.17
N PRO D 253 34.86 -56.33 22.27
CA PRO D 253 35.14 -57.16 21.10
C PRO D 253 35.54 -58.59 21.48
N GLU D 254 35.16 -59.52 20.61
CA GLU D 254 35.40 -60.94 20.88
C GLU D 254 36.89 -61.24 20.97
N VAL D 255 37.72 -60.43 20.33
CA VAL D 255 39.13 -60.79 20.14
C VAL D 255 39.79 -61.09 21.48
N ALA D 256 39.55 -60.25 22.48
CA ALA D 256 40.15 -60.43 23.80
C ALA D 256 39.28 -61.22 24.75
N ARG D 257 38.06 -61.56 24.36
CA ARG D 257 37.12 -62.18 25.29
C ARG D 257 37.74 -63.43 25.94
N GLU D 258 38.25 -64.34 25.12
CA GLU D 258 38.89 -65.53 25.66
C GLU D 258 40.01 -65.13 26.63
N SER D 259 40.87 -64.22 26.20
CA SER D 259 41.96 -63.77 27.05
C SER D 259 41.43 -63.30 28.40
N LEU D 260 40.27 -62.66 28.40
CA LEU D 260 39.68 -62.20 29.65
C LEU D 260 39.17 -63.37 30.48
N LEU D 261 38.50 -64.33 29.85
CA LEU D 261 37.82 -65.37 30.61
C LEU D 261 38.78 -66.08 31.55
N ARG D 262 39.91 -66.57 31.00
CA ARG D 262 40.91 -67.22 31.84
C ARG D 262 41.32 -66.31 32.99
N GLU D 263 41.56 -65.03 32.69
CA GLU D 263 41.91 -64.10 33.75
C GLU D 263 40.82 -64.01 34.80
N PHE D 264 39.56 -63.94 34.36
CA PHE D 264 38.46 -63.89 35.31
C PHE D 264 38.30 -65.21 36.07
N SER D 265 38.95 -66.28 35.61
CA SER D 265 38.96 -67.52 36.36
C SER D 265 39.97 -67.52 37.49
N LYS D 266 40.93 -66.59 37.47
CA LYS D 266 41.97 -66.52 38.49
C LYS D 266 41.81 -65.31 39.41
N ALA D 267 40.76 -64.51 39.24
CA ALA D 267 40.52 -63.33 40.06
C ALA D 267 39.52 -63.66 41.16
N ARG D 268 39.79 -63.16 42.37
CA ARG D 268 38.92 -63.38 43.52
C ARG D 268 38.00 -62.20 43.80
N SER D 269 38.36 -60.99 43.38
CA SER D 269 37.57 -59.81 43.65
C SER D 269 37.27 -59.07 42.36
N SER D 270 36.06 -58.49 42.30
CA SER D 270 35.64 -57.78 41.10
C SER D 270 36.50 -56.53 40.86
N VAL D 271 37.07 -55.96 41.92
CA VAL D 271 38.04 -54.88 41.74
C VAL D 271 39.26 -55.41 41.00
N GLU D 272 39.74 -56.60 41.39
CA GLU D 272 40.83 -57.24 40.67
C GLU D 272 40.43 -57.50 39.22
N ARG D 273 39.20 -57.97 39.00
CA ARG D 273 38.77 -58.24 37.63
C ARG D 273 38.70 -56.95 36.82
N TRP D 274 38.29 -55.85 37.43
CA TRP D 274 38.28 -54.58 36.71
C TRP D 274 39.70 -54.14 36.37
N ASP D 275 40.63 -54.29 37.30
CA ASP D 275 42.01 -53.96 37.00
C ASP D 275 42.51 -54.79 35.83
N LYS D 276 42.20 -56.10 35.84
CA LYS D 276 42.65 -56.97 34.76
C LYS D 276 42.03 -56.57 33.44
N LEU D 277 40.74 -56.25 33.44
CA LEU D 277 40.07 -55.83 32.21
C LEU D 277 40.68 -54.54 31.67
N SER D 278 40.92 -53.58 32.54
CA SER D 278 41.54 -52.33 32.11
C SER D 278 42.92 -52.57 31.52
N SER D 279 43.72 -53.40 32.18
CA SER D 279 45.05 -53.70 31.67
C SER D 279 44.98 -54.38 30.31
N CYS D 280 44.11 -55.38 30.17
CA CYS D 280 43.99 -56.08 28.90
C CYS D 280 43.54 -55.15 27.79
N LEU D 281 42.55 -54.30 28.06
CA LEU D 281 42.10 -53.36 27.05
C LEU D 281 43.20 -52.38 26.68
N GLU D 282 43.94 -51.88 27.67
CA GLU D 282 45.05 -50.97 27.38
C GLU D 282 46.08 -51.65 26.48
N ALA D 283 46.41 -52.91 26.79
CA ALA D 283 47.36 -53.64 25.95
C ALA D 283 46.82 -53.79 24.53
N THR D 284 45.53 -54.08 24.39
CA THR D 284 44.92 -54.25 23.08
C THR D 284 44.69 -52.90 22.42
N ARG D 289 44.57 -49.28 19.62
CA ARG D 289 44.30 -48.27 20.62
C ARG D 289 42.90 -47.68 20.46
N ARG D 290 42.28 -47.94 19.30
CA ARG D 290 40.94 -47.41 19.06
C ARG D 290 39.94 -47.90 20.09
N TYR D 291 40.24 -49.01 20.77
CA TYR D 291 39.39 -49.53 21.83
C TYR D 291 39.74 -48.96 23.20
N SER D 292 40.60 -47.94 23.25
CA SER D 292 41.00 -47.38 24.54
C SER D 292 39.82 -46.75 25.28
N ASN D 293 38.72 -46.47 24.58
CA ASN D 293 37.54 -45.89 25.19
C ASN D 293 36.51 -46.94 25.60
N ILE D 294 36.76 -48.22 25.32
CA ILE D 294 35.78 -49.25 25.64
C ILE D 294 35.45 -49.27 27.13
N PRO D 295 36.41 -49.17 28.05
CA PRO D 295 36.02 -49.14 29.47
C PRO D 295 35.10 -47.99 29.78
N LYS D 296 35.31 -46.84 29.13
CA LYS D 296 34.41 -45.70 29.32
C LYS D 296 33.01 -46.02 28.82
N GLU D 297 32.92 -46.72 27.68
CA GLU D 297 31.61 -47.11 27.18
C GLU D 297 30.90 -48.05 28.15
N ILE D 298 31.65 -48.92 28.81
CA ILE D 298 31.05 -49.82 29.79
C ILE D 298 30.60 -49.04 31.01
N MET D 299 31.42 -48.12 31.48
CA MET D 299 31.06 -47.33 32.64
C MET D 299 29.78 -46.54 32.34
N LEU D 300 29.73 -45.90 31.18
CA LEU D 300 28.53 -45.14 30.82
C LEU D 300 27.32 -46.06 30.74
N GLN D 301 27.47 -47.22 30.12
CA GLN D 301 26.33 -48.12 29.99
C GLN D 301 25.85 -48.61 31.36
N PHE D 302 26.70 -48.54 32.38
CA PHE D 302 26.28 -48.91 33.73
C PHE D 302 25.97 -47.74 34.65
N CYS D 303 26.26 -46.50 34.25
CA CYS D 303 26.14 -45.36 35.16
C CYS D 303 25.46 -44.13 34.58
N TYR D 304 25.44 -43.95 33.27
CA TYR D 304 24.93 -42.69 32.75
C TYR D 304 23.41 -42.67 32.80
N PRO D 305 22.79 -41.50 33.06
CA PRO D 305 21.34 -41.44 33.16
C PRO D 305 20.64 -41.74 31.84
N ARG D 306 19.46 -42.35 31.94
CA ARG D 306 18.58 -42.58 30.81
C ARG D 306 17.43 -41.60 30.86
N LEU D 307 17.16 -40.92 29.74
CA LEU D 307 16.19 -39.85 29.65
C LEU D 307 15.14 -40.18 28.61
N ASP D 308 13.87 -40.11 29.01
CA ASP D 308 12.77 -40.30 28.07
C ASP D 308 12.52 -38.98 27.37
N VAL D 309 12.97 -38.87 26.12
CA VAL D 309 12.88 -37.62 25.39
C VAL D 309 11.43 -37.18 25.24
N ASN D 310 10.48 -38.11 25.34
CA ASN D 310 9.08 -37.73 25.25
C ASN D 310 8.62 -36.96 26.48
N VAL D 311 9.24 -37.21 27.64
CA VAL D 311 8.88 -36.48 28.85
C VAL D 311 9.26 -35.01 28.72
N SER D 312 10.41 -34.72 28.11
CA SER D 312 10.94 -33.36 28.11
C SER D 312 10.66 -32.62 26.81
N LYS D 313 10.33 -33.34 25.73
CA LYS D 313 10.13 -32.69 24.45
C LYS D 313 8.84 -31.89 24.43
N GLY D 314 7.74 -32.48 24.87
CA GLY D 314 6.44 -31.86 24.73
C GLY D 314 6.16 -30.80 25.77
N LEU D 315 5.59 -29.69 25.30
CA LEU D 315 5.24 -28.59 26.20
C LEU D 315 4.04 -28.95 27.06
N ASN D 316 3.14 -29.78 26.56
CA ASN D 316 1.89 -30.08 27.24
C ASN D 316 2.01 -31.24 28.22
N HIS D 317 3.21 -31.53 28.72
CA HIS D 317 3.41 -32.69 29.56
C HIS D 317 3.06 -32.38 31.01
N LEU D 318 2.26 -33.24 31.61
CA LEU D 318 1.83 -33.13 33.00
C LEU D 318 2.74 -33.98 33.86
N LEU D 319 3.48 -33.35 34.77
CA LEU D 319 4.40 -34.06 35.64
C LEU D 319 3.99 -33.91 37.09
N LYS D 320 4.24 -34.96 37.86
CA LYS D 320 3.95 -35.00 39.29
C LYS D 320 4.36 -33.72 39.99
N SER D 321 3.42 -33.15 40.74
CA SER D 321 3.68 -31.92 41.46
C SER D 321 4.60 -32.17 42.65
N PRO D 322 5.49 -31.23 42.97
CA PRO D 322 6.21 -31.31 44.25
C PRO D 322 5.24 -31.36 45.42
N PHE D 323 5.69 -32.00 46.49
CA PHE D 323 4.91 -32.17 47.71
C PHE D 323 3.63 -32.96 47.47
N SER D 324 3.62 -33.78 46.43
CA SER D 324 2.58 -34.76 46.23
C SER D 324 2.80 -35.94 47.18
N VAL D 325 1.80 -36.79 47.27
CA VAL D 325 1.85 -38.00 48.09
C VAL D 325 1.80 -39.20 47.15
N HIS D 326 2.76 -40.09 47.29
CA HIS D 326 2.85 -41.24 46.42
C HIS D 326 1.74 -42.24 46.75
N PRO D 327 0.85 -42.56 45.80
CA PRO D 327 -0.28 -43.44 46.11
C PRO D 327 0.08 -44.78 46.74
N LYS D 328 1.33 -45.21 46.66
CA LYS D 328 1.68 -46.54 47.14
C LYS D 328 2.69 -46.49 48.28
N THR D 329 3.77 -45.72 48.15
CA THR D 329 4.73 -45.64 49.24
C THR D 329 4.28 -44.66 50.31
N GLY D 330 3.46 -43.68 49.94
CA GLY D 330 3.00 -42.66 50.85
C GLY D 330 4.02 -41.57 51.12
N ARG D 331 5.22 -41.68 50.58
CA ARG D 331 6.27 -40.70 50.80
C ARG D 331 5.89 -39.38 50.14
N ILE D 332 6.43 -38.29 50.68
CA ILE D 332 6.18 -36.96 50.13
C ILE D 332 7.26 -36.67 49.10
N SER D 333 6.83 -36.18 47.94
CA SER D 333 7.76 -35.70 46.91
C SER D 333 8.49 -34.46 47.40
N VAL D 334 9.61 -34.64 48.09
CA VAL D 334 10.26 -33.54 48.78
C VAL D 334 11.44 -33.05 47.93
N PRO D 335 11.74 -31.76 47.95
CA PRO D 335 12.93 -31.30 47.23
C PRO D 335 14.20 -31.85 47.85
N ILE D 336 15.22 -32.01 47.01
CA ILE D 336 16.51 -32.56 47.41
C ILE D 336 17.52 -31.42 47.37
N ASP D 337 18.21 -31.19 48.47
CA ASP D 337 19.24 -30.16 48.48
C ASP D 337 20.47 -30.67 47.73
N CYS D 338 20.93 -29.88 46.76
CA CYS D 338 22.02 -30.33 45.92
C CYS D 338 23.29 -30.56 46.74
N LYS D 339 23.59 -29.65 47.67
CA LYS D 339 24.80 -29.80 48.47
C LYS D 339 24.75 -31.07 49.31
N LYS D 340 23.63 -31.31 49.99
CA LYS D 340 23.48 -32.47 50.85
C LYS D 340 23.03 -33.71 50.09
N LEU D 341 23.25 -33.75 48.78
CA LEU D 341 22.78 -34.87 47.98
C LEU D 341 23.34 -36.19 48.50
N ASP D 342 24.62 -36.21 48.89
CA ASP D 342 25.22 -37.47 49.32
C ASP D 342 24.57 -38.02 50.58
N GLN D 343 23.81 -37.20 51.30
CA GLN D 343 23.17 -37.62 52.53
C GLN D 343 21.71 -37.99 52.33
N PHE D 344 21.18 -37.76 51.13
CA PHE D 344 19.79 -38.03 50.84
C PHE D 344 19.48 -39.52 50.91
N ASP D 345 18.35 -39.85 51.53
CA ASP D 345 17.96 -41.23 51.79
C ASP D 345 16.50 -41.35 51.40
N PRO D 346 16.16 -42.07 50.32
CA PRO D 346 14.76 -42.11 49.89
C PRO D 346 13.87 -42.90 50.81
N PHE D 347 14.43 -43.55 51.83
CA PHE D 347 13.65 -44.38 52.74
C PHE D 347 13.29 -43.64 54.01
N SER D 348 13.99 -42.55 54.30
CA SER D 348 13.69 -41.66 55.41
C SER D 348 12.76 -40.53 55.01
N VAL D 349 12.35 -40.46 53.75
CA VAL D 349 11.48 -39.38 53.32
C VAL D 349 10.17 -39.46 54.08
N PRO D 350 9.66 -38.37 54.65
CA PRO D 350 8.42 -38.45 55.42
C PRO D 350 7.29 -39.06 54.61
N THR D 351 6.56 -39.96 55.24
CA THR D 351 5.31 -40.45 54.69
C THR D 351 4.15 -39.63 55.22
N ILE D 352 3.01 -39.73 54.53
CA ILE D 352 1.86 -38.94 54.95
C ILE D 352 1.37 -39.42 56.32
N SER D 353 1.48 -40.71 56.59
CA SER D 353 1.01 -41.22 57.87
C SER D 353 1.87 -40.70 59.01
N LEU D 354 3.19 -40.67 58.81
CA LEU D 354 4.07 -40.15 59.85
C LEU D 354 3.77 -38.69 60.13
N ILE D 355 3.54 -37.90 59.08
CA ILE D 355 3.34 -36.46 59.29
C ILE D 355 1.95 -36.15 59.81
N CYS D 356 0.99 -37.05 59.63
CA CYS D 356 -0.29 -36.86 60.31
C CYS D 356 -0.22 -37.29 61.77
N SER D 357 0.55 -38.33 62.07
CA SER D 357 0.81 -38.65 63.46
C SER D 357 1.50 -37.49 64.16
N GLU D 358 2.50 -36.89 63.49
CA GLU D 358 3.19 -35.74 64.07
C GLU D 358 2.24 -34.56 64.22
N LEU D 359 1.33 -34.36 63.26
CA LEU D 359 0.44 -33.21 63.34
C LEU D 359 -0.52 -33.36 64.51
N ASP D 360 -1.06 -34.55 64.70
CA ASP D 360 -1.99 -34.79 65.81
C ASP D 360 -1.27 -35.12 67.11
N ASN D 361 -0.20 -34.38 67.42
CA ASN D 361 0.57 -34.62 68.63
C ASN D 361 0.97 -33.34 69.35
N VAL D 362 0.51 -32.19 68.89
CA VAL D 362 0.86 -30.92 69.51
C VAL D 362 -0.37 -30.05 69.67
N ARG D 382 -0.71 -20.89 63.19
CA ARG D 382 -1.52 -21.48 62.12
C ARG D 382 -0.65 -21.71 60.89
N THR D 383 0.09 -20.69 60.49
CA THR D 383 0.92 -20.74 59.29
C THR D 383 2.27 -21.42 59.56
N ARG D 384 2.45 -21.96 60.76
CA ARG D 384 3.74 -22.50 61.20
C ARG D 384 3.59 -23.93 61.71
N ASP D 385 2.45 -24.56 61.41
CA ASP D 385 2.21 -25.92 61.90
C ASP D 385 3.22 -26.89 61.30
N TYR D 386 3.58 -26.70 60.04
CA TYR D 386 4.48 -27.62 59.37
C TYR D 386 5.87 -27.59 59.98
N LYS D 387 6.24 -26.49 60.62
CA LYS D 387 7.55 -26.43 61.27
C LYS D 387 7.66 -27.42 62.42
N ARG D 388 6.54 -27.99 62.88
CA ARG D 388 6.57 -28.97 63.96
C ARG D 388 6.65 -30.41 63.46
N THR D 389 6.73 -30.62 62.15
CA THR D 389 6.82 -31.94 61.56
C THR D 389 8.22 -32.16 60.98
N SER D 390 8.47 -33.37 60.50
CA SER D 390 9.72 -33.69 59.84
C SER D 390 9.79 -33.16 58.41
N LEU D 391 8.72 -32.53 57.94
CA LEU D 391 8.66 -31.91 56.63
C LEU D 391 9.40 -30.60 56.56
N ALA D 392 9.75 -30.01 57.70
CA ALA D 392 10.24 -28.64 57.71
C ALA D 392 11.49 -28.43 56.90
N PRO D 393 12.57 -29.22 57.02
CA PRO D 393 13.78 -28.90 56.26
C PRO D 393 13.58 -28.93 54.76
N TYR D 394 12.61 -29.68 54.28
CA TYR D 394 12.40 -29.76 52.84
C TYR D 394 11.64 -28.53 52.34
N ILE D 395 10.66 -28.08 53.11
CA ILE D 395 10.05 -26.79 52.82
C ILE D 395 11.09 -25.68 52.91
N LYS D 396 12.08 -25.84 53.79
CA LYS D 396 13.13 -24.83 53.88
C LYS D 396 13.97 -24.79 52.62
N VAL D 397 14.34 -25.96 52.10
CA VAL D 397 15.09 -26.00 50.85
C VAL D 397 14.27 -25.36 49.74
N PHE D 398 12.98 -25.68 49.68
CA PHE D 398 12.12 -25.07 48.67
C PHE D 398 12.06 -23.56 48.84
N GLU D 399 12.05 -23.09 50.08
CA GLU D 399 11.98 -21.65 50.33
C GLU D 399 13.27 -20.97 49.89
N GLN D 400 14.40 -21.63 50.10
CA GLN D 400 15.67 -21.09 49.62
C GLN D 400 15.68 -21.00 48.09
N PHE D 401 15.18 -22.05 47.43
CA PHE D 401 15.13 -22.02 45.97
C PHE D 401 14.23 -20.88 45.49
N LEU D 402 13.09 -20.70 46.14
CA LEU D 402 12.20 -19.61 45.76
C LEU D 402 12.83 -18.25 46.07
N ASP D 403 13.60 -18.16 47.14
CA ASP D 403 14.30 -16.92 47.44
C ASP D 403 15.30 -16.59 46.34
N LYS D 404 16.03 -17.60 45.85
CA LYS D 404 16.94 -17.38 44.74
C LYS D 404 16.18 -16.90 43.51
N LEU D 405 15.03 -17.51 43.23
CA LEU D 405 14.24 -17.08 42.09
C LEU D 405 13.80 -15.64 42.24
N ASP D 406 13.37 -15.25 43.45
CA ASP D 406 12.96 -13.87 43.69
C ASP D 406 14.12 -12.91 43.52
N GLN D 407 15.30 -13.28 44.02
CA GLN D 407 16.48 -12.44 43.82
C GLN D 407 16.76 -12.26 42.35
N SER D 408 16.62 -13.32 41.56
CA SER D 408 16.87 -13.21 40.13
C SER D 408 15.82 -12.33 39.46
N ARG D 409 14.56 -12.43 39.89
CA ARG D 409 13.50 -11.61 39.32
C ARG D 409 13.72 -10.14 39.64
N LYS D 410 14.20 -9.84 40.83
CA LYS D 410 14.46 -8.45 41.21
C LYS D 410 15.71 -7.92 40.53
N GLY D 411 16.88 -8.45 40.89
CA GLY D 411 18.13 -8.03 40.30
C GLY D 411 18.05 -7.78 38.81
N GLU D 412 17.38 -8.67 38.09
CA GLU D 412 17.19 -8.49 36.64
C GLU D 412 16.41 -7.21 36.37
PG GTP F 1 -9.89 -11.48 -26.78
O1G GTP F 1 -10.23 -11.36 -25.35
O2G GTP F 1 -11.23 -11.82 -27.62
O3G GTP F 1 -9.25 -10.12 -27.32
O3B GTP F 1 -8.85 -12.69 -26.96
PB GTP F 1 -8.59 -14.01 -26.09
O1B GTP F 1 -7.40 -14.73 -26.61
O2B GTP F 1 -8.34 -13.59 -24.56
O3A GTP F 1 -9.88 -14.97 -26.17
PA GTP F 1 -11.31 -14.95 -25.42
O1A GTP F 1 -11.28 -13.93 -24.36
O2A GTP F 1 -12.47 -14.60 -26.47
O5' GTP F 1 -11.58 -16.40 -24.78
C5' GTP F 1 -12.40 -17.39 -25.42
C4' GTP F 1 -12.06 -18.76 -24.83
O4' GTP F 1 -10.63 -18.96 -24.80
C3' GTP F 1 -12.52 -18.84 -23.38
O3' GTP F 1 -13.90 -19.19 -23.31
C2' GTP F 1 -11.62 -19.96 -22.84
O2' GTP F 1 -12.14 -21.24 -23.20
C1' GTP F 1 -10.28 -19.69 -23.59
N9 GTP F 1 -9.41 -18.85 -22.77
C8 GTP F 1 -9.17 -17.52 -22.96
N7 GTP F 1 -8.35 -17.09 -22.06
C5 GTP F 1 -8.01 -18.09 -21.23
C6 GTP F 1 -7.18 -18.20 -20.10
O6 GTP F 1 -6.56 -17.23 -19.68
N1 GTP F 1 -7.06 -19.40 -19.49
C2 GTP F 1 -7.75 -20.48 -19.97
N2 GTP F 1 -7.62 -21.69 -19.33
N3 GTP F 1 -8.53 -20.40 -21.03
C4 GTP F 1 -8.69 -19.24 -21.68
H5' GTP F 1 -12.22 -17.39 -26.37
H5'' GTP F 1 -13.32 -17.18 -25.26
H4' GTP F 1 -12.48 -19.45 -25.36
H3' GTP F 1 -12.35 -18.00 -22.92
H2' GTP F 1 -11.51 -19.89 -21.88
HO2' GTP F 1 -11.84 -21.54 -23.94
H1' GTP F 1 -9.84 -20.52 -23.81
H8 GTP F 1 -9.54 -17.01 -23.64
HN1 GTP F 1 -6.57 -19.50 -18.80
HN21 GTP F 1 -8.05 -22.37 -19.63
HN22 GTP F 1 -7.11 -21.76 -18.64
N1 DOC F 9 -24.69 1.21 -9.30
C2 DOC F 9 -25.32 0.15 -9.82
N3 DOC F 9 -25.77 -0.83 -9.04
C4 DOC F 9 -25.59 -0.80 -7.73
C5 DOC F 9 -24.92 0.30 -7.15
C6 DOC F 9 -24.48 1.29 -7.96
O2 DOC F 9 -25.51 0.09 -11.02
N4 DOC F 9 -26.06 -1.83 -6.94
C1' DOC F 9 -24.21 2.28 -10.18
C2' DOC F 9 -25.29 3.37 -10.31
C3' DOC F 9 -24.83 4.40 -9.26
C4' DOC F 9 -23.30 4.30 -9.43
O4' DOC F 9 -23.04 2.90 -9.62
C5' DOC F 9 -22.60 4.82 -8.17
O5' DOC F 9 -22.93 4.00 -7.06
P DOC F 9 -21.94 3.93 -5.80
OP1 DOC F 9 -21.61 5.31 -5.37
OP2 DOC F 9 -22.52 2.89 -4.72
H5 DOC F 9 -24.79 0.34 -6.24
H6 DOC F 9 -24.04 2.03 -7.60
HN41 DOC F 9 -26.46 -2.49 -7.31
HN42 DOC F 9 -25.93 -1.80 -6.09
H1' DOC F 9 -24.01 1.92 -11.06
H2' DOC F 9 -25.29 3.75 -11.20
H2'' DOC F 9 -26.16 3.01 -10.09
H3'1 DOC F 9 -25.15 5.29 -9.48
H3'2 DOC F 9 -25.11 4.14 -8.37
H4' DOC F 9 -23.02 4.81 -10.20
H5' DOC F 9 -22.86 5.73 -7.99
H5'' DOC F 9 -21.63 4.78 -8.30
ZN ZN G . 43.06 29.81 -42.50
ZN ZN H . -0.83 28.95 -25.16
PG DGT I . -30.47 8.28 -5.13
O1G DGT I . -29.34 9.03 -5.99
O2G DGT I . -29.79 7.41 -3.97
O3G DGT I . -31.40 9.28 -4.55
O3B DGT I . -31.28 7.31 -6.14
PB DGT I . -30.81 6.56 -7.46
O1B DGT I . -32.01 5.69 -8.07
O2B DGT I . -30.33 7.56 -8.45
O3A DGT I . -29.59 5.58 -7.07
PA DGT I . -28.05 5.55 -7.48
O1A DGT I . -27.52 7.07 -7.58
O2A DGT I . -27.27 4.82 -6.45
O5' DGT I . -27.92 4.80 -8.89
C5' DGT I . -28.68 5.18 -10.03
C4' DGT I . -29.26 3.97 -10.77
O4' DGT I . -28.44 2.77 -10.61
C3' DGT I . -30.62 3.56 -10.19
O3' DGT I . -31.67 4.41 -10.65
C2' DGT I . -30.74 2.14 -10.80
C1' DGT I . -29.30 1.62 -10.65
N9 DGT I . -29.18 0.80 -9.45
C8 DGT I . -28.53 1.11 -8.29
N7 DGT I . -28.64 0.13 -7.45
C5 DGT I . -29.37 -0.87 -8.01
C6 DGT I . -29.80 -2.14 -7.58
O6 DGT I . -29.52 -2.57 -6.47
N1 DGT I . -30.52 -2.90 -8.44
C2 DGT I . -30.83 -2.43 -9.68
N2 DGT I . -31.57 -3.22 -10.52
N3 DGT I . -30.44 -1.25 -10.09
C4 DGT I . -29.72 -0.45 -9.29
H5' DGT I . -28.11 5.68 -10.64
H5'A DGT I . -29.41 5.75 -9.76
H4' DGT I . -29.35 4.18 -11.71
H3' DGT I . -30.60 3.52 -9.21
HO3' DGT I . -32.38 4.35 -10.21
H2' DGT I . -31.00 2.19 -11.73
H2'A DGT I . -31.36 1.60 -10.29
H1' DGT I . -29.07 1.09 -11.43
H8 DGT I . -28.08 1.91 -8.12
HN2 DGT I . -31.84 -4.00 -10.26
HN2A DGT I . -31.77 -2.94 -11.30
H16 DGT I . -30.80 -3.68 -8.19
MG MG J . -28.68 8.88 -8.00
FE1 SF4 K . 1.69 -31.59 -37.54
FE2 SF4 K . -0.30 -30.65 -39.16
FE3 SF4 K . 2.29 -30.69 -40.04
FE4 SF4 K . 1.55 -28.91 -38.10
S1 SF4 K . 0.81 -28.98 -40.25
S2 SF4 K . 3.41 -30.22 -38.11
S3 SF4 K . 0.01 -30.16 -36.95
S4 SF4 K . 1.00 -32.49 -39.51
ZN ZN L . 18.87 -52.10 44.87
MG MG M . -9.91 -12.54 -23.63
#